data_8Q2G
# 
_entry.id   8Q2G 
# 
_audit_conform.dict_name       mmcif_pdbx.dic 
_audit_conform.dict_version    5.395 
_audit_conform.dict_location   http://mmcif.pdb.org/dictionaries/ascii/mmcif_pdbx.dic 
# 
loop_
_database_2.database_id 
_database_2.database_code 
_database_2.pdbx_database_accession 
_database_2.pdbx_DOI 
PDB   8Q2G         pdb_00008q2g 10.2210/pdb8q2g/pdb 
WWPDB D_1292132151 ?            ?                   
# 
loop_
_pdbx_audit_revision_history.ordinal 
_pdbx_audit_revision_history.data_content_type 
_pdbx_audit_revision_history.major_revision 
_pdbx_audit_revision_history.minor_revision 
_pdbx_audit_revision_history.revision_date 
1 'Structure model' 1 0 2024-07-31 
2 'Structure model' 1 1 2024-08-07 
# 
_pdbx_audit_revision_details.ordinal             1 
_pdbx_audit_revision_details.revision_ordinal    1 
_pdbx_audit_revision_details.data_content_type   'Structure model' 
_pdbx_audit_revision_details.provider            repository 
_pdbx_audit_revision_details.type                'Initial release' 
_pdbx_audit_revision_details.description         ? 
_pdbx_audit_revision_details.details             ? 
# 
_pdbx_audit_revision_group.ordinal             1 
_pdbx_audit_revision_group.revision_ordinal    2 
_pdbx_audit_revision_group.data_content_type   'Structure model' 
_pdbx_audit_revision_group.group               'Database references' 
# 
_pdbx_audit_revision_category.ordinal             1 
_pdbx_audit_revision_category.revision_ordinal    2 
_pdbx_audit_revision_category.data_content_type   'Structure model' 
_pdbx_audit_revision_category.category            citation 
# 
loop_
_pdbx_audit_revision_item.ordinal 
_pdbx_audit_revision_item.revision_ordinal 
_pdbx_audit_revision_item.data_content_type 
_pdbx_audit_revision_item.item 
1 2 'Structure model' '_citation.page_last'               
2 2 'Structure model' '_citation.pdbx_database_id_PubMed' 
3 2 'Structure model' '_citation.title'                   
# 
_pdbx_database_status.status_code                     REL 
_pdbx_database_status.status_code_sf                  REL 
_pdbx_database_status.status_code_mr                  ? 
_pdbx_database_status.entry_id                        8Q2G 
_pdbx_database_status.recvd_initial_deposition_date   2023-08-02 
_pdbx_database_status.SG_entry                        N 
_pdbx_database_status.deposit_site                    PDBE 
_pdbx_database_status.process_site                    PDBE 
_pdbx_database_status.status_code_cs                  ? 
_pdbx_database_status.status_code_nmr_data            ? 
_pdbx_database_status.methods_development_category    ? 
_pdbx_database_status.pdb_format_compatible           Y 
# 
_pdbx_contact_author.id                 2 
_pdbx_contact_author.email              d.v.vasina@gamaleya.org 
_pdbx_contact_author.name_first         Daria 
_pdbx_contact_author.name_last          Vasina 
_pdbx_contact_author.name_mi            V. 
_pdbx_contact_author.role               'principal investigator/group leader' 
_pdbx_contact_author.identifier_ORCID   0000-0003-1965-0700 
# 
loop_
_audit_author.name 
_audit_author.pdbx_ordinal 
_audit_author.identifier_ORCID 
'Prudnikova, T.' 1 ?                   
'Grinkevich, P.' 2 ?                   
'Vasina, D.V.'   3 0000-0003-1965-0700 
# 
_citation.abstract                  ? 
_citation.abstract_id_CAS           ? 
_citation.book_id_ISBN              ? 
_citation.book_publisher            ? 
_citation.book_publisher_city       ? 
_citation.book_title                ? 
_citation.coordinate_linkage        ? 
_citation.country                   NE 
_citation.database_id_Medline       ? 
_citation.details                   ? 
_citation.id                        primary 
_citation.journal_abbrev            J.Biomed.Sci. 
_citation.journal_id_ASTM           ? 
_citation.journal_id_CSD            ? 
_citation.journal_id_ISSN           1423-0127 
_citation.journal_full              ? 
_citation.journal_issue             ? 
_citation.journal_volume            31 
_citation.language                  ? 
_citation.page_first                75 
_citation.page_last                 75 
_citation.title                     
'Development of novel antimicrobials with engineered endolysin LysECD7-SMAP to combat Gram-negative bacterial infections.' 
_citation.year                      2024 
_citation.database_id_CSD           ? 
_citation.pdbx_database_id_DOI      10.1186/s12929-024-01065-y 
_citation.pdbx_database_id_PubMed   39044206 
_citation.pdbx_database_id_patent   ? 
_citation.unpublished_flag          ? 
# 
loop_
_citation_author.citation_id 
_citation_author.name 
_citation_author.ordinal 
_citation_author.identifier_ORCID 
primary 'Vasina, D.V.'       1  ? 
primary 'Antonova, N.P.'     2  ? 
primary 'Gushchin, V.A.'     3  ? 
primary 'Aleshkin, A.V.'     4  ? 
primary 'Fursov, M.V.'       5  ? 
primary 'Fursova, A.D.'      6  ? 
primary 'Gancheva, P.G.'     7  ? 
primary 'Grigoriev, I.V.'    8  ? 
primary 'Grinkevich, P.'     9  ? 
primary 'Kondratev, A.V.'    10 ? 
primary 'Kostarnoy, A.V.'    11 ? 
primary 'Lendel, A.M.'       12 ? 
primary 'Makarov, V.V.'      13 ? 
primary 'Nikiforova, M.A.'   14 ? 
primary 'Pochtovyi, A.A.'    15 ? 
primary 'Prudnikova, T.'     16 ? 
primary 'Remizov, T.A.'      17 ? 
primary 'Shevlyagina, N.V.'  18 ? 
primary 'Siniavin, A.E.'     19 ? 
primary 'Smirnova, N.S.'     20 ? 
primary 'Terechov, A.A.'     21 ? 
primary 'Tkachuk, A.P.'      22 ? 
primary 'Usachev, E.V.'      23 ? 
primary 'Vorobev, A.M.'      24 ? 
primary 'Yakimakha, V.S.'    25 ? 
primary 'Yudin, S.M.'        26 ? 
primary 'Zackharova, A.A.'   27 ? 
primary 'Zhukhovitsky, V.G.' 28 ? 
primary 'Logunov, D.Y.'      29 ? 
primary 'Gintsburg, A.L.'    30 ? 
# 
loop_
_entity.id 
_entity.type 
_entity.src_method 
_entity.pdbx_description 
_entity.formula_weight 
_entity.pdbx_number_of_molecules 
_entity.pdbx_ec 
_entity.pdbx_mutation 
_entity.pdbx_fragment 
_entity.details 
1 polymer man 'Peptidoglycan L-alanyl-D-glutamate endopeptidase' 16117.479 1  ? ? ? ? 
2 water   nat water                                              18.015    46 ? ? ? ? 
# 
_entity_poly.entity_id                      1 
_entity_poly.type                           'polypeptide(L)' 
_entity_poly.nstd_linkage                   no 
_entity_poly.nstd_monomer                   no 
_entity_poly.pdbx_seq_one_letter_code       
;MFKLSQRSKDRLVGVHPDLVKVVHRALELTPVDFGITEGVRSLETQKKYVAEGKSKTMKSRHLHGLAVDVVAYPKDKDTW
NMKYYRMIADAFKQAGRELGVSVEWGGDWVSFKDGVHFQLPHSKYPDPKLEHHHHHHHH
;
_entity_poly.pdbx_seq_one_letter_code_can   
;MFKLSQRSKDRLVGVHPDLVKVVHRALELTPVDFGITEGVRSLETQKKYVAEGKSKTMKSRHLHGLAVDVVAYPKDKDTW
NMKYYRMIADAFKQAGRELGVSVEWGGDWVSFKDGVHFQLPHSKYPDPKLEHHHHHHHH
;
_entity_poly.pdbx_strand_id                 A 
_entity_poly.pdbx_target_identifier         ? 
# 
_pdbx_entity_nonpoly.entity_id   2 
_pdbx_entity_nonpoly.name        water 
_pdbx_entity_nonpoly.comp_id     HOH 
# 
loop_
_entity_poly_seq.entity_id 
_entity_poly_seq.num 
_entity_poly_seq.mon_id 
_entity_poly_seq.hetero 
1 1   MET n 
1 2   PHE n 
1 3   LYS n 
1 4   LEU n 
1 5   SER n 
1 6   GLN n 
1 7   ARG n 
1 8   SER n 
1 9   LYS n 
1 10  ASP n 
1 11  ARG n 
1 12  LEU n 
1 13  VAL n 
1 14  GLY n 
1 15  VAL n 
1 16  HIS n 
1 17  PRO n 
1 18  ASP n 
1 19  LEU n 
1 20  VAL n 
1 21  LYS n 
1 22  VAL n 
1 23  VAL n 
1 24  HIS n 
1 25  ARG n 
1 26  ALA n 
1 27  LEU n 
1 28  GLU n 
1 29  LEU n 
1 30  THR n 
1 31  PRO n 
1 32  VAL n 
1 33  ASP n 
1 34  PHE n 
1 35  GLY n 
1 36  ILE n 
1 37  THR n 
1 38  GLU n 
1 39  GLY n 
1 40  VAL n 
1 41  ARG n 
1 42  SER n 
1 43  LEU n 
1 44  GLU n 
1 45  THR n 
1 46  GLN n 
1 47  LYS n 
1 48  LYS n 
1 49  TYR n 
1 50  VAL n 
1 51  ALA n 
1 52  GLU n 
1 53  GLY n 
1 54  LYS n 
1 55  SER n 
1 56  LYS n 
1 57  THR n 
1 58  MET n 
1 59  LYS n 
1 60  SER n 
1 61  ARG n 
1 62  HIS n 
1 63  LEU n 
1 64  HIS n 
1 65  GLY n 
1 66  LEU n 
1 67  ALA n 
1 68  VAL n 
1 69  ASP n 
1 70  VAL n 
1 71  VAL n 
1 72  ALA n 
1 73  TYR n 
1 74  PRO n 
1 75  LYS n 
1 76  ASP n 
1 77  LYS n 
1 78  ASP n 
1 79  THR n 
1 80  TRP n 
1 81  ASN n 
1 82  MET n 
1 83  LYS n 
1 84  TYR n 
1 85  TYR n 
1 86  ARG n 
1 87  MET n 
1 88  ILE n 
1 89  ALA n 
1 90  ASP n 
1 91  ALA n 
1 92  PHE n 
1 93  LYS n 
1 94  GLN n 
1 95  ALA n 
1 96  GLY n 
1 97  ARG n 
1 98  GLU n 
1 99  LEU n 
1 100 GLY n 
1 101 VAL n 
1 102 SER n 
1 103 VAL n 
1 104 GLU n 
1 105 TRP n 
1 106 GLY n 
1 107 GLY n 
1 108 ASP n 
1 109 TRP n 
1 110 VAL n 
1 111 SER n 
1 112 PHE n 
1 113 LYS n 
1 114 ASP n 
1 115 GLY n 
1 116 VAL n 
1 117 HIS n 
1 118 PHE n 
1 119 GLN n 
1 120 LEU n 
1 121 PRO n 
1 122 HIS n 
1 123 SER n 
1 124 LYS n 
1 125 TYR n 
1 126 PRO n 
1 127 ASP n 
1 128 PRO n 
1 129 LYS n 
1 130 LEU n 
1 131 GLU n 
1 132 HIS n 
1 133 HIS n 
1 134 HIS n 
1 135 HIS n 
1 136 HIS n 
1 137 HIS n 
1 138 HIS n 
1 139 HIS n 
# 
_entity_src_gen.entity_id                          1 
_entity_src_gen.pdbx_src_id                        1 
_entity_src_gen.pdbx_alt_source_flag               sample 
_entity_src_gen.pdbx_seq_type                      'Biological sequence' 
_entity_src_gen.pdbx_beg_seq_num                   1 
_entity_src_gen.pdbx_end_seq_num                   139 
_entity_src_gen.gene_src_common_name               ? 
_entity_src_gen.gene_src_genus                     ? 
_entity_src_gen.pdbx_gene_src_gene                 cwlK 
_entity_src_gen.gene_src_species                   ? 
_entity_src_gen.gene_src_strain                    ? 
_entity_src_gen.gene_src_tissue                    ? 
_entity_src_gen.gene_src_tissue_fraction           ? 
_entity_src_gen.gene_src_details                   ? 
_entity_src_gen.pdbx_gene_src_fragment             ? 
_entity_src_gen.pdbx_gene_src_scientific_name      'Escherichia phage ECD7' 
_entity_src_gen.pdbx_gene_src_ncbi_taxonomy_id     1981499 
_entity_src_gen.pdbx_gene_src_variant              ? 
_entity_src_gen.pdbx_gene_src_cell_line            ? 
_entity_src_gen.pdbx_gene_src_atcc                 ? 
_entity_src_gen.pdbx_gene_src_organ                ? 
_entity_src_gen.pdbx_gene_src_organelle            ? 
_entity_src_gen.pdbx_gene_src_cell                 ? 
_entity_src_gen.pdbx_gene_src_cellular_location    ? 
_entity_src_gen.host_org_common_name               ? 
_entity_src_gen.pdbx_host_org_scientific_name      'Escherichia coli BL21(DE3)' 
_entity_src_gen.pdbx_host_org_ncbi_taxonomy_id     469008 
_entity_src_gen.host_org_genus                     ? 
_entity_src_gen.pdbx_host_org_gene                 ? 
_entity_src_gen.pdbx_host_org_organ                ? 
_entity_src_gen.host_org_species                   ? 
_entity_src_gen.pdbx_host_org_tissue               ? 
_entity_src_gen.pdbx_host_org_tissue_fraction      ? 
_entity_src_gen.pdbx_host_org_strain               ? 
_entity_src_gen.pdbx_host_org_variant              ? 
_entity_src_gen.pdbx_host_org_cell_line            ? 
_entity_src_gen.pdbx_host_org_atcc                 ? 
_entity_src_gen.pdbx_host_org_culture_collection   ? 
_entity_src_gen.pdbx_host_org_cell                 ? 
_entity_src_gen.pdbx_host_org_organelle            ? 
_entity_src_gen.pdbx_host_org_cellular_location    ? 
_entity_src_gen.pdbx_host_org_vector_type          Plasmid 
_entity_src_gen.pdbx_host_org_vector               ? 
_entity_src_gen.host_org_details                   ? 
_entity_src_gen.expression_system_id               ? 
_entity_src_gen.plasmid_name                       pET42b 
_entity_src_gen.plasmid_details                    ? 
_entity_src_gen.pdbx_description                   ? 
# 
loop_
_chem_comp.id 
_chem_comp.type 
_chem_comp.mon_nstd_flag 
_chem_comp.name 
_chem_comp.pdbx_synonyms 
_chem_comp.formula 
_chem_comp.formula_weight 
ALA 'L-peptide linking' y ALANINE         ? 'C3 H7 N O2'     89.093  
ARG 'L-peptide linking' y ARGININE        ? 'C6 H15 N4 O2 1' 175.209 
ASN 'L-peptide linking' y ASPARAGINE      ? 'C4 H8 N2 O3'    132.118 
ASP 'L-peptide linking' y 'ASPARTIC ACID' ? 'C4 H7 N O4'     133.103 
GLN 'L-peptide linking' y GLUTAMINE       ? 'C5 H10 N2 O3'   146.144 
GLU 'L-peptide linking' y 'GLUTAMIC ACID' ? 'C5 H9 N O4'     147.129 
GLY 'peptide linking'   y GLYCINE         ? 'C2 H5 N O2'     75.067  
HIS 'L-peptide linking' y HISTIDINE       ? 'C6 H10 N3 O2 1' 156.162 
HOH non-polymer         . WATER           ? 'H2 O'           18.015  
ILE 'L-peptide linking' y ISOLEUCINE      ? 'C6 H13 N O2'    131.173 
LEU 'L-peptide linking' y LEUCINE         ? 'C6 H13 N O2'    131.173 
LYS 'L-peptide linking' y LYSINE          ? 'C6 H15 N2 O2 1' 147.195 
MET 'L-peptide linking' y METHIONINE      ? 'C5 H11 N O2 S'  149.211 
PHE 'L-peptide linking' y PHENYLALANINE   ? 'C9 H11 N O2'    165.189 
PRO 'L-peptide linking' y PROLINE         ? 'C5 H9 N O2'     115.130 
SER 'L-peptide linking' y SERINE          ? 'C3 H7 N O3'     105.093 
THR 'L-peptide linking' y THREONINE       ? 'C4 H9 N O3'     119.119 
TRP 'L-peptide linking' y TRYPTOPHAN      ? 'C11 H12 N2 O2'  204.225 
TYR 'L-peptide linking' y TYROSINE        ? 'C9 H11 N O3'    181.189 
VAL 'L-peptide linking' y VALINE          ? 'C5 H11 N O2'    117.146 
# 
loop_
_pdbx_poly_seq_scheme.asym_id 
_pdbx_poly_seq_scheme.entity_id 
_pdbx_poly_seq_scheme.seq_id 
_pdbx_poly_seq_scheme.mon_id 
_pdbx_poly_seq_scheme.ndb_seq_num 
_pdbx_poly_seq_scheme.pdb_seq_num 
_pdbx_poly_seq_scheme.auth_seq_num 
_pdbx_poly_seq_scheme.pdb_mon_id 
_pdbx_poly_seq_scheme.auth_mon_id 
_pdbx_poly_seq_scheme.pdb_strand_id 
_pdbx_poly_seq_scheme.pdb_ins_code 
_pdbx_poly_seq_scheme.hetero 
A 1 1   MET 1   -2  ?   ?   ?   A . n 
A 1 2   PHE 2   -1  ?   ?   ?   A . n 
A 1 3   LYS 3   0   ?   ?   ?   A . n 
A 1 4   LEU 4   1   1   LEU LEU A . n 
A 1 5   SER 5   2   2   SER SER A . n 
A 1 6   GLN 6   3   3   GLN GLN A . n 
A 1 7   ARG 7   4   4   ARG ARG A . n 
A 1 8   SER 8   5   5   SER SER A . n 
A 1 9   LYS 9   6   6   LYS LYS A . n 
A 1 10  ASP 10  7   7   ASP ASP A . n 
A 1 11  ARG 11  8   8   ARG ARG A . n 
A 1 12  LEU 12  9   9   LEU LEU A . n 
A 1 13  VAL 13  10  10  VAL VAL A . n 
A 1 14  GLY 14  11  11  GLY GLY A . n 
A 1 15  VAL 15  12  12  VAL VAL A . n 
A 1 16  HIS 16  13  13  HIS HIS A . n 
A 1 17  PRO 17  14  14  PRO PRO A . n 
A 1 18  ASP 18  15  15  ASP ASP A . n 
A 1 19  LEU 19  16  16  LEU LEU A . n 
A 1 20  VAL 20  17  17  VAL VAL A . n 
A 1 21  LYS 21  18  18  LYS LYS A . n 
A 1 22  VAL 22  19  19  VAL VAL A . n 
A 1 23  VAL 23  20  20  VAL VAL A . n 
A 1 24  HIS 24  21  21  HIS HIS A . n 
A 1 25  ARG 25  22  22  ARG ARG A . n 
A 1 26  ALA 26  23  23  ALA ALA A . n 
A 1 27  LEU 27  24  24  LEU LEU A . n 
A 1 28  GLU 28  25  25  GLU GLU A . n 
A 1 29  LEU 29  26  26  LEU LEU A . n 
A 1 30  THR 30  27  27  THR THR A . n 
A 1 31  PRO 31  28  28  PRO PRO A . n 
A 1 32  VAL 32  29  29  VAL VAL A . n 
A 1 33  ASP 33  30  30  ASP ASP A . n 
A 1 34  PHE 34  31  31  PHE PHE A . n 
A 1 35  GLY 35  32  32  GLY GLY A . n 
A 1 36  ILE 36  33  33  ILE ILE A . n 
A 1 37  THR 37  34  34  THR THR A . n 
A 1 38  GLU 38  35  35  GLU GLU A . n 
A 1 39  GLY 39  36  36  GLY GLY A . n 
A 1 40  VAL 40  37  37  VAL VAL A . n 
A 1 41  ARG 41  38  38  ARG ARG A . n 
A 1 42  SER 42  39  39  SER SER A . n 
A 1 43  LEU 43  40  40  LEU LEU A . n 
A 1 44  GLU 44  41  41  GLU GLU A . n 
A 1 45  THR 45  42  42  THR THR A . n 
A 1 46  GLN 46  43  43  GLN GLN A . n 
A 1 47  LYS 47  44  44  LYS LYS A . n 
A 1 48  LYS 48  45  45  LYS LYS A . n 
A 1 49  TYR 49  46  46  TYR TYR A . n 
A 1 50  VAL 50  47  47  VAL VAL A . n 
A 1 51  ALA 51  48  48  ALA ALA A . n 
A 1 52  GLU 52  49  49  GLU GLU A . n 
A 1 53  GLY 53  50  50  GLY GLY A . n 
A 1 54  LYS 54  51  51  LYS LYS A . n 
A 1 55  SER 55  52  52  SER SER A . n 
A 1 56  LYS 56  53  53  LYS LYS A . n 
A 1 57  THR 57  54  54  THR THR A . n 
A 1 58  MET 58  55  55  MET MET A . n 
A 1 59  LYS 59  56  56  LYS LYS A . n 
A 1 60  SER 60  57  57  SER SER A . n 
A 1 61  ARG 61  58  58  ARG ARG A . n 
A 1 62  HIS 62  59  59  HIS HIS A . n 
A 1 63  LEU 63  60  60  LEU LEU A . n 
A 1 64  HIS 64  61  61  HIS HIS A . n 
A 1 65  GLY 65  62  62  GLY GLY A . n 
A 1 66  LEU 66  63  63  LEU LEU A . n 
A 1 67  ALA 67  64  64  ALA ALA A . n 
A 1 68  VAL 68  65  65  VAL VAL A . n 
A 1 69  ASP 69  66  66  ASP ASP A . n 
A 1 70  VAL 70  67  67  VAL VAL A . n 
A 1 71  VAL 71  68  68  VAL VAL A . n 
A 1 72  ALA 72  69  69  ALA ALA A . n 
A 1 73  TYR 73  70  70  TYR TYR A . n 
A 1 74  PRO 74  71  71  PRO PRO A . n 
A 1 75  LYS 75  72  72  LYS LYS A . n 
A 1 76  ASP 76  73  73  ASP ASP A . n 
A 1 77  LYS 77  74  74  LYS LYS A . n 
A 1 78  ASP 78  75  75  ASP ASP A . n 
A 1 79  THR 79  76  76  THR THR A . n 
A 1 80  TRP 80  77  77  TRP TRP A . n 
A 1 81  ASN 81  78  78  ASN ASN A . n 
A 1 82  MET 82  79  79  MET MET A . n 
A 1 83  LYS 83  80  80  LYS LYS A . n 
A 1 84  TYR 84  81  81  TYR TYR A . n 
A 1 85  TYR 85  82  82  TYR TYR A . n 
A 1 86  ARG 86  83  83  ARG ARG A . n 
A 1 87  MET 87  84  84  MET MET A . n 
A 1 88  ILE 88  85  85  ILE ILE A . n 
A 1 89  ALA 89  86  86  ALA ALA A . n 
A 1 90  ASP 90  87  87  ASP ASP A . n 
A 1 91  ALA 91  88  88  ALA ALA A . n 
A 1 92  PHE 92  89  89  PHE PHE A . n 
A 1 93  LYS 93  90  90  LYS LYS A . n 
A 1 94  GLN 94  91  91  GLN GLN A . n 
A 1 95  ALA 95  92  92  ALA ALA A . n 
A 1 96  GLY 96  93  93  GLY GLY A . n 
A 1 97  ARG 97  94  94  ARG ARG A . n 
A 1 98  GLU 98  95  95  GLU GLU A . n 
A 1 99  LEU 99  96  96  LEU LEU A . n 
A 1 100 GLY 100 97  97  GLY GLY A . n 
A 1 101 VAL 101 98  98  VAL VAL A . n 
A 1 102 SER 102 99  99  SER SER A . n 
A 1 103 VAL 103 100 100 VAL VAL A . n 
A 1 104 GLU 104 101 101 GLU GLU A . n 
A 1 105 TRP 105 102 102 TRP TRP A . n 
A 1 106 GLY 106 103 103 GLY GLY A . n 
A 1 107 GLY 107 104 104 GLY GLY A . n 
A 1 108 ASP 108 104 ?   ?   ?   A A n 
A 1 109 TRP 109 105 105 TRP TRP A . n 
A 1 110 VAL 110 106 106 VAL VAL A . n 
A 1 111 SER 111 107 107 SER SER A . n 
A 1 112 PHE 112 108 108 PHE PHE A . n 
A 1 113 LYS 113 109 109 LYS LYS A . n 
A 1 114 ASP 114 110 110 ASP ASP A . n 
A 1 115 GLY 115 111 111 GLY GLY A . n 
A 1 116 VAL 116 112 112 VAL VAL A . n 
A 1 117 HIS 117 113 113 HIS HIS A . n 
A 1 118 PHE 118 114 114 PHE PHE A . n 
A 1 119 GLN 119 115 115 GLN GLN A . n 
A 1 120 LEU 120 116 116 LEU LEU A . n 
A 1 121 PRO 121 117 117 PRO PRO A . n 
A 1 122 HIS 122 118 118 HIS HIS A . n 
A 1 123 SER 123 119 119 SER SER A . n 
A 1 124 LYS 124 120 120 LYS LYS A . n 
A 1 125 TYR 125 121 121 TYR TYR A . n 
A 1 126 PRO 126 122 122 PRO PRO A . n 
A 1 127 ASP 127 123 123 ASP ASP A . n 
A 1 128 PRO 128 124 124 PRO PRO A . n 
A 1 129 LYS 129 125 125 LYS LYS A . n 
A 1 130 LEU 130 126 ?   ?   ?   A . n 
A 1 131 GLU 131 127 ?   ?   ?   A . n 
A 1 132 HIS 132 128 ?   ?   ?   A . n 
A 1 133 HIS 133 129 ?   ?   ?   A . n 
A 1 134 HIS 134 130 ?   ?   ?   A . n 
A 1 135 HIS 135 131 ?   ?   ?   A . n 
A 1 136 HIS 136 132 ?   ?   ?   A . n 
A 1 137 HIS 137 133 ?   ?   ?   A . n 
A 1 138 HIS 138 134 ?   ?   ?   A . n 
A 1 139 HIS 139 135 ?   ?   ?   A . n 
# 
loop_
_pdbx_nonpoly_scheme.asym_id 
_pdbx_nonpoly_scheme.entity_id 
_pdbx_nonpoly_scheme.mon_id 
_pdbx_nonpoly_scheme.ndb_seq_num 
_pdbx_nonpoly_scheme.pdb_seq_num 
_pdbx_nonpoly_scheme.auth_seq_num 
_pdbx_nonpoly_scheme.pdb_mon_id 
_pdbx_nonpoly_scheme.auth_mon_id 
_pdbx_nonpoly_scheme.pdb_strand_id 
_pdbx_nonpoly_scheme.pdb_ins_code 
B 2 HOH 1  201 1  HOH HOH A . 
B 2 HOH 2  202 9  HOH HOH A . 
B 2 HOH 3  203 25 HOH HOH A . 
B 2 HOH 4  204 7  HOH HOH A . 
B 2 HOH 5  205 39 HOH HOH A . 
B 2 HOH 6  206 35 HOH HOH A . 
B 2 HOH 7  207 47 HOH HOH A . 
B 2 HOH 8  208 44 HOH HOH A . 
B 2 HOH 9  209 24 HOH HOH A . 
B 2 HOH 10 210 22 HOH HOH A . 
B 2 HOH 11 211 27 HOH HOH A . 
B 2 HOH 12 212 29 HOH HOH A . 
B 2 HOH 13 213 8  HOH HOH A . 
B 2 HOH 14 214 31 HOH HOH A . 
B 2 HOH 15 215 15 HOH HOH A . 
B 2 HOH 16 216 43 HOH HOH A . 
B 2 HOH 17 217 36 HOH HOH A . 
B 2 HOH 18 218 16 HOH HOH A . 
B 2 HOH 19 219 41 HOH HOH A . 
B 2 HOH 20 220 4  HOH HOH A . 
B 2 HOH 21 221 2  HOH HOH A . 
B 2 HOH 22 222 3  HOH HOH A . 
B 2 HOH 23 223 6  HOH HOH A . 
B 2 HOH 24 224 32 HOH HOH A . 
B 2 HOH 25 225 30 HOH HOH A . 
B 2 HOH 26 226 10 HOH HOH A . 
B 2 HOH 27 227 42 HOH HOH A . 
B 2 HOH 28 228 12 HOH HOH A . 
B 2 HOH 29 229 13 HOH HOH A . 
B 2 HOH 30 230 38 HOH HOH A . 
B 2 HOH 31 231 19 HOH HOH A . 
B 2 HOH 32 232 18 HOH HOH A . 
B 2 HOH 33 233 14 HOH HOH A . 
B 2 HOH 34 234 17 HOH HOH A . 
B 2 HOH 35 235 11 HOH HOH A . 
B 2 HOH 36 236 20 HOH HOH A . 
B 2 HOH 37 237 28 HOH HOH A . 
B 2 HOH 38 238 37 HOH HOH A . 
B 2 HOH 39 239 26 HOH HOH A . 
B 2 HOH 40 240 45 HOH HOH A . 
B 2 HOH 41 241 46 HOH HOH A . 
B 2 HOH 42 242 34 HOH HOH A . 
B 2 HOH 43 243 33 HOH HOH A . 
B 2 HOH 44 244 21 HOH HOH A . 
B 2 HOH 45 245 40 HOH HOH A . 
B 2 HOH 46 246 23 HOH HOH A . 
# 
loop_
_software.citation_id 
_software.classification 
_software.compiler_name 
_software.compiler_version 
_software.contact_author 
_software.contact_author_email 
_software.date 
_software.description 
_software.dependencies 
_software.hardware 
_software.language 
_software.location 
_software.mods 
_software.name 
_software.os 
_software.os_version 
_software.type 
_software.version 
_software.pdbx_ordinal 
? refinement       ? ? ? ? ? ? ? ? ? ? ? REFMAC     ? ? ? 5.8.0267 1 
? 'data reduction' ? ? ? ? ? ? ? ? ? ? ? XDS        ? ? ? .        2 
? 'data scaling'   ? ? ? ? ? ? ? ? ? ? ? XDS        ? ? ? .        3 
? phasing          ? ? ? ? ? ? ? ? ? ? ? Arcimboldo ? ? ? .        4 
# 
_cell.angle_alpha                  90.000 
_cell.angle_alpha_esd              ? 
_cell.angle_beta                   90.000 
_cell.angle_beta_esd               ? 
_cell.angle_gamma                  90.000 
_cell.angle_gamma_esd              ? 
_cell.entry_id                     8Q2G 
_cell.details                      ? 
_cell.formula_units_Z              ? 
_cell.length_a                     75.568 
_cell.length_a_esd                 ? 
_cell.length_b                     82.334 
_cell.length_b_esd                 ? 
_cell.length_c                     64.604 
_cell.length_c_esd                 ? 
_cell.volume                       ? 
_cell.volume_esd                   ? 
_cell.Z_PDB                        8 
_cell.reciprocal_angle_alpha       ? 
_cell.reciprocal_angle_beta        ? 
_cell.reciprocal_angle_gamma       ? 
_cell.reciprocal_angle_alpha_esd   ? 
_cell.reciprocal_angle_beta_esd    ? 
_cell.reciprocal_angle_gamma_esd   ? 
_cell.reciprocal_length_a          ? 
_cell.reciprocal_length_b          ? 
_cell.reciprocal_length_c          ? 
_cell.reciprocal_length_a_esd      ? 
_cell.reciprocal_length_b_esd      ? 
_cell.reciprocal_length_c_esd      ? 
_cell.pdbx_unique_axis             ? 
_cell.pdbx_esd_method              ? 
# 
_symmetry.entry_id                         8Q2G 
_symmetry.cell_setting                     ? 
_symmetry.Int_Tables_number                21 
_symmetry.space_group_name_Hall            ? 
_symmetry.space_group_name_H-M             'C 2 2 2' 
_symmetry.pdbx_full_space_group_name_H-M   ? 
# 
_exptl.absorpt_coefficient_mu     ? 
_exptl.absorpt_correction_T_max   ? 
_exptl.absorpt_correction_T_min   ? 
_exptl.absorpt_correction_type    ? 
_exptl.absorpt_process_details    ? 
_exptl.entry_id                   8Q2G 
_exptl.crystals_number            1 
_exptl.details                    ? 
_exptl.method                     'X-RAY DIFFRACTION' 
_exptl.method_details             ? 
# 
_exptl_crystal.colour                       ? 
_exptl_crystal.density_diffrn               ? 
_exptl_crystal.density_Matthews             3.54 
_exptl_crystal.density_method               ? 
_exptl_crystal.density_percent_sol          65.30 
_exptl_crystal.description                  ? 
_exptl_crystal.F_000                        ? 
_exptl_crystal.id                           1 
_exptl_crystal.preparation                  ? 
_exptl_crystal.size_max                     ? 
_exptl_crystal.size_mid                     ? 
_exptl_crystal.size_min                     ? 
_exptl_crystal.size_rad                     ? 
_exptl_crystal.colour_lustre                ? 
_exptl_crystal.colour_modifier              ? 
_exptl_crystal.colour_primary               ? 
_exptl_crystal.density_meas                 ? 
_exptl_crystal.density_meas_esd             ? 
_exptl_crystal.density_meas_gt              ? 
_exptl_crystal.density_meas_lt              ? 
_exptl_crystal.density_meas_temp            ? 
_exptl_crystal.density_meas_temp_esd        ? 
_exptl_crystal.density_meas_temp_gt         ? 
_exptl_crystal.density_meas_temp_lt         ? 
_exptl_crystal.pdbx_crystal_image_url       ? 
_exptl_crystal.pdbx_crystal_image_format    ? 
_exptl_crystal.pdbx_mosaicity               ? 
_exptl_crystal.pdbx_mosaicity_esd           ? 
_exptl_crystal.pdbx_mosaic_method           ? 
_exptl_crystal.pdbx_mosaic_block_size       ? 
_exptl_crystal.pdbx_mosaic_block_size_esd   ? 
# 
_exptl_crystal_grow.apparatus       ? 
_exptl_crystal_grow.atmosphere      ? 
_exptl_crystal_grow.crystal_id      1 
_exptl_crystal_grow.details         ? 
_exptl_crystal_grow.method          'VAPOR DIFFUSION, SITTING DROP' 
_exptl_crystal_grow.method_ref      ? 
_exptl_crystal_grow.pH              6.0 
_exptl_crystal_grow.pressure        ? 
_exptl_crystal_grow.pressure_esd    ? 
_exptl_crystal_grow.seeding         ? 
_exptl_crystal_grow.seeding_ref     ? 
_exptl_crystal_grow.temp_details    ? 
_exptl_crystal_grow.temp_esd        ? 
_exptl_crystal_grow.time            ? 
_exptl_crystal_grow.pdbx_details    '0.2 M Ammonium sulfate, 20% w/v Polyethylene glycol 3,350 pH 6.0' 
_exptl_crystal_grow.pdbx_pH_range   ? 
_exptl_crystal_grow.temp            293 
# 
_diffrn.ambient_environment              ? 
_diffrn.ambient_temp                     100 
_diffrn.ambient_temp_details             ? 
_diffrn.ambient_temp_esd                 ? 
_diffrn.crystal_id                       1 
_diffrn.crystal_support                  ? 
_diffrn.crystal_treatment                ? 
_diffrn.details                          ? 
_diffrn.id                               1 
_diffrn.ambient_pressure                 ? 
_diffrn.ambient_pressure_esd             ? 
_diffrn.ambient_pressure_gt              ? 
_diffrn.ambient_pressure_lt              ? 
_diffrn.ambient_temp_gt                  ? 
_diffrn.ambient_temp_lt                  ? 
_diffrn.pdbx_serial_crystal_experiment   N 
# 
_diffrn_detector.details                      ? 
_diffrn_detector.detector                     PIXEL 
_diffrn_detector.diffrn_id                    1 
_diffrn_detector.type                         'DECTRIS PILATUS 2M' 
_diffrn_detector.area_resol_mean              ? 
_diffrn_detector.dtime                        ? 
_diffrn_detector.pdbx_frames_total            ? 
_diffrn_detector.pdbx_collection_time_total   ? 
_diffrn_detector.pdbx_collection_date         2020-01-20 
_diffrn_detector.pdbx_frequency               ? 
_diffrn_detector.id                           ? 
_diffrn_detector.number_of_axes               ? 
# 
_diffrn_radiation.collimation                      ? 
_diffrn_radiation.diffrn_id                        1 
_diffrn_radiation.filter_edge                      ? 
_diffrn_radiation.inhomogeneity                    ? 
_diffrn_radiation.monochromator                    ? 
_diffrn_radiation.polarisn_norm                    ? 
_diffrn_radiation.polarisn_ratio                   ? 
_diffrn_radiation.probe                            ? 
_diffrn_radiation.type                             ? 
_diffrn_radiation.xray_symbol                      ? 
_diffrn_radiation.wavelength_id                    1 
_diffrn_radiation.pdbx_monochromatic_or_laue_m_l   M 
_diffrn_radiation.pdbx_wavelength_list             ? 
_diffrn_radiation.pdbx_wavelength                  ? 
_diffrn_radiation.pdbx_diffrn_protocol             'SINGLE WAVELENGTH' 
_diffrn_radiation.pdbx_analyzer                    ? 
_diffrn_radiation.pdbx_scattering_type             x-ray 
# 
_diffrn_radiation_wavelength.id           1 
_diffrn_radiation_wavelength.wavelength   0.9184 
_diffrn_radiation_wavelength.wt           1.0 
# 
_diffrn_source.current                     ? 
_diffrn_source.details                     ? 
_diffrn_source.diffrn_id                   1 
_diffrn_source.power                       ? 
_diffrn_source.size                        ? 
_diffrn_source.source                      SYNCHROTRON 
_diffrn_source.target                      ? 
_diffrn_source.type                        'BESSY BEAMLINE 14.1' 
_diffrn_source.voltage                     ? 
_diffrn_source.take-off_angle              ? 
_diffrn_source.pdbx_wavelength_list        0.9184 
_diffrn_source.pdbx_wavelength             ? 
_diffrn_source.pdbx_synchrotron_beamline   14.1 
_diffrn_source.pdbx_synchrotron_site       BESSY 
# 
_reflns.B_iso_Wilson_estimate                          ? 
_reflns.entry_id                                       8Q2G 
_reflns.data_reduction_details                         ? 
_reflns.data_reduction_method                          ? 
_reflns.d_resolution_high                              2.49 
_reflns.d_resolution_low                               42.174 
_reflns.details                                        ? 
_reflns.limit_h_max                                    ? 
_reflns.limit_h_min                                    ? 
_reflns.limit_k_max                                    ? 
_reflns.limit_k_min                                    ? 
_reflns.limit_l_max                                    ? 
_reflns.limit_l_min                                    ? 
_reflns.number_all                                     ? 
_reflns.number_obs                                     10864 
_reflns.observed_criterion                             ? 
_reflns.observed_criterion_F_max                       ? 
_reflns.observed_criterion_F_min                       ? 
_reflns.observed_criterion_I_max                       ? 
_reflns.observed_criterion_I_min                       ? 
_reflns.observed_criterion_sigma_F                     ? 
_reflns.observed_criterion_sigma_I                     ? 
_reflns.percent_possible_obs                           97.4 
_reflns.R_free_details                                 ? 
_reflns.Rmerge_F_all                                   ? 
_reflns.Rmerge_F_obs                                   ? 
_reflns.Friedel_coverage                               ? 
_reflns.number_gt                                      ? 
_reflns.threshold_expression                           ? 
_reflns.pdbx_redundancy                                6.0 
_reflns.pdbx_netI_over_av_sigmaI                       ? 
_reflns.pdbx_netI_over_sigmaI                          13.04 
_reflns.pdbx_res_netI_over_av_sigmaI_2                 ? 
_reflns.pdbx_res_netI_over_sigmaI_2                    ? 
_reflns.pdbx_chi_squared                               ? 
_reflns.pdbx_scaling_rejects                           ? 
_reflns.pdbx_d_res_high_opt                            ? 
_reflns.pdbx_d_res_low_opt                             ? 
_reflns.pdbx_d_res_opt_method                          ? 
_reflns.phase_calculation_details                      ? 
_reflns.pdbx_Rrim_I_all                                ? 
_reflns.pdbx_Rpim_I_all                                ? 
_reflns.pdbx_d_opt                                     ? 
_reflns.pdbx_number_measured_all                       ? 
_reflns.pdbx_diffrn_id                                 1 
_reflns.pdbx_ordinal                                   1 
_reflns.pdbx_CC_half                                   0.99 
_reflns.pdbx_CC_star                                   ? 
_reflns.pdbx_R_split                                   ? 
_reflns.pdbx_Rmerge_I_obs                              ? 
_reflns.pdbx_Rmerge_I_all                              ? 
_reflns.pdbx_Rsym_value                                ? 
_reflns.pdbx_CC_split_method                           ? 
_reflns.pdbx_aniso_diffraction_limit_axis_1_ortho[1]   ? 
_reflns.pdbx_aniso_diffraction_limit_axis_1_ortho[2]   ? 
_reflns.pdbx_aniso_diffraction_limit_axis_1_ortho[3]   ? 
_reflns.pdbx_aniso_diffraction_limit_axis_2_ortho[1]   ? 
_reflns.pdbx_aniso_diffraction_limit_axis_2_ortho[2]   ? 
_reflns.pdbx_aniso_diffraction_limit_axis_2_ortho[3]   ? 
_reflns.pdbx_aniso_diffraction_limit_axis_3_ortho[1]   ? 
_reflns.pdbx_aniso_diffraction_limit_axis_3_ortho[2]   ? 
_reflns.pdbx_aniso_diffraction_limit_axis_3_ortho[3]   ? 
_reflns.pdbx_aniso_diffraction_limit_1                 ? 
_reflns.pdbx_aniso_diffraction_limit_2                 ? 
_reflns.pdbx_aniso_diffraction_limit_3                 ? 
_reflns.pdbx_aniso_B_tensor_eigenvector_1_ortho[1]     ? 
_reflns.pdbx_aniso_B_tensor_eigenvector_1_ortho[2]     ? 
_reflns.pdbx_aniso_B_tensor_eigenvector_1_ortho[3]     ? 
_reflns.pdbx_aniso_B_tensor_eigenvector_2_ortho[1]     ? 
_reflns.pdbx_aniso_B_tensor_eigenvector_2_ortho[2]     ? 
_reflns.pdbx_aniso_B_tensor_eigenvector_2_ortho[3]     ? 
_reflns.pdbx_aniso_B_tensor_eigenvector_3_ortho[1]     ? 
_reflns.pdbx_aniso_B_tensor_eigenvector_3_ortho[2]     ? 
_reflns.pdbx_aniso_B_tensor_eigenvector_3_ortho[3]     ? 
_reflns.pdbx_aniso_B_tensor_eigenvalue_1               ? 
_reflns.pdbx_aniso_B_tensor_eigenvalue_2               ? 
_reflns.pdbx_aniso_B_tensor_eigenvalue_3               ? 
_reflns.pdbx_orthogonalization_convention              ? 
_reflns.pdbx_percent_possible_ellipsoidal              ? 
_reflns.pdbx_percent_possible_spherical                ? 
_reflns.pdbx_percent_possible_ellipsoidal_anomalous    ? 
_reflns.pdbx_percent_possible_spherical_anomalous      ? 
_reflns.pdbx_redundancy_anomalous                      ? 
_reflns.pdbx_CC_half_anomalous                         ? 
_reflns.pdbx_absDiff_over_sigma_anomalous              ? 
_reflns.pdbx_percent_possible_anomalous                ? 
_reflns.pdbx_observed_signal_threshold                 ? 
_reflns.pdbx_signal_type                               ? 
_reflns.pdbx_signal_details                            ? 
_reflns.pdbx_signal_software_id                        ? 
# 
_reflns_shell.d_res_high                                    2.49 
_reflns_shell.d_res_low                                     2.56 
_reflns_shell.meanI_over_sigI_all                           ? 
_reflns_shell.meanI_over_sigI_obs                           ? 
_reflns_shell.number_measured_all                           ? 
_reflns_shell.number_measured_obs                           ? 
_reflns_shell.number_possible                               ? 
_reflns_shell.number_unique_all                             ? 
_reflns_shell.number_unique_obs                             3326 
_reflns_shell.percent_possible_obs                          ? 
_reflns_shell.Rmerge_F_all                                  ? 
_reflns_shell.Rmerge_F_obs                                  ? 
_reflns_shell.meanI_over_sigI_gt                            ? 
_reflns_shell.meanI_over_uI_all                             ? 
_reflns_shell.meanI_over_uI_gt                              ? 
_reflns_shell.number_measured_gt                            ? 
_reflns_shell.number_unique_gt                              ? 
_reflns_shell.percent_possible_gt                           ? 
_reflns_shell.Rmerge_F_gt                                   ? 
_reflns_shell.Rmerge_I_gt                                   ? 
_reflns_shell.pdbx_redundancy                               ? 
_reflns_shell.pdbx_chi_squared                              ? 
_reflns_shell.pdbx_netI_over_sigmaI_all                     ? 
_reflns_shell.pdbx_netI_over_sigmaI_obs                     ? 
_reflns_shell.pdbx_Rrim_I_all                               ? 
_reflns_shell.pdbx_Rpim_I_all                               ? 
_reflns_shell.pdbx_rejects                                  ? 
_reflns_shell.pdbx_ordinal                                  1 
_reflns_shell.pdbx_diffrn_id                                1 
_reflns_shell.pdbx_CC_half                                  0.81 
_reflns_shell.pdbx_CC_star                                  ? 
_reflns_shell.pdbx_R_split                                  ? 
_reflns_shell.percent_possible_all                          93.83 
_reflns_shell.Rmerge_I_all                                  ? 
_reflns_shell.Rmerge_I_obs                                  ? 
_reflns_shell.pdbx_Rsym_value                               ? 
_reflns_shell.pdbx_percent_possible_ellipsoidal             ? 
_reflns_shell.pdbx_percent_possible_spherical               ? 
_reflns_shell.pdbx_percent_possible_ellipsoidal_anomalous   ? 
_reflns_shell.pdbx_percent_possible_spherical_anomalous     ? 
_reflns_shell.pdbx_redundancy_anomalous                     ? 
_reflns_shell.pdbx_CC_half_anomalous                        ? 
_reflns_shell.pdbx_absDiff_over_sigma_anomalous             ? 
_reflns_shell.pdbx_percent_possible_anomalous               ? 
# 
_refine.aniso_B[1][1]                            0.324 
_refine.aniso_B[1][2]                            0.000 
_refine.aniso_B[1][3]                            0.000 
_refine.aniso_B[2][2]                            -0.360 
_refine.aniso_B[2][3]                            0.000 
_refine.aniso_B[3][3]                            0.036 
_refine.B_iso_max                                ? 
_refine.B_iso_mean                               58.967 
_refine.B_iso_min                                ? 
_refine.correlation_coeff_Fo_to_Fc               0.905 
_refine.correlation_coeff_Fo_to_Fc_free          0.845 
_refine.details                                  'Hydrogens have not been used' 
_refine.diff_density_max                         ? 
_refine.diff_density_max_esd                     ? 
_refine.diff_density_min                         ? 
_refine.diff_density_min_esd                     ? 
_refine.diff_density_rms                         ? 
_refine.diff_density_rms_esd                     ? 
_refine.entry_id                                 8Q2G 
_refine.pdbx_refine_id                           'X-RAY DIFFRACTION' 
_refine.ls_abs_structure_details                 ? 
_refine.ls_abs_structure_Flack                   ? 
_refine.ls_abs_structure_Flack_esd               ? 
_refine.ls_abs_structure_Rogers                  ? 
_refine.ls_abs_structure_Rogers_esd              ? 
_refine.ls_d_res_high                            2.490 
_refine.ls_d_res_low                             42.174 
_refine.ls_extinction_coef                       ? 
_refine.ls_extinction_coef_esd                   ? 
_refine.ls_extinction_expression                 ? 
_refine.ls_extinction_method                     ? 
_refine.ls_goodness_of_fit_all                   ? 
_refine.ls_goodness_of_fit_all_esd               ? 
_refine.ls_goodness_of_fit_obs                   ? 
_refine.ls_goodness_of_fit_obs_esd               ? 
_refine.ls_hydrogen_treatment                    ? 
_refine.ls_matrix_type                           ? 
_refine.ls_number_constraints                    ? 
_refine.ls_number_parameters                     ? 
_refine.ls_number_reflns_all                     ? 
_refine.ls_number_reflns_obs                     7026 
_refine.ls_number_reflns_R_free                  691 
_refine.ls_number_reflns_R_work                  6335 
_refine.ls_number_restraints                     ? 
_refine.ls_percent_reflns_obs                    95.657 
_refine.ls_percent_reflns_R_free                 9.835 
_refine.ls_R_factor_all                          0.276 
_refine.ls_R_factor_obs                          ? 
_refine.ls_R_factor_R_free                       0.3580 
_refine.ls_R_factor_R_free_error                 ? 
_refine.ls_R_factor_R_free_error_details         ? 
_refine.ls_R_factor_R_work                       0.2675 
_refine.ls_R_Fsqd_factor_obs                     ? 
_refine.ls_R_I_factor_obs                        ? 
_refine.ls_redundancy_reflns_all                 ? 
_refine.ls_redundancy_reflns_obs                 ? 
_refine.ls_restrained_S_all                      ? 
_refine.ls_restrained_S_obs                      ? 
_refine.ls_shift_over_esd_max                    ? 
_refine.ls_shift_over_esd_mean                   ? 
_refine.ls_structure_factor_coef                 ? 
_refine.ls_weighting_details                     ? 
_refine.ls_weighting_scheme                      ? 
_refine.ls_wR_factor_all                         ? 
_refine.ls_wR_factor_obs                         ? 
_refine.ls_wR_factor_R_free                      0.337 
_refine.ls_wR_factor_R_work                      0.263 
_refine.occupancy_max                            ? 
_refine.occupancy_min                            ? 
_refine.solvent_model_details                    'MASK BULK SOLVENT' 
_refine.solvent_model_param_bsol                 ? 
_refine.solvent_model_param_ksol                 ? 
_refine.pdbx_R_complete                          ? 
_refine.ls_R_factor_gt                           ? 
_refine.ls_goodness_of_fit_gt                    ? 
_refine.ls_goodness_of_fit_ref                   ? 
_refine.ls_shift_over_su_max                     ? 
_refine.ls_shift_over_su_max_lt                  ? 
_refine.ls_shift_over_su_mean                    ? 
_refine.ls_shift_over_su_mean_lt                 ? 
_refine.pdbx_ls_sigma_I                          ? 
_refine.pdbx_ls_sigma_F                          ? 
_refine.pdbx_ls_sigma_Fsqd                       ? 
_refine.pdbx_data_cutoff_high_absF               ? 
_refine.pdbx_data_cutoff_high_rms_absF           ? 
_refine.pdbx_data_cutoff_low_absF                ? 
_refine.pdbx_isotropic_thermal_model             ? 
_refine.pdbx_ls_cross_valid_method               'FREE R-VALUE' 
_refine.pdbx_method_to_determine_struct          'MOLECULAR REPLACEMENT' 
_refine.pdbx_starting_model                      ? 
_refine.pdbx_stereochemistry_target_values       ? 
_refine.pdbx_R_Free_selection_details            ? 
_refine.pdbx_stereochem_target_val_spec_case     ? 
_refine.pdbx_overall_ESU_R                       0.497 
_refine.pdbx_overall_ESU_R_Free                  0.383 
_refine.pdbx_solvent_vdw_probe_radii             1.200 
_refine.pdbx_solvent_ion_probe_radii             0.800 
_refine.pdbx_solvent_shrinkage_radii             0.800 
_refine.pdbx_real_space_R                        ? 
_refine.pdbx_density_correlation                 ? 
_refine.pdbx_pd_number_of_powder_patterns        ? 
_refine.pdbx_pd_number_of_points                 ? 
_refine.pdbx_pd_meas_number_of_points            ? 
_refine.pdbx_pd_proc_ls_prof_R_factor            ? 
_refine.pdbx_pd_proc_ls_prof_wR_factor           ? 
_refine.pdbx_pd_Marquardt_correlation_coeff      ? 
_refine.pdbx_pd_Fsqrd_R_factor                   ? 
_refine.pdbx_pd_ls_matrix_band_width             ? 
_refine.pdbx_overall_phase_error                 ? 
_refine.pdbx_overall_SU_R_free_Cruickshank_DPI   ? 
_refine.pdbx_overall_SU_R_free_Blow_DPI          ? 
_refine.pdbx_overall_SU_R_Blow_DPI               ? 
_refine.pdbx_TLS_residual_ADP_flag               ? 
_refine.pdbx_diffrn_id                           1 
_refine.overall_SU_B                             18.500 
_refine.overall_SU_ML                            0.384 
_refine.overall_SU_R_Cruickshank_DPI             ? 
_refine.overall_SU_R_free                        ? 
_refine.overall_FOM_free_R_set                   ? 
_refine.overall_FOM_work_R_set                   ? 
_refine.pdbx_average_fsc_overall                 ? 
_refine.pdbx_average_fsc_work                    0.7566 
_refine.pdbx_average_fsc_free                    0.6957 
# 
_refine_hist.pdbx_refine_id                   'X-RAY DIFFRACTION' 
_refine_hist.cycle_id                         LAST 
_refine_hist.details                          ? 
_refine_hist.d_res_high                       2.490 
_refine_hist.d_res_low                        42.174 
_refine_hist.number_atoms_solvent             46 
_refine_hist.number_atoms_total               1051 
_refine_hist.number_reflns_all                ? 
_refine_hist.number_reflns_obs                ? 
_refine_hist.number_reflns_R_free             ? 
_refine_hist.number_reflns_R_work             ? 
_refine_hist.R_factor_all                     ? 
_refine_hist.R_factor_obs                     ? 
_refine_hist.R_factor_R_free                  ? 
_refine_hist.R_factor_R_work                  ? 
_refine_hist.pdbx_number_residues_total       ? 
_refine_hist.pdbx_B_iso_mean_ligand           ? 
_refine_hist.pdbx_B_iso_mean_solvent          ? 
_refine_hist.pdbx_number_atoms_protein        1005 
_refine_hist.pdbx_number_atoms_nucleic_acid   0 
_refine_hist.pdbx_number_atoms_ligand         0 
_refine_hist.pdbx_number_atoms_lipid          ? 
_refine_hist.pdbx_number_atoms_carb           ? 
_refine_hist.pdbx_pseudo_atom_details         ? 
# 
loop_
_refine_ls_restr.pdbx_refine_id 
_refine_ls_restr.criterion 
_refine_ls_restr.dev_ideal 
_refine_ls_restr.dev_ideal_target 
_refine_ls_restr.number 
_refine_ls_restr.rejects 
_refine_ls_restr.type 
_refine_ls_restr.weight 
_refine_ls_restr.pdbx_restraint_function 
'X-RAY DIFFRACTION' ? 0.004  0.012  1039 ? r_bond_refined_d               ? ? 
'X-RAY DIFFRACTION' ? 1.175  1.639  1401 ? r_angle_refined_deg            ? ? 
'X-RAY DIFFRACTION' ? 7.560  5.000  125  ? r_dihedral_angle_1_deg         ? ? 
'X-RAY DIFFRACTION' ? 24.991 21.154 52   ? r_dihedral_angle_2_deg         ? ? 
'X-RAY DIFFRACTION' ? 18.957 15.000 189  ? r_dihedral_angle_3_deg         ? ? 
'X-RAY DIFFRACTION' ? 25.294 15.000 7    ? r_dihedral_angle_4_deg         ? ? 
'X-RAY DIFFRACTION' ? 0.102  0.200  123  ? r_chiral_restr                 ? ? 
'X-RAY DIFFRACTION' ? 0.006  0.020  781  ? r_gen_planes_refined           ? ? 
'X-RAY DIFFRACTION' ? 0.244  0.200  535  ? r_nbd_refined                  ? ? 
'X-RAY DIFFRACTION' ? 0.312  0.200  682  ? r_nbtor_refined                ? ? 
'X-RAY DIFFRACTION' ? 0.201  0.200  44   ? r_xyhbond_nbd_refined          ? ? 
'X-RAY DIFFRACTION' ? 0.392  0.200  9    ? r_symmetry_nbd_refined         ? ? 
'X-RAY DIFFRACTION' ? 0.303  0.200  2    ? r_symmetry_xyhbond_nbd_refined ? ? 
'X-RAY DIFFRACTION' ? 3.873  5.743  503  ? r_mcbond_it                    ? ? 
'X-RAY DIFFRACTION' ? 6.023  8.610  627  ? r_mcangle_it                   ? ? 
'X-RAY DIFFRACTION' ? 4.045  6.075  536  ? r_scbond_it                    ? ? 
'X-RAY DIFFRACTION' ? 6.229  8.908  774  ? r_scangle_it                   ? ? 
'X-RAY DIFFRACTION' ? 10.418 76.109 1619 ? r_lrange_it                    ? ? 
# 
loop_
_refine_ls_shell.pdbx_refine_id 
_refine_ls_shell.d_res_high 
_refine_ls_shell.d_res_low 
_refine_ls_shell.number_reflns_all 
_refine_ls_shell.number_reflns_obs 
_refine_ls_shell.number_reflns_R_free 
_refine_ls_shell.number_reflns_R_work 
_refine_ls_shell.percent_reflns_obs 
_refine_ls_shell.percent_reflns_R_free 
_refine_ls_shell.R_factor_all 
_refine_ls_shell.R_factor_obs 
_refine_ls_shell.R_factor_R_free_error 
_refine_ls_shell.R_factor_R_work 
_refine_ls_shell.redundancy_reflns_all 
_refine_ls_shell.redundancy_reflns_obs 
_refine_ls_shell.wR_factor_all 
_refine_ls_shell.wR_factor_obs 
_refine_ls_shell.wR_factor_R_free 
_refine_ls_shell.wR_factor_R_work 
_refine_ls_shell.pdbx_R_complete 
_refine_ls_shell.pdbx_total_number_of_bins_used 
_refine_ls_shell.pdbx_phase_error 
_refine_ls_shell.pdbx_fsc_work 
_refine_ls_shell.pdbx_fsc_free 
_refine_ls_shell.R_factor_R_free 
'X-RAY DIFFRACTION' 2.490  2.555  519 . 58 429 93.8343 . 0.467 . . 0.464 . . . . . 0.402 . 20 . 0.539 0.496 0.487 
'X-RAY DIFFRACTION' 2.555  2.625  518 . 58 451 98.2626 . 0.425 . . 0.426 . . . . . 0.367 . 20 . 0.490 0.492 0.416 
'X-RAY DIFFRACTION' 2.625  2.700  501 . 54 439 98.4032 . 0.410 . . 0.403 . . . . . 0.318 . 20 . 0.531 0.421 0.464 
'X-RAY DIFFRACTION' 2.700  2.783  492 . 45 442 98.9837 . 0.378 . . 0.376 . . . . . 0.321 . 20 . 0.518 0.601 0.392 
'X-RAY DIFFRACTION' 2.783  2.874  477 . 51 414 97.4843 . 0.371 . . 0.371 . . . . . 0.306 . 20 . 0.642 0.547 0.370 
'X-RAY DIFFRACTION' 2.874  2.974  456 . 43 401 97.3684 . 0.317 . . 0.309 . . . . . 0.265 . 20 . 0.741 0.732 0.386 
'X-RAY DIFFRACTION' 2.974  3.086  449 . 54 379 96.4365 . 0.272 . . 0.266 . . . . . 0.237 . 20 . 0.833 0.783 0.314 
'X-RAY DIFFRACTION' 3.086  3.211  428 . 29 379 95.3271 . 0.288 . . 0.282 . . . . . 0.250 . 20 . 0.822 0.707 0.394 
'X-RAY DIFFRACTION' 3.211  3.353  406 . 35 348 94.3350 . 0.290 . . 0.273 . . . . . 0.258 . 20 . 0.831 0.701 0.450 
'X-RAY DIFFRACTION' 3.353  3.516  408 . 30 364 96.5686 . 0.265 . . 0.258 . . . . . 0.241 . 20 . 0.861 0.746 0.361 
'X-RAY DIFFRACTION' 3.516  3.705  381 . 36 324 94.4882 . 0.304 . . 0.300 . . . . . 0.272 . 20 . 0.869 0.821 0.351 
'X-RAY DIFFRACTION' 3.705  3.927  353 . 25 307 94.0510 . 0.281 . . 0.275 . . . . . 0.262 . 20 . 0.880 0.818 0.354 
'X-RAY DIFFRACTION' 3.927  4.196  338 . 35 285 94.6746 . 0.230 . . 0.221 . . . . . 0.228 . 20 . 0.919 0.877 0.304 
'X-RAY DIFFRACTION' 4.196  4.528  317 . 24 278 95.2681 . 0.184 . . 0.181 . . . . . 0.169 . 20 . 0.941 0.922 0.227 
'X-RAY DIFFRACTION' 4.528  4.955  296 . 33 249 95.2703 . 0.196 . . 0.185 . . . . . 0.181 . 20 . 0.946 0.922 0.278 
'X-RAY DIFFRACTION' 4.955  5.530  272 . 28 228 94.1176 . 0.210 . . 0.186 . . . . . 0.186 . 20 . 0.943 0.852 0.471 
'X-RAY DIFFRACTION' 5.530  6.368  241 . 16 208 92.9461 . 0.231 . . 0.217 . . . . . 0.215 . 20 . 0.913 0.903 0.456 
'X-RAY DIFFRACTION' 6.368  7.755  208 . 19 174 92.7885 . 0.221 . . 0.210 . . . . . 0.213 . 20 . 0.915 0.870 0.337 
'X-RAY DIFFRACTION' 7.755  10.786 172 . 11 148 92.4419 . 0.208 . . 0.210 . . . . . 0.229 . 20 . 0.925 0.919 0.188 
'X-RAY DIFFRACTION' 10.786 42.174 109 . 7  88  87.1560 . 0.410 . . 0.408 . . . . . 0.914 . 20 . 0.846 0.890 0.434 
# 
_struct.entry_id                     8Q2G 
_struct.title                        'X-ray structure of LysECD7 endolysin against Gram-negative bacteria' 
_struct.pdbx_model_details           ? 
_struct.pdbx_formula_weight          ? 
_struct.pdbx_formula_weight_method   ? 
_struct.pdbx_model_type_details      ? 
_struct.pdbx_CASP_flag               N 
# 
_struct_keywords.entry_id        8Q2G 
_struct_keywords.text            
;Endolysins, Bacteriophage lytic enzymes, Gram-negative bacteria, Antibacterial therapy, Antimicrobial agents, ANTIBIOTIC, ANTIMICROBIAL PROTEIN
;
_struct_keywords.pdbx_keywords   'ANTIMICROBIAL PROTEIN' 
# 
loop_
_struct_asym.id 
_struct_asym.pdbx_blank_PDB_chainid_flag 
_struct_asym.pdbx_modified 
_struct_asym.entity_id 
_struct_asym.details 
A N N 1 ? 
B N N 2 ? 
# 
_struct_ref.id                         1 
_struct_ref.db_name                    UNP 
_struct_ref.db_code                    A0A220NTE5_9CAUD 
_struct_ref.pdbx_db_accession          A0A220NTE5 
_struct_ref.pdbx_db_isoform            ? 
_struct_ref.entity_id                  1 
_struct_ref.pdbx_seq_one_letter_code   
;MFKLSQRSKDRLVGVHPDLVKVVHRALELTPVDFGITEGVRSLETQKKYVAEGKSKTMKSRHLHGLAVDVVAYPKDKDTW
NMKYYRMIADAFKQAGRELGVSVEWGGDWVSFKDGVHFQLPHSKYPDPK
;
_struct_ref.pdbx_align_begin           1 
# 
_struct_ref_seq.align_id                      1 
_struct_ref_seq.ref_id                        1 
_struct_ref_seq.pdbx_PDB_id_code              8Q2G 
_struct_ref_seq.pdbx_strand_id                A 
_struct_ref_seq.seq_align_beg                 1 
_struct_ref_seq.pdbx_seq_align_beg_ins_code   ? 
_struct_ref_seq.seq_align_end                 129 
_struct_ref_seq.pdbx_seq_align_end_ins_code   ? 
_struct_ref_seq.pdbx_db_accession             A0A220NTE5 
_struct_ref_seq.db_align_beg                  1 
_struct_ref_seq.pdbx_db_align_beg_ins_code    ? 
_struct_ref_seq.db_align_end                  129 
_struct_ref_seq.pdbx_db_align_end_ins_code    ? 
_struct_ref_seq.pdbx_auth_seq_align_beg       -2 
_struct_ref_seq.pdbx_auth_seq_align_end       125 
# 
loop_
_struct_ref_seq_dif.align_id 
_struct_ref_seq_dif.pdbx_pdb_id_code 
_struct_ref_seq_dif.mon_id 
_struct_ref_seq_dif.pdbx_pdb_strand_id 
_struct_ref_seq_dif.seq_num 
_struct_ref_seq_dif.pdbx_pdb_ins_code 
_struct_ref_seq_dif.pdbx_seq_db_name 
_struct_ref_seq_dif.pdbx_seq_db_accession_code 
_struct_ref_seq_dif.db_mon_id 
_struct_ref_seq_dif.pdbx_seq_db_seq_num 
_struct_ref_seq_dif.details 
_struct_ref_seq_dif.pdbx_auth_seq_num 
_struct_ref_seq_dif.pdbx_ordinal 
1 8Q2G LEU A 130 ? UNP A0A220NTE5 ? ? 'expression tag' 126 1  
1 8Q2G GLU A 131 ? UNP A0A220NTE5 ? ? 'expression tag' 127 2  
1 8Q2G HIS A 132 ? UNP A0A220NTE5 ? ? 'expression tag' 128 3  
1 8Q2G HIS A 133 ? UNP A0A220NTE5 ? ? 'expression tag' 129 4  
1 8Q2G HIS A 134 ? UNP A0A220NTE5 ? ? 'expression tag' 130 5  
1 8Q2G HIS A 135 ? UNP A0A220NTE5 ? ? 'expression tag' 131 6  
1 8Q2G HIS A 136 ? UNP A0A220NTE5 ? ? 'expression tag' 132 7  
1 8Q2G HIS A 137 ? UNP A0A220NTE5 ? ? 'expression tag' 133 8  
1 8Q2G HIS A 138 ? UNP A0A220NTE5 ? ? 'expression tag' 134 9  
1 8Q2G HIS A 139 ? UNP A0A220NTE5 ? ? 'expression tag' 135 10 
# 
_pdbx_struct_assembly.id                   1 
_pdbx_struct_assembly.details              author_and_software_defined_assembly 
_pdbx_struct_assembly.method_details       PISA 
_pdbx_struct_assembly.oligomeric_details   monomeric 
_pdbx_struct_assembly.oligomeric_count     1 
# 
loop_
_pdbx_struct_assembly_prop.biol_id 
_pdbx_struct_assembly_prop.type 
_pdbx_struct_assembly_prop.value 
_pdbx_struct_assembly_prop.details 
1 'ABSA (A^2)' 0    ? 
1 MORE         0    ? 
1 'SSA (A^2)'  7560 ? 
# 
_pdbx_struct_assembly_gen.assembly_id       1 
_pdbx_struct_assembly_gen.oper_expression   1 
_pdbx_struct_assembly_gen.asym_id_list      A,B 
# 
_pdbx_struct_assembly_auth_evidence.id                     1 
_pdbx_struct_assembly_auth_evidence.assembly_id            1 
_pdbx_struct_assembly_auth_evidence.experimental_support   'gel filtration' 
_pdbx_struct_assembly_auth_evidence.details                ? 
# 
_pdbx_struct_oper_list.id                   1 
_pdbx_struct_oper_list.type                 'identity operation' 
_pdbx_struct_oper_list.name                 1_555 
_pdbx_struct_oper_list.symmetry_operation   x,y,z 
_pdbx_struct_oper_list.matrix[1][1]         1.0000000000 
_pdbx_struct_oper_list.matrix[1][2]         0.0000000000 
_pdbx_struct_oper_list.matrix[1][3]         0.0000000000 
_pdbx_struct_oper_list.vector[1]            0.0000000000 
_pdbx_struct_oper_list.matrix[2][1]         0.0000000000 
_pdbx_struct_oper_list.matrix[2][2]         1.0000000000 
_pdbx_struct_oper_list.matrix[2][3]         0.0000000000 
_pdbx_struct_oper_list.vector[2]            0.0000000000 
_pdbx_struct_oper_list.matrix[3][1]         0.0000000000 
_pdbx_struct_oper_list.matrix[3][2]         0.0000000000 
_pdbx_struct_oper_list.matrix[3][3]         1.0000000000 
_pdbx_struct_oper_list.vector[3]            0.0000000000 
# 
loop_
_struct_conf.conf_type_id 
_struct_conf.id 
_struct_conf.pdbx_PDB_helix_id 
_struct_conf.beg_label_comp_id 
_struct_conf.beg_label_asym_id 
_struct_conf.beg_label_seq_id 
_struct_conf.pdbx_beg_PDB_ins_code 
_struct_conf.end_label_comp_id 
_struct_conf.end_label_asym_id 
_struct_conf.end_label_seq_id 
_struct_conf.pdbx_end_PDB_ins_code 
_struct_conf.beg_auth_comp_id 
_struct_conf.beg_auth_asym_id 
_struct_conf.beg_auth_seq_id 
_struct_conf.end_auth_comp_id 
_struct_conf.end_auth_asym_id 
_struct_conf.end_auth_seq_id 
_struct_conf.pdbx_PDB_helix_class 
_struct_conf.details 
_struct_conf.pdbx_PDB_helix_length 
HELX_P HELX_P1 AA1 HIS A 16  ? LEU A 29  ? HIS A 13  LEU A 26  1 ? 14 
HELX_P HELX_P2 AA2 SER A 42  ? GLU A 52  ? SER A 39  GLU A 49  1 ? 11 
HELX_P HELX_P3 AA3 SER A 60  ? GLY A 65  ? SER A 57  GLY A 62  5 ? 6  
HELX_P HELX_P4 AA4 ASN A 81  ? GLU A 98  ? ASN A 78  GLU A 95  1 ? 18 
HELX_P HELX_P5 AA5 LEU A 99  ? VAL A 101 ? LEU A 96  VAL A 98  5 ? 3  
HELX_P HELX_P6 AA6 SER A 111 ? VAL A 116 ? SER A 107 VAL A 112 1 ? 6  
# 
_struct_conf_type.id          HELX_P 
_struct_conf_type.criteria    ? 
_struct_conf_type.reference   ? 
# 
_struct_sheet.id               AA1 
_struct_sheet.type             ? 
_struct_sheet.number_strands   4 
_struct_sheet.details          ? 
# 
loop_
_struct_sheet_order.sheet_id 
_struct_sheet_order.range_id_1 
_struct_sheet_order.range_id_2 
_struct_sheet_order.offset 
_struct_sheet_order.sense 
AA1 1 2 ? anti-parallel 
AA1 2 3 ? anti-parallel 
AA1 3 4 ? anti-parallel 
# 
loop_
_struct_sheet_range.sheet_id 
_struct_sheet_range.id 
_struct_sheet_range.beg_label_comp_id 
_struct_sheet_range.beg_label_asym_id 
_struct_sheet_range.beg_label_seq_id 
_struct_sheet_range.pdbx_beg_PDB_ins_code 
_struct_sheet_range.end_label_comp_id 
_struct_sheet_range.end_label_asym_id 
_struct_sheet_range.end_label_seq_id 
_struct_sheet_range.pdbx_end_PDB_ins_code 
_struct_sheet_range.beg_auth_comp_id 
_struct_sheet_range.beg_auth_asym_id 
_struct_sheet_range.beg_auth_seq_id 
_struct_sheet_range.end_auth_comp_id 
_struct_sheet_range.end_auth_asym_id 
_struct_sheet_range.end_auth_seq_id 
AA1 1 PHE A 34  ? GLU A 38  ? PHE A 31  GLU A 35  
AA1 2 ALA A 67  ? ALA A 72  ? ALA A 64  ALA A 69  
AA1 3 HIS A 117 ? GLN A 119 ? HIS A 113 GLN A 115 
AA1 4 GLU A 104 ? TRP A 105 ? GLU A 101 TRP A 102 
# 
loop_
_pdbx_struct_sheet_hbond.sheet_id 
_pdbx_struct_sheet_hbond.range_id_1 
_pdbx_struct_sheet_hbond.range_id_2 
_pdbx_struct_sheet_hbond.range_1_label_atom_id 
_pdbx_struct_sheet_hbond.range_1_label_comp_id 
_pdbx_struct_sheet_hbond.range_1_label_asym_id 
_pdbx_struct_sheet_hbond.range_1_label_seq_id 
_pdbx_struct_sheet_hbond.range_1_PDB_ins_code 
_pdbx_struct_sheet_hbond.range_1_auth_atom_id 
_pdbx_struct_sheet_hbond.range_1_auth_comp_id 
_pdbx_struct_sheet_hbond.range_1_auth_asym_id 
_pdbx_struct_sheet_hbond.range_1_auth_seq_id 
_pdbx_struct_sheet_hbond.range_2_label_atom_id 
_pdbx_struct_sheet_hbond.range_2_label_comp_id 
_pdbx_struct_sheet_hbond.range_2_label_asym_id 
_pdbx_struct_sheet_hbond.range_2_label_seq_id 
_pdbx_struct_sheet_hbond.range_2_PDB_ins_code 
_pdbx_struct_sheet_hbond.range_2_auth_atom_id 
_pdbx_struct_sheet_hbond.range_2_auth_comp_id 
_pdbx_struct_sheet_hbond.range_2_auth_asym_id 
_pdbx_struct_sheet_hbond.range_2_auth_seq_id 
AA1 1 2 N GLY A 35  ? N GLY A 32  O VAL A 71  ? O VAL A 68  
AA1 2 3 N VAL A 68  ? N VAL A 65  O PHE A 118 ? O PHE A 114 
AA1 3 4 O GLN A 119 ? O GLN A 115 N GLU A 104 ? N GLU A 101 
# 
loop_
_pdbx_validate_torsion.id 
_pdbx_validate_torsion.PDB_model_num 
_pdbx_validate_torsion.auth_comp_id 
_pdbx_validate_torsion.auth_asym_id 
_pdbx_validate_torsion.auth_seq_id 
_pdbx_validate_torsion.PDB_ins_code 
_pdbx_validate_torsion.label_alt_id 
_pdbx_validate_torsion.phi 
_pdbx_validate_torsion.psi 
1  1 GLU A 49 ? ? -68.76  5.08   
2  1 LYS A 51 ? ? -75.85  -76.28 
3  1 LYS A 53 ? ? -75.46  -80.15 
4  1 TYR A 70 ? ? -118.64 67.20  
5  1 LYS A 72 ? ? 60.31   -69.01 
6  1 ASP A 73 ? ? -66.49  5.32   
7  1 LYS A 74 ? ? 68.13   -1.33  
8  1 ASP A 75 ? ? -69.70  68.32  
9  1 GLU A 95 ? ? -53.47  173.29 
10 1 LEU A 96 ? ? 60.33   -17.11 
# 
loop_
_pdbx_struct_special_symmetry.id 
_pdbx_struct_special_symmetry.PDB_model_num 
_pdbx_struct_special_symmetry.auth_asym_id 
_pdbx_struct_special_symmetry.auth_comp_id 
_pdbx_struct_special_symmetry.auth_seq_id 
_pdbx_struct_special_symmetry.PDB_ins_code 
_pdbx_struct_special_symmetry.label_asym_id 
_pdbx_struct_special_symmetry.label_comp_id 
_pdbx_struct_special_symmetry.label_seq_id 
1 1 A HOH 230 ? B HOH . 
2 1 A HOH 244 ? B HOH . 
3 1 A HOH 246 ? B HOH . 
# 
loop_
_pdbx_distant_solvent_atoms.id 
_pdbx_distant_solvent_atoms.PDB_model_num 
_pdbx_distant_solvent_atoms.auth_atom_id 
_pdbx_distant_solvent_atoms.label_alt_id 
_pdbx_distant_solvent_atoms.auth_asym_id 
_pdbx_distant_solvent_atoms.auth_comp_id 
_pdbx_distant_solvent_atoms.auth_seq_id 
_pdbx_distant_solvent_atoms.PDB_ins_code 
_pdbx_distant_solvent_atoms.neighbor_macromolecule_distance 
_pdbx_distant_solvent_atoms.neighbor_ligand_distance 
1 1 O ? A HOH 238 ? 7.04  . 
2 1 O ? A HOH 239 ? 7.16  . 
3 1 O ? A HOH 240 ? 7.45  . 
4 1 O ? A HOH 241 ? 7.52  . 
5 1 O ? A HOH 242 ? 7.73  . 
6 1 O ? A HOH 243 ? 7.96  . 
7 1 O ? A HOH 244 ? 8.09  . 
8 1 O ? A HOH 245 ? 9.80  . 
9 1 O ? A HOH 246 ? 10.92 . 
# 
loop_
_pdbx_unobs_or_zero_occ_residues.id 
_pdbx_unobs_or_zero_occ_residues.PDB_model_num 
_pdbx_unobs_or_zero_occ_residues.polymer_flag 
_pdbx_unobs_or_zero_occ_residues.occupancy_flag 
_pdbx_unobs_or_zero_occ_residues.auth_asym_id 
_pdbx_unobs_or_zero_occ_residues.auth_comp_id 
_pdbx_unobs_or_zero_occ_residues.auth_seq_id 
_pdbx_unobs_or_zero_occ_residues.PDB_ins_code 
_pdbx_unobs_or_zero_occ_residues.label_asym_id 
_pdbx_unobs_or_zero_occ_residues.label_comp_id 
_pdbx_unobs_or_zero_occ_residues.label_seq_id 
1  1 Y 1 A MET -2  ? A MET 1   
2  1 Y 1 A PHE -1  ? A PHE 2   
3  1 Y 1 A LYS 0   ? A LYS 3   
4  1 Y 1 A ASP 104 A A ASP 108 
5  1 Y 1 A LEU 126 ? A LEU 130 
6  1 Y 1 A GLU 127 ? A GLU 131 
7  1 Y 1 A HIS 128 ? A HIS 132 
8  1 Y 1 A HIS 129 ? A HIS 133 
9  1 Y 1 A HIS 130 ? A HIS 134 
10 1 Y 1 A HIS 131 ? A HIS 135 
11 1 Y 1 A HIS 132 ? A HIS 136 
12 1 Y 1 A HIS 133 ? A HIS 137 
13 1 Y 1 A HIS 134 ? A HIS 138 
14 1 Y 1 A HIS 135 ? A HIS 139 
# 
loop_
_chem_comp_atom.comp_id 
_chem_comp_atom.atom_id 
_chem_comp_atom.type_symbol 
_chem_comp_atom.pdbx_aromatic_flag 
_chem_comp_atom.pdbx_stereo_config 
_chem_comp_atom.pdbx_ordinal 
ALA N    N N N 1   
ALA CA   C N S 2   
ALA C    C N N 3   
ALA O    O N N 4   
ALA CB   C N N 5   
ALA OXT  O N N 6   
ALA H    H N N 7   
ALA H2   H N N 8   
ALA HA   H N N 9   
ALA HB1  H N N 10  
ALA HB2  H N N 11  
ALA HB3  H N N 12  
ALA HXT  H N N 13  
ARG N    N N N 14  
ARG CA   C N S 15  
ARG C    C N N 16  
ARG O    O N N 17  
ARG CB   C N N 18  
ARG CG   C N N 19  
ARG CD   C N N 20  
ARG NE   N N N 21  
ARG CZ   C N N 22  
ARG NH1  N N N 23  
ARG NH2  N N N 24  
ARG OXT  O N N 25  
ARG H    H N N 26  
ARG H2   H N N 27  
ARG HA   H N N 28  
ARG HB2  H N N 29  
ARG HB3  H N N 30  
ARG HG2  H N N 31  
ARG HG3  H N N 32  
ARG HD2  H N N 33  
ARG HD3  H N N 34  
ARG HE   H N N 35  
ARG HH11 H N N 36  
ARG HH12 H N N 37  
ARG HH21 H N N 38  
ARG HH22 H N N 39  
ARG HXT  H N N 40  
ASN N    N N N 41  
ASN CA   C N S 42  
ASN C    C N N 43  
ASN O    O N N 44  
ASN CB   C N N 45  
ASN CG   C N N 46  
ASN OD1  O N N 47  
ASN ND2  N N N 48  
ASN OXT  O N N 49  
ASN H    H N N 50  
ASN H2   H N N 51  
ASN HA   H N N 52  
ASN HB2  H N N 53  
ASN HB3  H N N 54  
ASN HD21 H N N 55  
ASN HD22 H N N 56  
ASN HXT  H N N 57  
ASP N    N N N 58  
ASP CA   C N S 59  
ASP C    C N N 60  
ASP O    O N N 61  
ASP CB   C N N 62  
ASP CG   C N N 63  
ASP OD1  O N N 64  
ASP OD2  O N N 65  
ASP OXT  O N N 66  
ASP H    H N N 67  
ASP H2   H N N 68  
ASP HA   H N N 69  
ASP HB2  H N N 70  
ASP HB3  H N N 71  
ASP HD2  H N N 72  
ASP HXT  H N N 73  
GLN N    N N N 74  
GLN CA   C N S 75  
GLN C    C N N 76  
GLN O    O N N 77  
GLN CB   C N N 78  
GLN CG   C N N 79  
GLN CD   C N N 80  
GLN OE1  O N N 81  
GLN NE2  N N N 82  
GLN OXT  O N N 83  
GLN H    H N N 84  
GLN H2   H N N 85  
GLN HA   H N N 86  
GLN HB2  H N N 87  
GLN HB3  H N N 88  
GLN HG2  H N N 89  
GLN HG3  H N N 90  
GLN HE21 H N N 91  
GLN HE22 H N N 92  
GLN HXT  H N N 93  
GLU N    N N N 94  
GLU CA   C N S 95  
GLU C    C N N 96  
GLU O    O N N 97  
GLU CB   C N N 98  
GLU CG   C N N 99  
GLU CD   C N N 100 
GLU OE1  O N N 101 
GLU OE2  O N N 102 
GLU OXT  O N N 103 
GLU H    H N N 104 
GLU H2   H N N 105 
GLU HA   H N N 106 
GLU HB2  H N N 107 
GLU HB3  H N N 108 
GLU HG2  H N N 109 
GLU HG3  H N N 110 
GLU HE2  H N N 111 
GLU HXT  H N N 112 
GLY N    N N N 113 
GLY CA   C N N 114 
GLY C    C N N 115 
GLY O    O N N 116 
GLY OXT  O N N 117 
GLY H    H N N 118 
GLY H2   H N N 119 
GLY HA2  H N N 120 
GLY HA3  H N N 121 
GLY HXT  H N N 122 
HIS N    N N N 123 
HIS CA   C N S 124 
HIS C    C N N 125 
HIS O    O N N 126 
HIS CB   C N N 127 
HIS CG   C Y N 128 
HIS ND1  N Y N 129 
HIS CD2  C Y N 130 
HIS CE1  C Y N 131 
HIS NE2  N Y N 132 
HIS OXT  O N N 133 
HIS H    H N N 134 
HIS H2   H N N 135 
HIS HA   H N N 136 
HIS HB2  H N N 137 
HIS HB3  H N N 138 
HIS HD1  H N N 139 
HIS HD2  H N N 140 
HIS HE1  H N N 141 
HIS HE2  H N N 142 
HIS HXT  H N N 143 
HOH O    O N N 144 
HOH H1   H N N 145 
HOH H2   H N N 146 
ILE N    N N N 147 
ILE CA   C N S 148 
ILE C    C N N 149 
ILE O    O N N 150 
ILE CB   C N S 151 
ILE CG1  C N N 152 
ILE CG2  C N N 153 
ILE CD1  C N N 154 
ILE OXT  O N N 155 
ILE H    H N N 156 
ILE H2   H N N 157 
ILE HA   H N N 158 
ILE HB   H N N 159 
ILE HG12 H N N 160 
ILE HG13 H N N 161 
ILE HG21 H N N 162 
ILE HG22 H N N 163 
ILE HG23 H N N 164 
ILE HD11 H N N 165 
ILE HD12 H N N 166 
ILE HD13 H N N 167 
ILE HXT  H N N 168 
LEU N    N N N 169 
LEU CA   C N S 170 
LEU C    C N N 171 
LEU O    O N N 172 
LEU CB   C N N 173 
LEU CG   C N N 174 
LEU CD1  C N N 175 
LEU CD2  C N N 176 
LEU OXT  O N N 177 
LEU H    H N N 178 
LEU H2   H N N 179 
LEU HA   H N N 180 
LEU HB2  H N N 181 
LEU HB3  H N N 182 
LEU HG   H N N 183 
LEU HD11 H N N 184 
LEU HD12 H N N 185 
LEU HD13 H N N 186 
LEU HD21 H N N 187 
LEU HD22 H N N 188 
LEU HD23 H N N 189 
LEU HXT  H N N 190 
LYS N    N N N 191 
LYS CA   C N S 192 
LYS C    C N N 193 
LYS O    O N N 194 
LYS CB   C N N 195 
LYS CG   C N N 196 
LYS CD   C N N 197 
LYS CE   C N N 198 
LYS NZ   N N N 199 
LYS OXT  O N N 200 
LYS H    H N N 201 
LYS H2   H N N 202 
LYS HA   H N N 203 
LYS HB2  H N N 204 
LYS HB3  H N N 205 
LYS HG2  H N N 206 
LYS HG3  H N N 207 
LYS HD2  H N N 208 
LYS HD3  H N N 209 
LYS HE2  H N N 210 
LYS HE3  H N N 211 
LYS HZ1  H N N 212 
LYS HZ2  H N N 213 
LYS HZ3  H N N 214 
LYS HXT  H N N 215 
MET N    N N N 216 
MET CA   C N S 217 
MET C    C N N 218 
MET O    O N N 219 
MET CB   C N N 220 
MET CG   C N N 221 
MET SD   S N N 222 
MET CE   C N N 223 
MET OXT  O N N 224 
MET H    H N N 225 
MET H2   H N N 226 
MET HA   H N N 227 
MET HB2  H N N 228 
MET HB3  H N N 229 
MET HG2  H N N 230 
MET HG3  H N N 231 
MET HE1  H N N 232 
MET HE2  H N N 233 
MET HE3  H N N 234 
MET HXT  H N N 235 
PHE N    N N N 236 
PHE CA   C N S 237 
PHE C    C N N 238 
PHE O    O N N 239 
PHE CB   C N N 240 
PHE CG   C Y N 241 
PHE CD1  C Y N 242 
PHE CD2  C Y N 243 
PHE CE1  C Y N 244 
PHE CE2  C Y N 245 
PHE CZ   C Y N 246 
PHE OXT  O N N 247 
PHE H    H N N 248 
PHE H2   H N N 249 
PHE HA   H N N 250 
PHE HB2  H N N 251 
PHE HB3  H N N 252 
PHE HD1  H N N 253 
PHE HD2  H N N 254 
PHE HE1  H N N 255 
PHE HE2  H N N 256 
PHE HZ   H N N 257 
PHE HXT  H N N 258 
PRO N    N N N 259 
PRO CA   C N S 260 
PRO C    C N N 261 
PRO O    O N N 262 
PRO CB   C N N 263 
PRO CG   C N N 264 
PRO CD   C N N 265 
PRO OXT  O N N 266 
PRO H    H N N 267 
PRO HA   H N N 268 
PRO HB2  H N N 269 
PRO HB3  H N N 270 
PRO HG2  H N N 271 
PRO HG3  H N N 272 
PRO HD2  H N N 273 
PRO HD3  H N N 274 
PRO HXT  H N N 275 
SER N    N N N 276 
SER CA   C N S 277 
SER C    C N N 278 
SER O    O N N 279 
SER CB   C N N 280 
SER OG   O N N 281 
SER OXT  O N N 282 
SER H    H N N 283 
SER H2   H N N 284 
SER HA   H N N 285 
SER HB2  H N N 286 
SER HB3  H N N 287 
SER HG   H N N 288 
SER HXT  H N N 289 
THR N    N N N 290 
THR CA   C N S 291 
THR C    C N N 292 
THR O    O N N 293 
THR CB   C N R 294 
THR OG1  O N N 295 
THR CG2  C N N 296 
THR OXT  O N N 297 
THR H    H N N 298 
THR H2   H N N 299 
THR HA   H N N 300 
THR HB   H N N 301 
THR HG1  H N N 302 
THR HG21 H N N 303 
THR HG22 H N N 304 
THR HG23 H N N 305 
THR HXT  H N N 306 
TRP N    N N N 307 
TRP CA   C N S 308 
TRP C    C N N 309 
TRP O    O N N 310 
TRP CB   C N N 311 
TRP CG   C Y N 312 
TRP CD1  C Y N 313 
TRP CD2  C Y N 314 
TRP NE1  N Y N 315 
TRP CE2  C Y N 316 
TRP CE3  C Y N 317 
TRP CZ2  C Y N 318 
TRP CZ3  C Y N 319 
TRP CH2  C Y N 320 
TRP OXT  O N N 321 
TRP H    H N N 322 
TRP H2   H N N 323 
TRP HA   H N N 324 
TRP HB2  H N N 325 
TRP HB3  H N N 326 
TRP HD1  H N N 327 
TRP HE1  H N N 328 
TRP HE3  H N N 329 
TRP HZ2  H N N 330 
TRP HZ3  H N N 331 
TRP HH2  H N N 332 
TRP HXT  H N N 333 
TYR N    N N N 334 
TYR CA   C N S 335 
TYR C    C N N 336 
TYR O    O N N 337 
TYR CB   C N N 338 
TYR CG   C Y N 339 
TYR CD1  C Y N 340 
TYR CD2  C Y N 341 
TYR CE1  C Y N 342 
TYR CE2  C Y N 343 
TYR CZ   C Y N 344 
TYR OH   O N N 345 
TYR OXT  O N N 346 
TYR H    H N N 347 
TYR H2   H N N 348 
TYR HA   H N N 349 
TYR HB2  H N N 350 
TYR HB3  H N N 351 
TYR HD1  H N N 352 
TYR HD2  H N N 353 
TYR HE1  H N N 354 
TYR HE2  H N N 355 
TYR HH   H N N 356 
TYR HXT  H N N 357 
VAL N    N N N 358 
VAL CA   C N S 359 
VAL C    C N N 360 
VAL O    O N N 361 
VAL CB   C N N 362 
VAL CG1  C N N 363 
VAL CG2  C N N 364 
VAL OXT  O N N 365 
VAL H    H N N 366 
VAL H2   H N N 367 
VAL HA   H N N 368 
VAL HB   H N N 369 
VAL HG11 H N N 370 
VAL HG12 H N N 371 
VAL HG13 H N N 372 
VAL HG21 H N N 373 
VAL HG22 H N N 374 
VAL HG23 H N N 375 
VAL HXT  H N N 376 
# 
loop_
_chem_comp_bond.comp_id 
_chem_comp_bond.atom_id_1 
_chem_comp_bond.atom_id_2 
_chem_comp_bond.value_order 
_chem_comp_bond.pdbx_aromatic_flag 
_chem_comp_bond.pdbx_stereo_config 
_chem_comp_bond.pdbx_ordinal 
ALA N   CA   sing N N 1   
ALA N   H    sing N N 2   
ALA N   H2   sing N N 3   
ALA CA  C    sing N N 4   
ALA CA  CB   sing N N 5   
ALA CA  HA   sing N N 6   
ALA C   O    doub N N 7   
ALA C   OXT  sing N N 8   
ALA CB  HB1  sing N N 9   
ALA CB  HB2  sing N N 10  
ALA CB  HB3  sing N N 11  
ALA OXT HXT  sing N N 12  
ARG N   CA   sing N N 13  
ARG N   H    sing N N 14  
ARG N   H2   sing N N 15  
ARG CA  C    sing N N 16  
ARG CA  CB   sing N N 17  
ARG CA  HA   sing N N 18  
ARG C   O    doub N N 19  
ARG C   OXT  sing N N 20  
ARG CB  CG   sing N N 21  
ARG CB  HB2  sing N N 22  
ARG CB  HB3  sing N N 23  
ARG CG  CD   sing N N 24  
ARG CG  HG2  sing N N 25  
ARG CG  HG3  sing N N 26  
ARG CD  NE   sing N N 27  
ARG CD  HD2  sing N N 28  
ARG CD  HD3  sing N N 29  
ARG NE  CZ   sing N N 30  
ARG NE  HE   sing N N 31  
ARG CZ  NH1  sing N N 32  
ARG CZ  NH2  doub N N 33  
ARG NH1 HH11 sing N N 34  
ARG NH1 HH12 sing N N 35  
ARG NH2 HH21 sing N N 36  
ARG NH2 HH22 sing N N 37  
ARG OXT HXT  sing N N 38  
ASN N   CA   sing N N 39  
ASN N   H    sing N N 40  
ASN N   H2   sing N N 41  
ASN CA  C    sing N N 42  
ASN CA  CB   sing N N 43  
ASN CA  HA   sing N N 44  
ASN C   O    doub N N 45  
ASN C   OXT  sing N N 46  
ASN CB  CG   sing N N 47  
ASN CB  HB2  sing N N 48  
ASN CB  HB3  sing N N 49  
ASN CG  OD1  doub N N 50  
ASN CG  ND2  sing N N 51  
ASN ND2 HD21 sing N N 52  
ASN ND2 HD22 sing N N 53  
ASN OXT HXT  sing N N 54  
ASP N   CA   sing N N 55  
ASP N   H    sing N N 56  
ASP N   H2   sing N N 57  
ASP CA  C    sing N N 58  
ASP CA  CB   sing N N 59  
ASP CA  HA   sing N N 60  
ASP C   O    doub N N 61  
ASP C   OXT  sing N N 62  
ASP CB  CG   sing N N 63  
ASP CB  HB2  sing N N 64  
ASP CB  HB3  sing N N 65  
ASP CG  OD1  doub N N 66  
ASP CG  OD2  sing N N 67  
ASP OD2 HD2  sing N N 68  
ASP OXT HXT  sing N N 69  
GLN N   CA   sing N N 70  
GLN N   H    sing N N 71  
GLN N   H2   sing N N 72  
GLN CA  C    sing N N 73  
GLN CA  CB   sing N N 74  
GLN CA  HA   sing N N 75  
GLN C   O    doub N N 76  
GLN C   OXT  sing N N 77  
GLN CB  CG   sing N N 78  
GLN CB  HB2  sing N N 79  
GLN CB  HB3  sing N N 80  
GLN CG  CD   sing N N 81  
GLN CG  HG2  sing N N 82  
GLN CG  HG3  sing N N 83  
GLN CD  OE1  doub N N 84  
GLN CD  NE2  sing N N 85  
GLN NE2 HE21 sing N N 86  
GLN NE2 HE22 sing N N 87  
GLN OXT HXT  sing N N 88  
GLU N   CA   sing N N 89  
GLU N   H    sing N N 90  
GLU N   H2   sing N N 91  
GLU CA  C    sing N N 92  
GLU CA  CB   sing N N 93  
GLU CA  HA   sing N N 94  
GLU C   O    doub N N 95  
GLU C   OXT  sing N N 96  
GLU CB  CG   sing N N 97  
GLU CB  HB2  sing N N 98  
GLU CB  HB3  sing N N 99  
GLU CG  CD   sing N N 100 
GLU CG  HG2  sing N N 101 
GLU CG  HG3  sing N N 102 
GLU CD  OE1  doub N N 103 
GLU CD  OE2  sing N N 104 
GLU OE2 HE2  sing N N 105 
GLU OXT HXT  sing N N 106 
GLY N   CA   sing N N 107 
GLY N   H    sing N N 108 
GLY N   H2   sing N N 109 
GLY CA  C    sing N N 110 
GLY CA  HA2  sing N N 111 
GLY CA  HA3  sing N N 112 
GLY C   O    doub N N 113 
GLY C   OXT  sing N N 114 
GLY OXT HXT  sing N N 115 
HIS N   CA   sing N N 116 
HIS N   H    sing N N 117 
HIS N   H2   sing N N 118 
HIS CA  C    sing N N 119 
HIS CA  CB   sing N N 120 
HIS CA  HA   sing N N 121 
HIS C   O    doub N N 122 
HIS C   OXT  sing N N 123 
HIS CB  CG   sing N N 124 
HIS CB  HB2  sing N N 125 
HIS CB  HB3  sing N N 126 
HIS CG  ND1  sing Y N 127 
HIS CG  CD2  doub Y N 128 
HIS ND1 CE1  doub Y N 129 
HIS ND1 HD1  sing N N 130 
HIS CD2 NE2  sing Y N 131 
HIS CD2 HD2  sing N N 132 
HIS CE1 NE2  sing Y N 133 
HIS CE1 HE1  sing N N 134 
HIS NE2 HE2  sing N N 135 
HIS OXT HXT  sing N N 136 
HOH O   H1   sing N N 137 
HOH O   H2   sing N N 138 
ILE N   CA   sing N N 139 
ILE N   H    sing N N 140 
ILE N   H2   sing N N 141 
ILE CA  C    sing N N 142 
ILE CA  CB   sing N N 143 
ILE CA  HA   sing N N 144 
ILE C   O    doub N N 145 
ILE C   OXT  sing N N 146 
ILE CB  CG1  sing N N 147 
ILE CB  CG2  sing N N 148 
ILE CB  HB   sing N N 149 
ILE CG1 CD1  sing N N 150 
ILE CG1 HG12 sing N N 151 
ILE CG1 HG13 sing N N 152 
ILE CG2 HG21 sing N N 153 
ILE CG2 HG22 sing N N 154 
ILE CG2 HG23 sing N N 155 
ILE CD1 HD11 sing N N 156 
ILE CD1 HD12 sing N N 157 
ILE CD1 HD13 sing N N 158 
ILE OXT HXT  sing N N 159 
LEU N   CA   sing N N 160 
LEU N   H    sing N N 161 
LEU N   H2   sing N N 162 
LEU CA  C    sing N N 163 
LEU CA  CB   sing N N 164 
LEU CA  HA   sing N N 165 
LEU C   O    doub N N 166 
LEU C   OXT  sing N N 167 
LEU CB  CG   sing N N 168 
LEU CB  HB2  sing N N 169 
LEU CB  HB3  sing N N 170 
LEU CG  CD1  sing N N 171 
LEU CG  CD2  sing N N 172 
LEU CG  HG   sing N N 173 
LEU CD1 HD11 sing N N 174 
LEU CD1 HD12 sing N N 175 
LEU CD1 HD13 sing N N 176 
LEU CD2 HD21 sing N N 177 
LEU CD2 HD22 sing N N 178 
LEU CD2 HD23 sing N N 179 
LEU OXT HXT  sing N N 180 
LYS N   CA   sing N N 181 
LYS N   H    sing N N 182 
LYS N   H2   sing N N 183 
LYS CA  C    sing N N 184 
LYS CA  CB   sing N N 185 
LYS CA  HA   sing N N 186 
LYS C   O    doub N N 187 
LYS C   OXT  sing N N 188 
LYS CB  CG   sing N N 189 
LYS CB  HB2  sing N N 190 
LYS CB  HB3  sing N N 191 
LYS CG  CD   sing N N 192 
LYS CG  HG2  sing N N 193 
LYS CG  HG3  sing N N 194 
LYS CD  CE   sing N N 195 
LYS CD  HD2  sing N N 196 
LYS CD  HD3  sing N N 197 
LYS CE  NZ   sing N N 198 
LYS CE  HE2  sing N N 199 
LYS CE  HE3  sing N N 200 
LYS NZ  HZ1  sing N N 201 
LYS NZ  HZ2  sing N N 202 
LYS NZ  HZ3  sing N N 203 
LYS OXT HXT  sing N N 204 
MET N   CA   sing N N 205 
MET N   H    sing N N 206 
MET N   H2   sing N N 207 
MET CA  C    sing N N 208 
MET CA  CB   sing N N 209 
MET CA  HA   sing N N 210 
MET C   O    doub N N 211 
MET C   OXT  sing N N 212 
MET CB  CG   sing N N 213 
MET CB  HB2  sing N N 214 
MET CB  HB3  sing N N 215 
MET CG  SD   sing N N 216 
MET CG  HG2  sing N N 217 
MET CG  HG3  sing N N 218 
MET SD  CE   sing N N 219 
MET CE  HE1  sing N N 220 
MET CE  HE2  sing N N 221 
MET CE  HE3  sing N N 222 
MET OXT HXT  sing N N 223 
PHE N   CA   sing N N 224 
PHE N   H    sing N N 225 
PHE N   H2   sing N N 226 
PHE CA  C    sing N N 227 
PHE CA  CB   sing N N 228 
PHE CA  HA   sing N N 229 
PHE C   O    doub N N 230 
PHE C   OXT  sing N N 231 
PHE CB  CG   sing N N 232 
PHE CB  HB2  sing N N 233 
PHE CB  HB3  sing N N 234 
PHE CG  CD1  doub Y N 235 
PHE CG  CD2  sing Y N 236 
PHE CD1 CE1  sing Y N 237 
PHE CD1 HD1  sing N N 238 
PHE CD2 CE2  doub Y N 239 
PHE CD2 HD2  sing N N 240 
PHE CE1 CZ   doub Y N 241 
PHE CE1 HE1  sing N N 242 
PHE CE2 CZ   sing Y N 243 
PHE CE2 HE2  sing N N 244 
PHE CZ  HZ   sing N N 245 
PHE OXT HXT  sing N N 246 
PRO N   CA   sing N N 247 
PRO N   CD   sing N N 248 
PRO N   H    sing N N 249 
PRO CA  C    sing N N 250 
PRO CA  CB   sing N N 251 
PRO CA  HA   sing N N 252 
PRO C   O    doub N N 253 
PRO C   OXT  sing N N 254 
PRO CB  CG   sing N N 255 
PRO CB  HB2  sing N N 256 
PRO CB  HB3  sing N N 257 
PRO CG  CD   sing N N 258 
PRO CG  HG2  sing N N 259 
PRO CG  HG3  sing N N 260 
PRO CD  HD2  sing N N 261 
PRO CD  HD3  sing N N 262 
PRO OXT HXT  sing N N 263 
SER N   CA   sing N N 264 
SER N   H    sing N N 265 
SER N   H2   sing N N 266 
SER CA  C    sing N N 267 
SER CA  CB   sing N N 268 
SER CA  HA   sing N N 269 
SER C   O    doub N N 270 
SER C   OXT  sing N N 271 
SER CB  OG   sing N N 272 
SER CB  HB2  sing N N 273 
SER CB  HB3  sing N N 274 
SER OG  HG   sing N N 275 
SER OXT HXT  sing N N 276 
THR N   CA   sing N N 277 
THR N   H    sing N N 278 
THR N   H2   sing N N 279 
THR CA  C    sing N N 280 
THR CA  CB   sing N N 281 
THR CA  HA   sing N N 282 
THR C   O    doub N N 283 
THR C   OXT  sing N N 284 
THR CB  OG1  sing N N 285 
THR CB  CG2  sing N N 286 
THR CB  HB   sing N N 287 
THR OG1 HG1  sing N N 288 
THR CG2 HG21 sing N N 289 
THR CG2 HG22 sing N N 290 
THR CG2 HG23 sing N N 291 
THR OXT HXT  sing N N 292 
TRP N   CA   sing N N 293 
TRP N   H    sing N N 294 
TRP N   H2   sing N N 295 
TRP CA  C    sing N N 296 
TRP CA  CB   sing N N 297 
TRP CA  HA   sing N N 298 
TRP C   O    doub N N 299 
TRP C   OXT  sing N N 300 
TRP CB  CG   sing N N 301 
TRP CB  HB2  sing N N 302 
TRP CB  HB3  sing N N 303 
TRP CG  CD1  doub Y N 304 
TRP CG  CD2  sing Y N 305 
TRP CD1 NE1  sing Y N 306 
TRP CD1 HD1  sing N N 307 
TRP CD2 CE2  doub Y N 308 
TRP CD2 CE3  sing Y N 309 
TRP NE1 CE2  sing Y N 310 
TRP NE1 HE1  sing N N 311 
TRP CE2 CZ2  sing Y N 312 
TRP CE3 CZ3  doub Y N 313 
TRP CE3 HE3  sing N N 314 
TRP CZ2 CH2  doub Y N 315 
TRP CZ2 HZ2  sing N N 316 
TRP CZ3 CH2  sing Y N 317 
TRP CZ3 HZ3  sing N N 318 
TRP CH2 HH2  sing N N 319 
TRP OXT HXT  sing N N 320 
TYR N   CA   sing N N 321 
TYR N   H    sing N N 322 
TYR N   H2   sing N N 323 
TYR CA  C    sing N N 324 
TYR CA  CB   sing N N 325 
TYR CA  HA   sing N N 326 
TYR C   O    doub N N 327 
TYR C   OXT  sing N N 328 
TYR CB  CG   sing N N 329 
TYR CB  HB2  sing N N 330 
TYR CB  HB3  sing N N 331 
TYR CG  CD1  doub Y N 332 
TYR CG  CD2  sing Y N 333 
TYR CD1 CE1  sing Y N 334 
TYR CD1 HD1  sing N N 335 
TYR CD2 CE2  doub Y N 336 
TYR CD2 HD2  sing N N 337 
TYR CE1 CZ   doub Y N 338 
TYR CE1 HE1  sing N N 339 
TYR CE2 CZ   sing Y N 340 
TYR CE2 HE2  sing N N 341 
TYR CZ  OH   sing N N 342 
TYR OH  HH   sing N N 343 
TYR OXT HXT  sing N N 344 
VAL N   CA   sing N N 345 
VAL N   H    sing N N 346 
VAL N   H2   sing N N 347 
VAL CA  C    sing N N 348 
VAL CA  CB   sing N N 349 
VAL CA  HA   sing N N 350 
VAL C   O    doub N N 351 
VAL C   OXT  sing N N 352 
VAL CB  CG1  sing N N 353 
VAL CB  CG2  sing N N 354 
VAL CB  HB   sing N N 355 
VAL CG1 HG11 sing N N 356 
VAL CG1 HG12 sing N N 357 
VAL CG1 HG13 sing N N 358 
VAL CG2 HG21 sing N N 359 
VAL CG2 HG22 sing N N 360 
VAL CG2 HG23 sing N N 361 
VAL OXT HXT  sing N N 362 
# 
_pdbx_audit_support.funding_organization   'Not funded' 
_pdbx_audit_support.country                ? 
_pdbx_audit_support.grant_number           ? 
_pdbx_audit_support.ordinal                1 
# 
_pdbx_initial_refinement_model.id               1 
_pdbx_initial_refinement_model.entity_id_list   ? 
_pdbx_initial_refinement_model.type             'experimental model' 
_pdbx_initial_refinement_model.source_name      Other 
_pdbx_initial_refinement_model.accession_code   ? 
_pdbx_initial_refinement_model.details          'ARCIMBOLDO light' 
# 
_atom_sites.entry_id                    8Q2G 
_atom_sites.Cartn_transf_matrix[1][1]   ? 
_atom_sites.Cartn_transf_matrix[1][2]   ? 
_atom_sites.Cartn_transf_matrix[1][3]   ? 
_atom_sites.Cartn_transf_matrix[2][1]   ? 
_atom_sites.Cartn_transf_matrix[2][2]   ? 
_atom_sites.Cartn_transf_matrix[2][3]   ? 
_atom_sites.Cartn_transf_matrix[3][1]   ? 
_atom_sites.Cartn_transf_matrix[3][2]   ? 
_atom_sites.Cartn_transf_matrix[3][3]   ? 
_atom_sites.Cartn_transf_vector[1]      ? 
_atom_sites.Cartn_transf_vector[2]      ? 
_atom_sites.Cartn_transf_vector[3]      ? 
_atom_sites.Cartn_transform_axes        ? 
_atom_sites.fract_transf_matrix[1][1]   -0.01225627 
_atom_sites.fract_transf_matrix[1][2]   -0.00133650 
_atom_sites.fract_transf_matrix[1][3]   0.00480728 
_atom_sites.fract_transf_matrix[2][1]   -0.00457422 
_atom_sites.fract_transf_matrix[2][2]   0.00358393 
_atom_sites.fract_transf_matrix[2][3]   -0.01066570 
_atom_sites.fract_transf_matrix[3][1]   -0.00028643 
_atom_sites.fract_transf_matrix[3][2]   -0.01470694 
_atom_sites.fract_transf_matrix[3][3]   -0.00481904 
_atom_sites.fract_transf_vector[1]      -0.316029 
_atom_sites.fract_transf_vector[2]      0.077165 
_atom_sites.fract_transf_vector[3]      0.239921 
_atom_sites.solution_primary            ? 
_atom_sites.solution_secondary          ? 
_atom_sites.solution_hydrogens          ? 
_atom_sites.special_details             ? 
# 
loop_
_atom_type.symbol 
_atom_type.pdbx_scat_Z 
_atom_type.pdbx_N_electrons 
_atom_type.scat_Cromer_Mann_a1 
_atom_type.scat_Cromer_Mann_b1 
_atom_type.scat_Cromer_Mann_a2 
_atom_type.scat_Cromer_Mann_b2 
_atom_type.scat_Cromer_Mann_a3 
_atom_type.scat_Cromer_Mann_b3 
_atom_type.scat_Cromer_Mann_a4 
_atom_type.scat_Cromer_Mann_b4 
C 6  6  2.310  20.844 1.020 10.208 1.589 0.569  0.865 51.651 
N 7  7  12.222 0.006  3.135 9.893  2.014 28.997 1.167 0.583  
O 8  8  3.049  13.277 2.287 5.701  1.546 0.324  0.867 32.909 
S 16 16 6.905  1.468  5.203 22.215 1.438 0.254  1.586 56.172 
# 
loop_
_atom_site.group_PDB 
_atom_site.id 
_atom_site.type_symbol 
_atom_site.label_atom_id 
_atom_site.label_alt_id 
_atom_site.label_comp_id 
_atom_site.label_asym_id 
_atom_site.label_entity_id 
_atom_site.label_seq_id 
_atom_site.pdbx_PDB_ins_code 
_atom_site.Cartn_x 
_atom_site.Cartn_y 
_atom_site.Cartn_z 
_atom_site.occupancy 
_atom_site.B_iso_or_equiv 
_atom_site.pdbx_formal_charge 
_atom_site.auth_seq_id 
_atom_site.auth_comp_id 
_atom_site.auth_asym_id 
_atom_site.auth_atom_id 
_atom_site.pdbx_PDB_model_num 
_atom_site.calc_flag 
ATOM   1    N N   . LEU A 1 4   ? -6.586  -17.957 8.512   1.000 69.461  0 1   LEU A N   1 ? 
ATOM   2    C CA  . LEU A 1 4   ? -7.144  -17.011 7.493   1.000 70.828  0 1   LEU A CA  1 ? 
ATOM   3    C C   . LEU A 1 4   ? -7.374  -15.658 8.165   1.000 70.462  0 1   LEU A C   1 ? 
ATOM   4    O O   . LEU A 1 4   ? -8.278  -15.515 8.991   1.000 67.134  0 1   LEU A O   1 ? 
ATOM   5    C CB  . LEU A 1 4   ? -8.437  -17.612 6.916   1.000 70.871  0 1   LEU A CB  1 ? 
ATOM   6    C CG  . LEU A 1 4   ? -9.221  -16.771 5.900   1.000 68.700  0 1   LEU A CG  1 ? 
ATOM   7    C CD1 . LEU A 1 4   ? -8.745  -17.019 4.473   1.000 60.734  0 1   LEU A CD1 1 ? 
ATOM   8    C CD2 . LEU A 1 4   ? -10.711 -17.069 6.006   1.000 67.962  0 1   LEU A CD2 1 ? 
ATOM   9    N N   . SER A 1 5   ? -6.522  -14.681 7.815   1.000 65.648  0 2   SER A N   1 ? 
ATOM   10   C CA  . SER A 1 5   ? -6.637  -13.320 8.318   1.000 60.669  0 2   SER A CA  1 ? 
ATOM   11   C C   . SER A 1 5   ? -7.839  -12.646 7.657   1.000 61.100  0 2   SER A C   1 ? 
ATOM   12   O O   . SER A 1 5   ? -7.949  -12.637 6.434   1.000 63.381  0 2   SER A O   1 ? 
ATOM   13   C CB  . SER A 1 5   ? -5.353  -12.541 8.097   1.000 59.883  0 2   SER A CB  1 ? 
ATOM   14   O OG  . SER A 1 5   ? -4.209  -13.209 8.647   1.000 62.849  0 2   SER A OG  1 ? 
ATOM   15   N N   . GLN A 1 6   ? -8.752  -12.109 8.472   1.000 65.865  0 3   GLN A N   1 ? 
ATOM   16   C CA  . GLN A 1 6   ? -9.935  -11.424 7.972   1.000 70.595  0 3   GLN A CA  1 ? 
ATOM   17   C C   . GLN A 1 6   ? -9.732  -9.913  8.106   1.000 79.732  0 3   GLN A C   1 ? 
ATOM   18   O O   . GLN A 1 6   ? -9.165  -9.440  9.089   1.000 82.120  0 3   GLN A O   1 ? 
ATOM   19   C CB  . GLN A 1 6   ? -11.172 -11.910 8.729   1.000 73.026  0 3   GLN A CB  1 ? 
ATOM   20   C CG  . GLN A 1 6   ? -12.465 -11.199 8.346   1.000 81.345  0 3   GLN A CG  1 ? 
ATOM   21   C CD  . GLN A 1 6   ? -13.379 -10.944 9.525   1.000 88.778  0 3   GLN A CD  1 ? 
ATOM   22   O OE1 . GLN A 1 6   ? -13.010 -11.137 10.686  1.000 84.453  0 3   GLN A OE1 1 ? 
ATOM   23   N NE2 . GLN A 1 6   ? -14.590 -10.492 9.235   1.000 89.403  0 3   GLN A NE2 1 ? 
ATOM   24   N N   . ARG A 1 7   ? -10.213 -9.164  7.104   1.000 86.217  0 4   ARG A N   1 ? 
ATOM   25   C CA  . ARG A 1 7   ? -9.989  -7.729  7.001   1.000 79.866  0 4   ARG A CA  1 ? 
ATOM   26   C C   . ARG A 1 7   ? -11.177 -6.975  7.602   1.000 78.204  0 4   ARG A C   1 ? 
ATOM   27   O O   . ARG A 1 7   ? -12.325 -7.388  7.434   1.000 75.554  0 4   ARG A O   1 ? 
ATOM   28   C CB  . ARG A 1 7   ? -9.721  -7.362  5.535   1.000 82.487  0 4   ARG A CB  1 ? 
ATOM   29   C CG  . ARG A 1 7   ? -8.694  -6.257  5.320   1.000 91.877  0 4   ARG A CG  1 ? 
ATOM   30   C CD  . ARG A 1 7   ? -7.520  -6.292  6.288   1.000 107.411 0 4   ARG A CD  1 ? 
ATOM   31   N NE  . ARG A 1 7   ? -7.827  -5.638  7.561   1.000 119.258 0 4   ARG A NE  1 ? 
ATOM   32   C CZ  . ARG A 1 7   ? -7.502  -6.100  8.768   1.000 116.264 0 4   ARG A CZ  1 ? 
ATOM   33   N NH1 . ARG A 1 7   ? -6.854  -7.248  8.898   1.000 104.635 0 4   ARG A NH1 1 ? 
ATOM   34   N NH2 . ARG A 1 7   ? -7.848  -5.415  9.844   1.000 118.756 0 4   ARG A NH2 1 ? 
ATOM   35   N N   . SER A 1 8   ? -10.888 -5.868  8.306   1.000 79.114  0 5   SER A N   1 ? 
ATOM   36   C CA  . SER A 1 8   ? -11.924 -5.042  8.917   1.000 83.505  0 5   SER A CA  1 ? 
ATOM   37   C C   . SER A 1 8   ? -12.551 -4.120  7.871   1.000 86.777  0 5   SER A C   1 ? 
ATOM   38   O O   . SER A 1 8   ? -12.446 -4.374  6.671   1.000 92.813  0 5   SER A O   1 ? 
ATOM   39   C CB  . SER A 1 8   ? -11.397 -4.269  10.107  1.000 81.469  0 5   SER A CB  1 ? 
ATOM   40   O OG  . SER A 1 8   ? -10.556 -3.199  9.702   1.000 75.252  0 5   SER A OG  1 ? 
ATOM   41   N N   . LYS A 1 9   ? -13.212 -3.052  8.334   1.000 88.807  0 6   LYS A N   1 ? 
ATOM   42   C CA  . LYS A 1 9   ? -13.718 -2.034  7.424   1.000 85.236  0 6   LYS A CA  1 ? 
ATOM   43   C C   . LYS A 1 9   ? -12.542 -1.194  6.925   1.000 83.002  0 6   LYS A C   1 ? 
ATOM   44   O O   . LYS A 1 9   ? -12.032 -0.328  7.643   1.000 67.444  0 6   LYS A O   1 ? 
ATOM   45   C CB  . LYS A 1 9   ? -14.852 -1.222  8.058   1.000 80.490  0 6   LYS A CB  1 ? 
ATOM   46   C CG  . LYS A 1 9   ? -15.915 -2.034  8.799   1.000 79.394  0 6   LYS A CG  1 ? 
ATOM   47   C CD  . LYS A 1 9   ? -16.497 -3.215  8.032   1.000 74.590  0 6   LYS A CD  1 ? 
ATOM   48   C CE  . LYS A 1 9   ? -17.566 -2.843  7.026   1.000 69.074  0 6   LYS A CE  1 ? 
ATOM   49   N NZ  . LYS A 1 9   ? -16.979 -2.281  5.787   1.000 67.015  0 6   LYS A NZ  1 ? 
ATOM   50   N N   . ASP A 1 10  ? -12.098 -1.519  5.700   1.000 83.458  0 7   ASP A N   1 ? 
ATOM   51   C CA  . ASP A 1 10  ? -10.932 -0.913  5.075   1.000 84.188  0 7   ASP A CA  1 ? 
ATOM   52   C C   . ASP A 1 10  ? -11.316 -0.284  3.735   1.000 91.077  0 7   ASP A C   1 ? 
ATOM   53   O O   . ASP A 1 10  ? -11.970 -0.912  2.896   1.000 80.574  0 7   ASP A O   1 ? 
ATOM   54   C CB  . ASP A 1 10  ? -9.759  -1.894  4.975   1.000 73.427  0 7   ASP A CB  1 ? 
ATOM   55   C CG  . ASP A 1 10  ? -9.124  -2.236  6.315   1.000 71.885  0 7   ASP A CG  1 ? 
ATOM   56   O OD1 . ASP A 1 10  ? -9.876  -2.461  7.282   1.000 69.648  0 7   ASP A OD1 1 ? 
ATOM   57   O OD2 . ASP A 1 10  ? -7.877  -2.281  6.385   1.000 65.185  0 7   ASP A OD2 1 ? 
ATOM   58   N N   . ARG A 1 11  ? -10.901 0.982   3.568   1.000 88.665  0 8   ARG A N   1 ? 
ATOM   59   C CA  . ARG A 1 11  ? -11.216 1.772   2.392   1.000 81.646  0 8   ARG A CA  1 ? 
ATOM   60   C C   . ARG A 1 11  ? -10.234 1.446   1.270   1.000 78.263  0 8   ARG A C   1 ? 
ATOM   61   O O   . ARG A 1 11  ? -9.263  2.174   1.030   1.000 64.571  0 8   ARG A O   1 ? 
ATOM   62   C CB  . ARG A 1 11  ? -11.308 3.262   2.736   1.000 95.147  0 8   ARG A CB  1 ? 
ATOM   63   C CG  . ARG A 1 11  ? -12.499 3.616   3.618   1.000 101.382 0 8   ARG A CG  1 ? 
ATOM   64   C CD  . ARG A 1 11  ? -13.812 3.102   3.050   1.000 94.151  0 8   ARG A CD  1 ? 
ATOM   65   N NE  . ARG A 1 11  ? -14.605 2.400   4.053   1.000 86.164  0 8   ARG A NE  1 ? 
ATOM   66   C CZ  . ARG A 1 11  ? -14.664 1.079   4.191   1.000 78.042  0 8   ARG A CZ  1 ? 
ATOM   67   N NH1 . ARG A 1 11  ? -13.979 0.291   3.379   1.000 71.854  0 8   ARG A NH1 1 ? 
ATOM   68   N NH2 . ARG A 1 11  ? -15.420 0.555   5.137   1.000 76.139  0 8   ARG A NH2 1 ? 
ATOM   69   N N   . LEU A 1 12  ? -10.517 0.309   0.618   1.000 69.265  0 9   LEU A N   1 ? 
ATOM   70   C CA  . LEU A 1 12  ? -9.992  -0.033  -0.692  1.000 62.712  0 9   LEU A CA  1 ? 
ATOM   71   C C   . LEU A 1 12  ? -10.942 0.540   -1.742  1.000 61.830  0 9   LEU A C   1 ? 
ATOM   72   O O   . LEU A 1 12  ? -10.626 0.560   -2.932  1.000 62.912  0 9   LEU A O   1 ? 
ATOM   73   C CB  . LEU A 1 12  ? -9.904  -1.560  -0.799  1.000 60.670  0 9   LEU A CB  1 ? 
ATOM   74   C CG  . LEU A 1 12  ? -8.605  -2.195  -0.297  1.000 61.309  0 9   LEU A CG  1 ? 
ATOM   75   C CD1 . LEU A 1 12  ? -7.891  -1.296  0.698   1.000 63.976  0 9   LEU A CD1 1 ? 
ATOM   76   C CD2 . LEU A 1 12  ? -8.858  -3.564  0.315   1.000 56.636  0 9   LEU A CD2 1 ? 
ATOM   77   N N   . VAL A 1 13  ? -12.107 1.010   -1.270  1.000 56.329  0 10  VAL A N   1 ? 
ATOM   78   C CA  . VAL A 1 13  ? -13.172 1.548   -2.106  1.000 50.963  0 10  VAL A CA  1 ? 
ATOM   79   C C   . VAL A 1 13  ? -12.613 2.699   -2.951  1.000 47.706  0 10  VAL A C   1 ? 
ATOM   80   O O   . VAL A 1 13  ? -12.180 3.722   -2.417  1.000 45.955  0 10  VAL A O   1 ? 
ATOM   81   C CB  . VAL A 1 13  ? -14.375 1.977   -1.240  1.000 49.263  0 10  VAL A CB  1 ? 
ATOM   82   C CG1 . VAL A 1 13  ? -15.547 2.475   -2.073  1.000 47.617  0 10  VAL A CG1 1 ? 
ATOM   83   C CG2 . VAL A 1 13  ? -14.822 0.859   -0.315  1.000 46.290  0 10  VAL A CG2 1 ? 
ATOM   84   N N   . GLY A 1 14  ? -12.613 2.507   -4.274  1.000 40.530  0 11  GLY A N   1 ? 
ATOM   85   C CA  . GLY A 1 14  ? -11.995 3.464   -5.177  1.000 39.449  0 11  GLY A CA  1 ? 
ATOM   86   C C   . GLY A 1 14  ? -10.545 3.097   -5.497  1.000 42.978  0 11  GLY A C   1 ? 
ATOM   87   O O   . GLY A 1 14  ? -9.920  3.692   -6.383  1.000 41.974  0 11  GLY A O   1 ? 
ATOM   88   N N   . VAL A 1 15  ? -10.012 2.096   -4.786  1.000 41.638  0 12  VAL A N   1 ? 
ATOM   89   C CA  . VAL A 1 15  ? -8.692  1.605   -5.151  1.000 44.109  0 12  VAL A CA  1 ? 
ATOM   90   C C   . VAL A 1 15  ? -8.831  0.728   -6.396  1.000 43.122  0 12  VAL A C   1 ? 
ATOM   91   O O   . VAL A 1 15  ? -9.800  -0.022  -6.533  1.000 44.162  0 12  VAL A O   1 ? 
ATOM   92   C CB  . VAL A 1 15  ? -7.951  0.899   -3.990  1.000 42.737  0 12  VAL A CB  1 ? 
ATOM   93   C CG1 . VAL A 1 15  ? -6.574  0.404   -4.408  1.000 39.249  0 12  VAL A CG1 1 ? 
ATOM   94   C CG2 . VAL A 1 15  ? -7.827  1.795   -2.767  1.000 43.911  0 12  VAL A CG2 1 ? 
ATOM   95   N N   . HIS A 1 16  ? -7.846  0.856   -7.296  1.000 37.838  0 13  HIS A N   1 ? 
ATOM   96   C CA  . HIS A 1 16  ? -7.852  0.179   -8.574  1.000 39.103  0 13  HIS A CA  1 ? 
ATOM   97   C C   . HIS A 1 16  ? -7.993  -1.324  -8.349  1.000 42.068  0 13  HIS A C   1 ? 
ATOM   98   O O   . HIS A 1 16  ? -7.292  -1.890  -7.513  1.000 45.636  0 13  HIS A O   1 ? 
ATOM   99   C CB  . HIS A 1 16  ? -6.607  0.563   -9.384  1.000 38.729  0 13  HIS A CB  1 ? 
ATOM   100  C CG  . HIS A 1 16  ? -6.631  0.009   -10.771 1.000 40.542  0 13  HIS A CG  1 ? 
ATOM   101  N ND1 . HIS A 1 16  ? -6.654  -1.347  -11.022 1.000 40.528  0 13  HIS A ND1 1 ? 
ATOM   102  C CD2 . HIS A 1 16  ? -6.648  0.614   -11.979 1.000 40.251  0 13  HIS A CD2 1 ? 
ATOM   103  C CE1 . HIS A 1 16  ? -6.678  -1.554  -12.323 1.000 40.412  0 13  HIS A CE1 1 ? 
ATOM   104  N NE2 . HIS A 1 16  ? -6.668  -0.369  -12.929 1.000 40.747  0 13  HIS A NE2 1 ? 
ATOM   105  N N   . PRO A 1 17  ? -8.887  -2.011  -9.101  1.000 43.056  0 14  PRO A N   1 ? 
ATOM   106  C CA  . PRO A 1 17  ? -9.224  -3.410  -8.834  1.000 40.945  0 14  PRO A CA  1 ? 
ATOM   107  C C   . PRO A 1 17  ? -8.053  -4.377  -8.948  1.000 39.881  0 14  PRO A C   1 ? 
ATOM   108  O O   . PRO A 1 17  ? -8.052  -5.412  -8.291  1.000 38.849  0 14  PRO A O   1 ? 
ATOM   109  C CB  . PRO A 1 17  ? -10.239 -3.761  -9.930  1.000 44.948  0 14  PRO A CB  1 ? 
ATOM   110  C CG  . PRO A 1 17  ? -10.791 -2.429  -10.375 1.000 44.402  0 14  PRO A CG  1 ? 
ATOM   111  C CD  . PRO A 1 17  ? -9.629  -1.468  -10.248 1.000 42.906  0 14  PRO A CD  1 ? 
ATOM   112  N N   . ASP A 1 18  ? -7.077  -4.029  -9.796  1.000 39.360  0 15  ASP A N   1 ? 
ATOM   113  C CA  . ASP A 1 18  ? -5.867  -4.813  -9.962  1.000 40.145  0 15  ASP A CA  1 ? 
ATOM   114  C C   . ASP A 1 18  ? -5.078  -4.843  -8.659  1.000 44.455  0 15  ASP A C   1 ? 
ATOM   115  O O   . ASP A 1 18  ? -4.425  -5.840  -8.354  1.000 51.332  0 15  ASP A O   1 ? 
ATOM   116  C CB  . ASP A 1 18  ? -4.999  -4.268  -11.094 1.000 43.411  0 15  ASP A CB  1 ? 
ATOM   117  C CG  . ASP A 1 18  ? -5.470  -4.744  -12.455 1.000 49.375  0 15  ASP A CG  1 ? 
ATOM   118  O OD1 . ASP A 1 18  ? -6.556  -5.375  -12.508 1.000 53.269  0 15  ASP A OD1 1 ? 
ATOM   119  O OD2 . ASP A 1 18  ? -4.752  -4.490  -13.446 1.000 49.588  0 15  ASP A OD2 1 ? 
ATOM   120  N N   . LEU A 1 19  ? -5.136  -3.736  -7.907  1.000 43.647  0 16  LEU A N   1 ? 
ATOM   121  C CA  . LEU A 1 19  ? -4.375  -3.610  -6.677  1.000 39.660  0 16  LEU A CA  1 ? 
ATOM   122  C C   . LEU A 1 19  ? -5.188  -4.208  -5.530  1.000 38.561  0 16  LEU A C   1 ? 
ATOM   123  O O   . LEU A 1 19  ? -4.624  -4.854  -4.652  1.000 37.437  0 16  LEU A O   1 ? 
ATOM   124  C CB  . LEU A 1 19  ? -3.998  -2.140  -6.456  1.000 37.596  0 16  LEU A CB  1 ? 
ATOM   125  C CG  . LEU A 1 19  ? -3.186  -1.801  -5.201  1.000 35.528  0 16  LEU A CG  1 ? 
ATOM   126  C CD1 . LEU A 1 19  ? -2.067  -2.804  -4.972  1.000 35.200  0 16  LEU A CD1 1 ? 
ATOM   127  C CD2 . LEU A 1 19  ? -2.605  -0.397  -5.307  1.000 32.795  0 16  LEU A CD2 1 ? 
ATOM   128  N N   . VAL A 1 20  ? -6.513  -4.028  -5.576  1.000 36.236  0 17  VAL A N   1 ? 
ATOM   129  C CA  . VAL A 1 20  ? -7.402  -4.634  -4.601  1.000 36.899  0 17  VAL A CA  1 ? 
ATOM   130  C C   . VAL A 1 20  ? -7.128  -6.135  -4.582  1.000 40.474  0 17  VAL A C   1 ? 
ATOM   131  O O   . VAL A 1 20  ? -6.895  -6.706  -3.519  1.000 44.971  0 17  VAL A O   1 ? 
ATOM   132  C CB  . VAL A 1 20  ? -8.892  -4.345  -4.896  1.000 37.631  0 17  VAL A CB  1 ? 
ATOM   133  C CG1 . VAL A 1 20  ? -9.822  -5.234  -4.085  1.000 35.335  0 17  VAL A CG1 1 ? 
ATOM   134  C CG2 . VAL A 1 20  ? -9.262  -2.880  -4.717  1.000 34.075  0 17  VAL A CG2 1 ? 
ATOM   135  N N   . LYS A 1 21  ? -7.123  -6.758  -5.767  1.000 43.460  0 18  LYS A N   1 ? 
ATOM   136  C CA  . LYS A 1 21  ? -7.051  -8.210  -5.844  1.000 48.009  0 18  LYS A CA  1 ? 
ATOM   137  C C   . LYS A 1 21  ? -5.698  -8.700  -5.322  1.000 48.933  0 18  LYS A C   1 ? 
ATOM   138  O O   . LYS A 1 21  ? -5.648  -9.727  -4.645  1.000 58.399  0 18  LYS A O   1 ? 
ATOM   139  C CB  . LYS A 1 21  ? -7.469  -8.748  -7.221  1.000 49.114  0 18  LYS A CB  1 ? 
ATOM   140  C CG  . LYS A 1 21  ? -6.500  -8.451  -8.358  1.000 55.304  0 18  LYS A CG  1 ? 
ATOM   141  C CD  . LYS A 1 21  ? -6.846  -9.131  -9.673  1.000 58.325  0 18  LYS A CD  1 ? 
ATOM   142  C CE  . LYS A 1 21  ? -5.752  -8.972  -10.713 1.000 61.352  0 18  LYS A CE  1 ? 
ATOM   143  N NZ  . LYS A 1 21  ? -6.128  -9.526  -12.038 1.000 63.481  0 18  LYS A NZ  1 ? 
ATOM   144  N N   . VAL A 1 22  ? -4.622  -7.951  -5.605  1.000 42.508  0 19  VAL A N   1 ? 
ATOM   145  C CA  . VAL A 1 22  ? -3.320  -8.195  -5.000  1.000 41.943  0 19  VAL A CA  1 ? 
ATOM   146  C C   . VAL A 1 22  ? -3.405  -8.087  -3.475  1.000 44.403  0 19  VAL A C   1 ? 
ATOM   147  O O   . VAL A 1 22  ? -2.872  -8.931  -2.754  1.000 45.557  0 19  VAL A O   1 ? 
ATOM   148  C CB  . VAL A 1 22  ? -2.253  -7.229  -5.540  1.000 41.783  0 19  VAL A CB  1 ? 
ATOM   149  C CG1 . VAL A 1 22  ? -1.007  -7.241  -4.668  1.000 37.723  0 19  VAL A CG1 1 ? 
ATOM   150  C CG2 . VAL A 1 22  ? -1.909  -7.526  -6.991  1.000 39.475  0 19  VAL A CG2 1 ? 
ATOM   151  N N   . VAL A 1 23  ? -4.086  -7.051  -2.982  1.000 40.918  0 20  VAL A N   1 ? 
ATOM   152  C CA  . VAL A 1 23  ? -4.239  -6.905  -1.544  1.000 44.046  0 20  VAL A CA  1 ? 
ATOM   153  C C   . VAL A 1 23  ? -4.824  -8.186  -0.947  1.000 46.181  0 20  VAL A C   1 ? 
ATOM   154  O O   . VAL A 1 23  ? -4.232  -8.769  -0.045  1.000 49.455  0 20  VAL A O   1 ? 
ATOM   155  C CB  . VAL A 1 23  ? -5.038  -5.642  -1.156  1.000 40.331  0 20  VAL A CB  1 ? 
ATOM   156  C CG1 . VAL A 1 23  ? -5.609  -5.736  0.254   1.000 39.374  0 20  VAL A CG1 1 ? 
ATOM   157  C CG2 . VAL A 1 23  ? -4.189  -4.387  -1.305  1.000 37.214  0 20  VAL A CG2 1 ? 
ATOM   158  N N   . HIS A 1 24  ? -5.969  -8.634  -1.470  1.000 46.385  0 21  HIS A N   1 ? 
ATOM   159  C CA  . HIS A 1 24  ? -6.746  -9.677  -0.821  1.000 47.303  0 21  HIS A CA  1 ? 
ATOM   160  C C   . HIS A 1 24  ? -5.948  -10.973 -0.740  1.000 51.472  0 21  HIS A C   1 ? 
ATOM   161  O O   . HIS A 1 24  ? -6.074  -11.735 0.224   1.000 52.195  0 21  HIS A O   1 ? 
ATOM   162  C CB  . HIS A 1 24  ? -8.054  -9.896  -1.572  1.000 46.968  0 21  HIS A CB  1 ? 
ATOM   163  C CG  . HIS A 1 24  ? -9.041  -8.801  -1.370  1.000 51.088  0 21  HIS A CG  1 ? 
ATOM   164  N ND1 . HIS A 1 24  ? -9.699  -8.618  -0.173  1.000 55.560  0 21  HIS A ND1 1 ? 
ATOM   165  C CD2 . HIS A 1 24  ? -9.499  -7.850  -2.210  1.000 50.626  0 21  HIS A CD2 1 ? 
ATOM   166  C CE1 . HIS A 1 24  ? -10.514 -7.586  -0.275  1.000 57.275  0 21  HIS A CE1 1 ? 
ATOM   167  N NE2 . HIS A 1 24  ? -10.410 -7.102  -1.520  1.000 56.679  0 21  HIS A NE2 1 ? 
ATOM   168  N N   . ARG A 1 25  ? -5.128  -11.193 -1.770  1.000 50.149  0 22  ARG A N   1 ? 
ATOM   169  C CA  . ARG A 1 25  ? -4.390  -12.431 -1.934  1.000 51.305  0 22  ARG A CA  1 ? 
ATOM   170  C C   . ARG A 1 25  ? -3.129  -12.397 -1.070  1.000 53.851  0 22  ARG A C   1 ? 
ATOM   171  O O   . ARG A 1 25  ? -2.737  -13.415 -0.498  1.000 57.498  0 22  ARG A O   1 ? 
ATOM   172  C CB  . ARG A 1 25  ? -4.106  -12.653 -3.424  1.000 52.710  0 22  ARG A CB  1 ? 
ATOM   173  C CG  . ARG A 1 25  ? -3.187  -13.826 -3.741  1.000 53.261  0 22  ARG A CG  1 ? 
ATOM   174  C CD  . ARG A 1 25  ? -3.722  -15.201 -3.388  1.000 50.339  0 22  ARG A CD  1 ? 
ATOM   175  N NE  . ARG A 1 25  ? -2.669  -16.164 -3.660  1.000 52.608  0 22  ARG A NE  1 ? 
ATOM   176  C CZ  . ARG A 1 25  ? -2.604  -17.393 -3.147  1.000 54.448  0 22  ARG A CZ  1 ? 
ATOM   177  N NH1 . ARG A 1 25  ? -3.544  -17.842 -2.330  1.000 48.365  0 22  ARG A NH1 1 ? 
ATOM   178  N NH2 . ARG A 1 25  ? -1.583  -18.169 -3.457  1.000 56.679  0 22  ARG A NH2 1 ? 
ATOM   179  N N   . ALA A 1 26  ? -2.492  -11.223 -0.983  1.000 50.511  0 23  ALA A N   1 ? 
ATOM   180  C CA  . ALA A 1 26  ? -1.334  -11.070 -0.120  1.000 44.378  0 23  ALA A CA  1 ? 
ATOM   181  C C   . ALA A 1 26  ? -1.750  -11.425 1.305   1.000 45.022  0 23  ALA A C   1 ? 
ATOM   182  O O   . ALA A 1 26  ? -0.973  -12.008 2.056   1.000 43.440  0 23  ALA A O   1 ? 
ATOM   183  C CB  . ALA A 1 26  ? -0.790  -9.664  -0.219  1.000 38.833  0 23  ALA A CB  1 ? 
ATOM   184  N N   . LEU A 1 27  ? -2.995  -11.083 1.660   1.000 47.804  0 24  LEU A N   1 ? 
ATOM   185  C CA  . LEU A 1 27  ? -3.497  -11.346 2.998   1.000 51.135  0 24  LEU A CA  1 ? 
ATOM   186  C C   . LEU A 1 27  ? -3.523  -12.853 3.225   1.000 55.889  0 24  LEU A C   1 ? 
ATOM   187  O O   . LEU A 1 27  ? -2.902  -13.353 4.163   1.000 55.944  0 24  LEU A O   1 ? 
ATOM   188  C CB  . LEU A 1 27  ? -4.889  -10.724 3.176   1.000 49.385  0 24  LEU A CB  1 ? 
ATOM   189  C CG  . LEU A 1 27  ? -5.368  -10.643 4.627   1.000 50.357  0 24  LEU A CG  1 ? 
ATOM   190  C CD1 . LEU A 1 27  ? -4.344  -9.933  5.498   1.000 46.574  0 24  LEU A CD1 1 ? 
ATOM   191  C CD2 . LEU A 1 27  ? -6.732  -9.967  4.742   1.000 48.810  0 24  LEU A CD2 1 ? 
ATOM   192  N N   . GLU A 1 28  ? -4.238  -13.557 2.335   1.000 61.232  0 25  GLU A N   1 ? 
ATOM   193  C CA  . GLU A 1 28  ? -4.315  -15.009 2.306   1.000 52.081  0 25  GLU A CA  1 ? 
ATOM   194  C C   . GLU A 1 28  ? -2.939  -15.602 2.594   1.000 49.341  0 25  GLU A C   1 ? 
ATOM   195  O O   . GLU A 1 28  ? -2.809  -16.468 3.456   1.000 55.133  0 25  GLU A O   1 ? 
ATOM   196  C CB  . GLU A 1 28  ? -4.828  -15.484 0.946   1.000 54.169  0 25  GLU A CB  1 ? 
ATOM   197  C CG  . GLU A 1 28  ? -6.335  -15.376 0.790   1.000 57.325  0 25  GLU A CG  1 ? 
ATOM   198  C CD  . GLU A 1 28  ? -6.902  -16.034 -0.459  1.000 61.505  0 25  GLU A CD  1 ? 
ATOM   199  O OE1 . GLU A 1 28  ? -6.131  -16.250 -1.427  1.000 63.738  0 25  GLU A OE1 1 ? 
ATOM   200  O OE2 . GLU A 1 28  ? -8.118  -16.326 -0.467  1.000 62.901  0 25  GLU A OE2 1 ? 
ATOM   201  N N   . LEU A 1 29  ? -1.907  -15.115 1.901   1.000 42.548  0 26  LEU A N   1 ? 
ATOM   202  C CA  . LEU A 1 29  ? -0.626  -15.782 2.004   1.000 45.499  0 26  LEU A CA  1 ? 
ATOM   203  C C   . LEU A 1 29  ? 0.359   -15.009 2.888   1.000 53.459  0 26  LEU A C   1 ? 
ATOM   204  O O   . LEU A 1 29  ? 1.577   -15.125 2.736   1.000 60.417  0 26  LEU A O   1 ? 
ATOM   205  C CB  . LEU A 1 29  ? -0.121  -16.096 0.586   1.000 48.132  0 26  LEU A CB  1 ? 
ATOM   206  C CG  . LEU A 1 29  ? 0.619   -15.005 -0.192  1.000 46.421  0 26  LEU A CG  1 ? 
ATOM   207  C CD1 . LEU A 1 29  ? 2.128   -15.192 -0.082  1.000 44.962  0 26  LEU A CD1 1 ? 
ATOM   208  C CD2 . LEU A 1 29  ? 0.216   -15.038 -1.661  1.000 42.040  0 26  LEU A CD2 1 ? 
ATOM   209  N N   . THR A 1 30  ? -0.151  -14.242 3.864   1.000 53.779  0 27  THR A N   1 ? 
ATOM   210  C CA  . THR A 1 30  ? 0.767   -13.452 4.676   1.000 50.595  0 27  THR A CA  1 ? 
ATOM   211  C C   . THR A 1 30  ? 1.118   -14.170 5.980   1.000 51.727  0 27  THR A C   1 ? 
ATOM   212  O O   . THR A 1 30  ? 0.246   -14.722 6.652   1.000 53.118  0 27  THR A O   1 ? 
ATOM   213  C CB  . THR A 1 30  ? 0.335   -11.988 4.856   1.000 46.931  0 27  THR A CB  1 ? 
ATOM   214  O OG1 . THR A 1 30  ? 1.477   -11.326 5.394   1.000 43.980  0 27  THR A OG1 1 ? 
ATOM   215  C CG2 . THR A 1 30  ? -0.855  -11.778 5.769   1.000 40.400  0 27  THR A CG2 1 ? 
ATOM   216  N N   . PRO A 1 31  ? 2.417   -14.203 6.366   1.000 53.356  0 28  PRO A N   1 ? 
ATOM   217  C CA  . PRO A 1 31  ? 2.805   -14.610 7.719   1.000 54.288  0 28  PRO A CA  1 ? 
ATOM   218  C C   . PRO A 1 31  ? 2.228   -13.688 8.798   1.000 56.282  0 28  PRO A C   1 ? 
ATOM   219  O O   . PRO A 1 31  ? 1.651   -14.181 9.760   1.000 60.245  0 28  PRO A O   1 ? 
ATOM   220  C CB  . PRO A 1 31  ? 4.340   -14.616 7.694   1.000 51.601  0 28  PRO A CB  1 ? 
ATOM   221  C CG  . PRO A 1 31  ? 4.725   -13.781 6.487   1.000 48.139  0 28  PRO A CG  1 ? 
ATOM   222  C CD  . PRO A 1 31  ? 3.577   -13.908 5.509   1.000 50.892  0 28  PRO A CD  1 ? 
ATOM   223  N N   . VAL A 1 32  ? 2.341   -12.363 8.611   1.000 54.656  0 29  VAL A N   1 ? 
ATOM   224  C CA  . VAL A 1 32  ? 1.784   -11.377 9.537   1.000 52.972  0 29  VAL A CA  1 ? 
ATOM   225  C C   . VAL A 1 32  ? 0.490   -10.776 8.995   1.000 49.950  0 29  VAL A C   1 ? 
ATOM   226  O O   . VAL A 1 32  ? 0.456   -10.285 7.868   1.000 53.549  0 29  VAL A O   1 ? 
ATOM   227  C CB  . VAL A 1 32  ? 2.770   -10.232 9.850   1.000 51.483  0 29  VAL A CB  1 ? 
ATOM   228  C CG1 . VAL A 1 32  ? 3.458   -10.421 11.192  1.000 55.905  0 29  VAL A CG1 1 ? 
ATOM   229  C CG2 . VAL A 1 32  ? 3.763   -9.968  8.724   1.000 47.416  0 29  VAL A CG2 1 ? 
ATOM   230  N N   . ASP A 1 33  ? -0.537  -10.731 9.847   1.000 45.646  0 30  ASP A N   1 ? 
ATOM   231  C CA  . ASP A 1 33  ? -1.781  -10.038 9.542   1.000 46.791  0 30  ASP A CA  1 ? 
ATOM   232  C C   . ASP A 1 33  ? -1.514  -8.536  9.373   1.000 51.610  0 30  ASP A C   1 ? 
ATOM   233  O O   . ASP A 1 33  ? -0.603  -7.972  9.985   1.000 51.892  0 30  ASP A O   1 ? 
ATOM   234  C CB  . ASP A 1 33  ? -2.853  -10.351 10.591  1.000 42.970  0 30  ASP A CB  1 ? 
ATOM   235  C CG  . ASP A 1 33  ? -4.201  -9.711  10.318  1.000 46.970  0 30  ASP A CG  1 ? 
ATOM   236  O OD1 . ASP A 1 33  ? -4.308  -8.975  9.320   1.000 46.814  0 30  ASP A OD1 1 ? 
ATOM   237  O OD2 . ASP A 1 33  ? -5.140  -9.947  11.113  1.000 48.459  0 30  ASP A OD2 1 ? 
ATOM   238  N N   . PHE A 1 34  ? -2.304  -7.891  8.508   1.000 50.196  0 31  PHE A N   1 ? 
ATOM   239  C CA  . PHE A 1 34  ? -2.173  -6.459  8.309   1.000 53.309  0 31  PHE A CA  1 ? 
ATOM   240  C C   . PHE A 1 34  ? -3.531  -5.843  7.992   1.000 50.458  0 31  PHE A C   1 ? 
ATOM   241  O O   . PHE A 1 34  ? -4.475  -6.551  7.650   1.000 48.621  0 31  PHE A O   1 ? 
ATOM   242  C CB  . PHE A 1 34  ? -1.131  -6.137  7.232   1.000 58.072  0 31  PHE A CB  1 ? 
ATOM   243  C CG  . PHE A 1 34  ? -1.449  -6.611  5.835   1.000 62.528  0 31  PHE A CG  1 ? 
ATOM   244  C CD1 . PHE A 1 34  ? -2.533  -6.103  5.133   1.000 65.116  0 31  PHE A CD1 1 ? 
ATOM   245  C CD2 . PHE A 1 34  ? -0.638  -7.538  5.200   1.000 65.165  0 31  PHE A CD2 1 ? 
ATOM   246  C CE1 . PHE A 1 34  ? -2.816  -6.534  3.844   1.000 67.264  0 31  PHE A CE1 1 ? 
ATOM   247  C CE2 . PHE A 1 34  ? -0.921  -7.968  3.911   1.000 67.926  0 31  PHE A CE2 1 ? 
ATOM   248  C CZ  . PHE A 1 34  ? -2.012  -7.468  3.233   1.000 65.895  0 31  PHE A CZ  1 ? 
ATOM   249  N N   . GLY A 1 35  ? -3.596  -4.514  8.128   1.000 47.746  0 32  GLY A N   1 ? 
ATOM   250  C CA  . GLY A 1 35  ? -4.741  -3.713  7.728   1.000 46.573  0 32  GLY A CA  1 ? 
ATOM   251  C C   . GLY A 1 35  ? -4.311  -2.630  6.742   1.000 50.265  0 32  GLY A C   1 ? 
ATOM   252  O O   . GLY A 1 35  ? -3.131  -2.512  6.410   1.000 53.270  0 32  GLY A O   1 ? 
ATOM   253  N N   . ILE A 1 36  ? -5.281  -1.847  6.265   1.000 52.992  0 33  ILE A N   1 ? 
ATOM   254  C CA  . ILE A 1 36  ? -5.007  -0.826  5.267   1.000 53.315  0 33  ILE A CA  1 ? 
ATOM   255  C C   . ILE A 1 36  ? -5.280  0.527   5.906   1.000 52.656  0 33  ILE A C   1 ? 
ATOM   256  O O   . ILE A 1 36  ? -6.410  0.810   6.306   1.000 56.283  0 33  ILE A O   1 ? 
ATOM   257  C CB  . ILE A 1 36  ? -5.863  -1.058  3.999   1.000 56.354  0 33  ILE A CB  1 ? 
ATOM   258  C CG1 . ILE A 1 36  ? -5.494  -2.360  3.276   1.000 53.578  0 33  ILE A CG1 1 ? 
ATOM   259  C CG2 . ILE A 1 36  ? -5.799  0.148   3.066   1.000 56.656  0 33  ILE A CG2 1 ? 
ATOM   260  C CD1 . ILE A 1 36  ? -4.241  -2.277  2.403   1.000 47.678  0 33  ILE A CD1 1 ? 
ATOM   261  N N   . THR A 1 37  ? -4.238  1.354   5.997   1.000 53.443  0 34  THR A N   1 ? 
ATOM   262  C CA  . THR A 1 37  ? -4.374  2.647   6.652   1.000 54.964  0 34  THR A CA  1 ? 
ATOM   263  C C   . THR A 1 37  ? -5.043  3.647   5.709   1.000 57.454  0 34  THR A C   1 ? 
ATOM   264  O O   . THR A 1 37  ? -6.105  4.174   6.033   1.000 63.682  0 34  THR A O   1 ? 
ATOM   265  C CB  . THR A 1 37  ? -3.043  3.131   7.236   1.000 54.226  0 34  THR A CB  1 ? 
ATOM   266  O OG1 . THR A 1 37  ? -2.103  3.252   6.168   1.000 51.443  0 34  THR A OG1 1 ? 
ATOM   267  C CG2 . THR A 1 37  ? -2.513  2.214   8.319   1.000 51.693  0 34  THR A CG2 1 ? 
ATOM   268  N N   . GLU A 1 38  ? -4.425  3.874   4.542   1.000 55.065  0 35  GLU A N   1 ? 
ATOM   269  C CA  . GLU A 1 38  ? -4.957  4.771   3.529   1.000 53.304  0 35  GLU A CA  1 ? 
ATOM   270  C C   . GLU A 1 38  ? -5.023  4.045   2.185   1.000 55.861  0 35  GLU A C   1 ? 
ATOM   271  O O   . GLU A 1 38  ? -4.126  3.273   1.842   1.000 50.152  0 35  GLU A O   1 ? 
ATOM   272  C CB  . GLU A 1 38  ? -4.087  6.025   3.422   1.000 52.002  0 35  GLU A CB  1 ? 
ATOM   273  C CG  . GLU A 1 38  ? -4.754  7.189   2.709   1.000 56.922  0 35  GLU A CG  1 ? 
ATOM   274  C CD  . GLU A 1 38  ? -3.888  8.434   2.539   1.000 63.431  0 35  GLU A CD  1 ? 
ATOM   275  O OE1 . GLU A 1 38  ? -2.676  8.283   2.241   1.000 60.000  0 35  GLU A OE1 1 ? 
ATOM   276  O OE2 . GLU A 1 38  ? -4.426  9.558   2.699   1.000 62.513  0 35  GLU A OE2 1 ? 
ATOM   277  N N   . GLY A 1 39  ? -6.123  4.303   1.456   1.000 61.101  0 36  GLY A N   1 ? 
ATOM   278  C CA  . GLY A 1 39  ? -6.284  4.020   0.037   1.000 54.685  0 36  GLY A CA  1 ? 
ATOM   279  C C   . GLY A 1 39  ? -6.283  5.308   -0.792  1.000 53.793  0 36  GLY A C   1 ? 
ATOM   280  O O   . GLY A 1 39  ? -5.224  5.863   -1.100  1.000 50.861  0 36  GLY A O   1 ? 
ATOM   281  N N   . VAL A 1 40  ? -7.481  5.781   -1.158  1.000 52.601  0 37  VAL A N   1 ? 
ATOM   282  C CA  . VAL A 1 40  ? -7.586  7.014   -1.930  1.000 53.219  0 37  VAL A CA  1 ? 
ATOM   283  C C   . VAL A 1 40  ? -7.379  8.197   -0.988  1.000 54.775  0 37  VAL A C   1 ? 
ATOM   284  O O   . VAL A 1 40  ? -7.910  8.204   0.119   1.000 54.759  0 37  VAL A O   1 ? 
ATOM   285  C CB  . VAL A 1 40  ? -8.929  7.123   -2.682  1.000 51.534  0 37  VAL A CB  1 ? 
ATOM   286  C CG1 . VAL A 1 40  ? -9.002  8.385   -3.526  1.000 51.430  0 37  VAL A CG1 1 ? 
ATOM   287  C CG2 . VAL A 1 40  ? -9.198  5.905   -3.549  1.000 50.078  0 37  VAL A CG2 1 ? 
ATOM   288  N N   . ARG A 1 41  ? -6.598  9.182   -1.447  1.000 53.574  0 38  ARG A N   1 ? 
ATOM   289  C CA  . ARG A 1 41  ? -6.329  10.408  -0.710  1.000 54.686  0 38  ARG A CA  1 ? 
ATOM   290  C C   . ARG A 1 41  ? -6.822  11.611  -1.520  1.000 55.781  0 38  ARG A C   1 ? 
ATOM   291  O O   . ARG A 1 41  ? -6.420  11.810  -2.668  1.000 48.894  0 38  ARG A O   1 ? 
ATOM   292  C CB  . ARG A 1 41  ? -4.828  10.465  -0.395  1.000 55.879  0 38  ARG A CB  1 ? 
ATOM   293  C CG  . ARG A 1 41  ? -4.257  11.841  -0.070  1.000 52.703  0 38  ARG A CG  1 ? 
ATOM   294  C CD  . ARG A 1 41  ? -2.735  11.859  -0.176  1.000 42.376  0 38  ARG A CD  1 ? 
ATOM   295  N NE  . ARG A 1 41  ? -2.157  10.836  0.683   1.000 39.197  0 38  ARG A NE  1 ? 
ATOM   296  C CZ  . ARG A 1 41  ? -0.889  10.431  0.656   1.000 42.452  0 38  ARG A CZ  1 ? 
ATOM   297  N NH1 . ARG A 1 41  ? -0.026  10.942  -0.211  1.000 38.160  0 38  ARG A NH1 1 ? 
ATOM   298  N NH2 . ARG A 1 41  ? -0.487  9.502   1.505   1.000 43.762  0 38  ARG A NH2 1 ? 
ATOM   299  N N   . SER A 1 42  ? -7.696  12.417  -0.901  1.000 60.423  0 39  SER A N   1 ? 
ATOM   300  C CA  . SER A 1 42  ? -8.269  13.604  -1.530  1.000 58.675  0 39  SER A CA  1 ? 
ATOM   301  C C   . SER A 1 42  ? -7.191  14.632  -1.885  1.000 57.893  0 39  SER A C   1 ? 
ATOM   302  O O   . SER A 1 42  ? -6.132  14.693  -1.254  1.000 52.271  0 39  SER A O   1 ? 
ATOM   303  C CB  . SER A 1 42  ? -9.338  14.220  -0.662  1.000 55.558  0 39  SER A CB  1 ? 
ATOM   304  O OG  . SER A 1 42  ? -8.763  15.112  0.277   1.000 51.781  0 39  SER A OG  1 ? 
ATOM   305  N N   . LEU A 1 43  ? -7.492  15.459  -2.897  1.000 57.358  0 40  LEU A N   1 ? 
ATOM   306  C CA  . LEU A 1 43  ? -6.589  16.509  -3.343  1.000 57.918  0 40  LEU A CA  1 ? 
ATOM   307  C C   . LEU A 1 43  ? -6.352  17.526  -2.220  1.000 58.243  0 40  LEU A C   1 ? 
ATOM   308  O O   . LEU A 1 43  ? -5.262  18.086  -2.109  1.000 51.810  0 40  LEU A O   1 ? 
ATOM   309  C CB  . LEU A 1 43  ? -7.151  17.164  -4.609  1.000 57.086  0 40  LEU A CB  1 ? 
ATOM   310  C CG  . LEU A 1 43  ? -6.141  17.950  -5.450  1.000 59.618  0 40  LEU A CG  1 ? 
ATOM   311  C CD1 . LEU A 1 43  ? -4.910  17.117  -5.780  1.000 60.685  0 40  LEU A CD1 1 ? 
ATOM   312  C CD2 . LEU A 1 43  ? -6.780  18.468  -6.726  1.000 60.557  0 40  LEU A CD2 1 ? 
ATOM   313  N N   . GLU A 1 44  ? -7.364  17.728  -1.365  1.000 60.120  0 41  GLU A N   1 ? 
ATOM   314  C CA  . GLU A 1 44  ? -7.210  18.616  -0.224  1.000 63.596  0 41  GLU A CA  1 ? 
ATOM   315  C C   . GLU A 1 44  ? -6.189  18.025  0.751   1.000 65.059  0 41  GLU A C   1 ? 
ATOM   316  O O   . GLU A 1 44  ? -5.232  18.707  1.128   1.000 61.370  0 41  GLU A O   1 ? 
ATOM   317  C CB  . GLU A 1 44  ? -8.566  19.009  0.374   1.000 69.854  0 41  GLU A CB  1 ? 
ATOM   318  C CG  . GLU A 1 44  ? -9.022  18.179  1.562   1.000 78.562  0 41  GLU A CG  1 ? 
ATOM   319  C CD  . GLU A 1 44  ? -10.023 18.876  2.476   1.000 83.498  0 41  GLU A CD  1 ? 
ATOM   320  O OE1 . GLU A 1 44  ? -10.123 20.124  2.412   1.000 78.626  0 41  GLU A OE1 1 ? 
ATOM   321  O OE2 . GLU A 1 44  ? -10.706 18.169  3.249   1.000 83.829  0 41  GLU A OE2 1 ? 
ATOM   322  N N   . THR A 1 45  ? -6.381  16.746  1.118   1.000 62.119  0 42  THR A N   1 ? 
ATOM   323  C CA  . THR A 1 45  ? -5.470  16.065  2.023   1.000 56.191  0 42  THR A CA  1 ? 
ATOM   324  C C   . THR A 1 45  ? -4.062  16.106  1.443   1.000 57.778  0 42  THR A C   1 ? 
ATOM   325  O O   . THR A 1 45  ? -3.090  16.245  2.181   1.000 63.121  0 42  THR A O   1 ? 
ATOM   326  C CB  . THR A 1 45  ? -5.900  14.624  2.307   1.000 54.874  0 42  THR A CB  1 ? 
ATOM   327  O OG1 . THR A 1 45  ? -7.151  14.641  2.995   1.000 56.472  0 42  THR A OG1 1 ? 
ATOM   328  C CG2 . THR A 1 45  ? -4.888  13.868  3.140   1.000 54.372  0 42  THR A CG2 1 ? 
ATOM   329  N N   . GLN A 1 46  ? -3.964  15.992  0.116   1.000 58.135  0 43  GLN A N   1 ? 
ATOM   330  C CA  . GLN A 1 46  ? -2.663  15.920  -0.519  1.000 57.470  0 43  GLN A CA  1 ? 
ATOM   331  C C   . GLN A 1 46  ? -1.967  17.268  -0.383  1.000 61.056  0 43  GLN A C   1 ? 
ATOM   332  O O   . GLN A 1 46  ? -0.769  17.312  -0.117  1.000 60.972  0 43  GLN A O   1 ? 
ATOM   333  C CB  . GLN A 1 46  ? -2.774  15.525  -1.989  1.000 50.593  0 43  GLN A CB  1 ? 
ATOM   334  C CG  . GLN A 1 46  ? -1.426  15.543  -2.699  1.000 51.426  0 43  GLN A CG  1 ? 
ATOM   335  C CD  . GLN A 1 46  ? -0.435  14.525  -2.177  1.000 52.299  0 43  GLN A CD  1 ? 
ATOM   336  O OE1 . GLN A 1 46  ? -0.778  13.614  -1.421  1.000 51.538  0 43  GLN A OE1 1 ? 
ATOM   337  N NE2 . GLN A 1 46  ? 0.811   14.654  -2.608  1.000 48.648  0 43  GLN A NE2 1 ? 
ATOM   338  N N   . LYS A 1 47  ? -2.754  18.340  -0.564  1.000 69.003  0 44  LYS A N   1 ? 
ATOM   339  C CA  . LYS A 1 47  ? -2.298  19.724  -0.527  1.000 67.561  0 44  LYS A CA  1 ? 
ATOM   340  C C   . LYS A 1 47  ? -1.652  20.013  0.828   1.000 61.672  0 44  LYS A C   1 ? 
ATOM   341  O O   . LYS A 1 47  ? -0.499  20.450  0.893   1.000 53.656  0 44  LYS A O   1 ? 
ATOM   342  C CB  . LYS A 1 47  ? -3.472  20.669  -0.816  1.000 72.313  0 44  LYS A CB  1 ? 
ATOM   343  C CG  . LYS A 1 47  ? -3.125  21.972  -1.527  1.000 77.195  0 44  LYS A CG  1 ? 
ATOM   344  C CD  . LYS A 1 47  ? -2.720  23.090  -0.587  1.000 83.462  0 44  LYS A CD  1 ? 
ATOM   345  C CE  . LYS A 1 47  ? -3.130  24.460  -1.090  1.000 86.722  0 44  LYS A CE  1 ? 
ATOM   346  N NZ  . LYS A 1 47  ? -2.797  25.519  -0.106  1.000 88.360  0 44  LYS A NZ  1 ? 
ATOM   347  N N   . LYS A 1 48  ? -2.409  19.740  1.902   1.000 52.874  0 45  LYS A N   1 ? 
ATOM   348  C CA  . LYS A 1 48  ? -1.871  19.834  3.245   1.000 52.362  0 45  LYS A CA  1 ? 
ATOM   349  C C   . LYS A 1 48  ? -0.503  19.154  3.305   1.000 52.393  0 45  LYS A C   1 ? 
ATOM   350  O O   . LYS A 1 48  ? 0.458   19.769  3.753   1.000 54.409  0 45  LYS A O   1 ? 
ATOM   351  C CB  . LYS A 1 48  ? -2.868  19.296  4.276   1.000 52.355  0 45  LYS A CB  1 ? 
ATOM   352  C CG  . LYS A 1 48  ? -2.235  18.800  5.571   1.000 55.738  0 45  LYS A CG  1 ? 
ATOM   353  C CD  . LYS A 1 48  ? -3.194  18.701  6.735   1.000 59.463  0 45  LYS A CD  1 ? 
ATOM   354  C CE  . LYS A 1 48  ? -4.116  17.506  6.655   1.000 61.451  0 45  LYS A CE  1 ? 
ATOM   355  N NZ  . LYS A 1 48  ? -4.514  17.061  8.009   1.000 64.190  0 45  LYS A NZ  1 ? 
ATOM   356  N N   . TYR A 1 49  ? -0.404  17.910  2.814   1.000 53.617  0 46  TYR A N   1 ? 
ATOM   357  C CA  . TYR A 1 49  ? 0.794   17.105  3.014   1.000 57.053  0 46  TYR A CA  1 ? 
ATOM   358  C C   . TYR A 1 49  ? 2.012   17.751  2.361   1.000 58.807  0 46  TYR A C   1 ? 
ATOM   359  O O   . TYR A 1 49  ? 3.110   17.667  2.894   1.000 58.572  0 46  TYR A O   1 ? 
ATOM   360  C CB  . TYR A 1 49  ? 0.612   15.668  2.520   1.000 55.426  0 46  TYR A CB  1 ? 
ATOM   361  C CG  . TYR A 1 49  ? -0.196  14.759  3.412   1.000 55.718  0 46  TYR A CG  1 ? 
ATOM   362  C CD1 . TYR A 1 49  ? -1.041  15.271  4.385   1.000 55.823  0 46  TYR A CD1 1 ? 
ATOM   363  C CD2 . TYR A 1 49  ? -0.163  13.383  3.237   1.000 55.337  0 46  TYR A CD2 1 ? 
ATOM   364  C CE1 . TYR A 1 49  ? -1.810  14.441  5.183   1.000 57.745  0 46  TYR A CE1 1 ? 
ATOM   365  C CE2 . TYR A 1 49  ? -0.924  12.537  4.028   1.000 58.069  0 46  TYR A CE2 1 ? 
ATOM   366  C CZ  . TYR A 1 49  ? -1.749  13.069  5.007   1.000 60.593  0 46  TYR A CZ  1 ? 
ATOM   367  O OH  . TYR A 1 49  ? -2.502  12.257  5.806   1.000 61.686  0 46  TYR A OH  1 ? 
ATOM   368  N N   . VAL A 1 50  ? 1.825   18.402  1.210   1.000 69.598  0 47  VAL A N   1 ? 
ATOM   369  C CA  . VAL A 1 50  ? 2.941   19.085  0.570   1.000 75.415  0 47  VAL A CA  1 ? 
ATOM   370  C C   . VAL A 1 50  ? 3.428   20.221  1.475   1.000 76.554  0 47  VAL A C   1 ? 
ATOM   371  O O   . VAL A 1 50  ? 4.618   20.293  1.775   1.000 74.475  0 47  VAL A O   1 ? 
ATOM   372  C CB  . VAL A 1 50  ? 2.632   19.533  -0.878  1.000 72.964  0 47  VAL A CB  1 ? 
ATOM   373  C CG1 . VAL A 1 50  ? 1.933   18.438  -1.678  1.000 71.330  0 47  VAL A CG1 1 ? 
ATOM   374  C CG2 . VAL A 1 50  ? 1.862   20.847  -0.968  1.000 68.889  0 47  VAL A CG2 1 ? 
ATOM   375  N N   . ALA A 1 51  ? 2.481   21.047  1.955   1.000 79.410  0 48  ALA A N   1 ? 
ATOM   376  C CA  . ALA A 1 51  ? 2.742   22.269  2.706   1.000 76.734  0 48  ALA A CA  1 ? 
ATOM   377  C C   . ALA A 1 51  ? 3.270   21.966  4.107   1.000 77.158  0 48  ALA A C   1 ? 
ATOM   378  O O   . ALA A 1 51  ? 4.134   22.687  4.605   1.000 76.472  0 48  ALA A O   1 ? 
ATOM   379  C CB  . ALA A 1 51  ? 1.489   23.104  2.776   1.000 82.594  0 48  ALA A CB  1 ? 
ATOM   380  N N   . GLU A 1 52  ? 2.725   20.913  4.734   1.000 72.108  0 49  GLU A N   1 ? 
ATOM   381  C CA  . GLU A 1 52  ? 3.216   20.384  5.998   1.000 69.357  0 49  GLU A CA  1 ? 
ATOM   382  C C   . GLU A 1 52  ? 4.589   19.735  5.806   1.000 73.308  0 49  GLU A C   1 ? 
ATOM   383  O O   . GLU A 1 52  ? 5.122   19.134  6.738   1.000 73.277  0 49  GLU A O   1 ? 
ATOM   384  C CB  . GLU A 1 52  ? 2.238   19.359  6.579   1.000 63.317  0 49  GLU A CB  1 ? 
ATOM   385  C CG  . GLU A 1 52  ? 1.171   19.957  7.480   1.000 63.003  0 49  GLU A CG  1 ? 
ATOM   386  C CD  . GLU A 1 52  ? 0.342   18.935  8.249   1.000 68.082  0 49  GLU A CD  1 ? 
ATOM   387  O OE1 . GLU A 1 52  ? -0.603  19.343  8.951   1.000 66.903  0 49  GLU A OE1 1 ? 
ATOM   388  O OE2 . GLU A 1 52  ? 0.643   17.729  8.150   1.000 72.653  0 49  GLU A OE2 1 ? 
ATOM   389  N N   . GLY A 1 53  ? 5.143   19.848  4.588   1.000 72.432  0 50  GLY A N   1 ? 
ATOM   390  C CA  . GLY A 1 53  ? 6.458   19.315  4.261   1.000 80.238  0 50  GLY A CA  1 ? 
ATOM   391  C C   . GLY A 1 53  ? 6.557   17.793  4.388   1.000 82.934  0 50  GLY A C   1 ? 
ATOM   392  O O   . GLY A 1 53  ? 7.651   17.258  4.557   1.000 81.119  0 50  GLY A O   1 ? 
ATOM   393  N N   . LYS A 1 54  ? 5.411   17.102  4.307   1.000 90.679  0 51  LYS A N   1 ? 
ATOM   394  C CA  . LYS A 1 54  ? 5.362   15.646  4.320   1.000 96.223  0 51  LYS A CA  1 ? 
ATOM   395  C C   . LYS A 1 54  ? 5.804   15.103  2.959   1.000 102.225 0 51  LYS A C   1 ? 
ATOM   396  O O   . LYS A 1 54  ? 6.928   14.621  2.823   1.000 111.539 0 51  LYS A O   1 ? 
ATOM   397  C CB  . LYS A 1 54  ? 3.954   15.154  4.672   1.000 91.939  0 51  LYS A CB  1 ? 
ATOM   398  C CG  . LYS A 1 54  ? 3.616   15.088  6.153   1.000 93.410  0 51  LYS A CG  1 ? 
ATOM   399  C CD  . LYS A 1 54  ? 2.369   14.252  6.403   1.000 102.618 0 51  LYS A CD  1 ? 
ATOM   400  C CE  . LYS A 1 54  ? 2.075   13.982  7.866   1.000 101.626 0 51  LYS A CE  1 ? 
ATOM   401  N NZ  . LYS A 1 54  ? 1.669   15.212  8.589   1.000 95.989  0 51  LYS A NZ  1 ? 
ATOM   402  N N   . SER A 1 55  ? 4.908   15.193  1.963   1.000 98.676  0 52  SER A N   1 ? 
ATOM   403  C CA  . SER A 1 55  ? 5.144   14.678  0.621   1.000 95.112  0 52  SER A CA  1 ? 
ATOM   404  C C   . SER A 1 55  ? 5.833   15.740  -0.232  1.000 99.799  0 52  SER A C   1 ? 
ATOM   405  O O   . SER A 1 55  ? 5.685   16.935  0.022   1.000 103.667 0 52  SER A O   1 ? 
ATOM   406  C CB  . SER A 1 55  ? 3.858   14.224  -0.027  1.000 88.300  0 52  SER A CB  1 ? 
ATOM   407  O OG  . SER A 1 55  ? 3.117   13.376  0.836   1.000 80.469  0 52  SER A OG  1 ? 
ATOM   408  N N   . LYS A 1 56  ? 6.550   15.278  -1.268  1.000 104.349 0 53  LYS A N   1 ? 
ATOM   409  C CA  . LYS A 1 56  ? 7.370   16.128  -2.118  1.000 103.724 0 53  LYS A CA  1 ? 
ATOM   410  C C   . LYS A 1 56  ? 6.490   16.932  -3.079  1.000 103.301 0 53  LYS A C   1 ? 
ATOM   411  O O   . LYS A 1 56  ? 6.215   18.106  -2.833  1.000 102.396 0 53  LYS A O   1 ? 
ATOM   412  C CB  . LYS A 1 56  ? 8.415   15.284  -2.860  1.000 105.755 0 53  LYS A CB  1 ? 
ATOM   413  C CG  . LYS A 1 56  ? 9.816   15.880  -2.944  1.000 111.683 0 53  LYS A CG  1 ? 
ATOM   414  C CD  . LYS A 1 56  ? 10.735  15.481  -1.794  1.000 116.261 0 53  LYS A CD  1 ? 
ATOM   415  C CE  . LYS A 1 56  ? 10.618  16.369  -0.568  1.000 116.169 0 53  LYS A CE  1 ? 
ATOM   416  N NZ  . LYS A 1 56  ? 11.418  15.857  0.574   1.000 111.794 0 53  LYS A NZ  1 ? 
ATOM   417  N N   . THR A 1 57  ? 6.055   16.284  -4.171  1.000 104.759 0 54  THR A N   1 ? 
ATOM   418  C CA  . THR A 1 57  ? 5.335   16.933  -5.257  1.000 100.214 0 54  THR A CA  1 ? 
ATOM   419  C C   . THR A 1 57  ? 3.841   16.969  -4.938  1.000 99.523  0 54  THR A C   1 ? 
ATOM   420  O O   . THR A 1 57  ? 3.389   16.336  -3.983  1.000 105.118 0 54  THR A O   1 ? 
ATOM   421  C CB  . THR A 1 57  ? 5.578   16.205  -6.587  1.000 101.285 0 54  THR A CB  1 ? 
ATOM   422  O OG1 . THR A 1 57  ? 6.760   15.411  -6.478  1.000 110.415 0 54  THR A OG1 1 ? 
ATOM   423  C CG2 . THR A 1 57  ? 5.703   17.141  -7.770  1.000 102.448 0 54  THR A CG2 1 ? 
ATOM   424  N N   A MET A 1 58  ? 3.085   17.718  -5.749  0.500 96.239  0 55  MET A N   1 ? 
ATOM   425  N N   B MET A 1 58  ? 3.092   17.716  -5.759  0.500 95.577  0 55  MET A N   1 ? 
ATOM   426  C CA  A MET A 1 58  ? 1.636   17.788  -5.632  0.500 93.623  0 55  MET A CA  1 ? 
ATOM   427  C CA  B MET A 1 58  ? 1.644   17.798  -5.658  0.500 92.647  0 55  MET A CA  1 ? 
ATOM   428  C C   A MET A 1 58  ? 1.013   16.530  -6.239  0.500 90.265  0 55  MET A C   1 ? 
ATOM   429  C C   B MET A 1 58  ? 1.020   16.501  -6.177  0.500 89.675  0 55  MET A C   1 ? 
ATOM   430  O O   A MET A 1 58  ? -0.213  16.406  -6.289  0.500 84.908  0 55  MET A O   1 ? 
ATOM   431  O O   B MET A 1 58  ? -0.198  16.326  -6.107  0.500 84.617  0 55  MET A O   1 ? 
ATOM   432  C CB  A MET A 1 58  ? 1.104   19.033  -6.349  0.500 94.696  0 55  MET A CB  1 ? 
ATOM   433  C CB  B MET A 1 58  ? 1.112   18.979  -6.479  0.500 92.819  0 55  MET A CB  1 ? 
ATOM   434  C CG  A MET A 1 58  ? -0.388  19.267  -6.172  0.500 96.809  0 55  MET A CG  1 ? 
ATOM   435  C CG  B MET A 1 58  ? 2.082   20.146  -6.593  0.500 92.481  0 55  MET A CG  1 ? 
ATOM   436  S SD  A MET A 1 58  ? -0.846  19.944  -4.552  0.500 95.454  0 55  MET A SD  1 ? 
ATOM   437  S SD  B MET A 1 58  ? 3.260   19.954  -7.962  0.500 93.719  0 55  MET A SD  1 ? 
ATOM   438  C CE  A MET A 1 58  ? -2.475  20.595  -4.923  0.500 93.598  0 55  MET A CE  1 ? 
ATOM   439  C CE  B MET A 1 58  ? 3.749   21.656  -8.237  0.500 89.806  0 55  MET A CE  1 ? 
ATOM   440  N N   . LYS A 1 59  ? 1.876   15.603  -6.689  1.000 87.046  0 56  LYS A N   1 ? 
ATOM   441  C CA  . LYS A 1 59  ? 1.466   14.344  -7.305  1.000 83.255  0 56  LYS A CA  1 ? 
ATOM   442  C C   . LYS A 1 59  ? 1.641   13.191  -6.317  1.000 74.400  0 56  LYS A C   1 ? 
ATOM   443  O O   . LYS A 1 59  ? 2.573   13.199  -5.519  1.000 80.630  0 56  LYS A O   1 ? 
ATOM   444  C CB  . LYS A 1 59  ? 2.316   14.072  -8.552  1.000 85.455  0 56  LYS A CB  1 ? 
ATOM   445  C CG  . LYS A 1 59  ? 1.906   14.838  -9.805  1.000 91.400  0 56  LYS A CG  1 ? 
ATOM   446  C CD  . LYS A 1 59  ? 2.956   14.840  -10.900 1.000 95.228  0 56  LYS A CD  1 ? 
ATOM   447  C CE  . LYS A 1 59  ? 2.595   15.745  -12.062 1.000 94.198  0 56  LYS A CE  1 ? 
ATOM   448  N NZ  . LYS A 1 59  ? 3.756   16.005  -12.949 1.000 86.964  0 56  LYS A NZ  1 ? 
ATOM   449  N N   . SER A 1 60  ? 0.752   12.193  -6.404  1.000 67.368  0 57  SER A N   1 ? 
ATOM   450  C CA  . SER A 1 60  ? 0.777   11.021  -5.537  1.000 65.578  0 57  SER A CA  1 ? 
ATOM   451  C C   . SER A 1 60  ? -0.176  9.935   -6.042  1.000 65.586  0 57  SER A C   1 ? 
ATOM   452  O O   . SER A 1 60  ? -1.333  10.211  -6.377  1.000 64.322  0 57  SER A O   1 ? 
ATOM   453  C CB  . SER A 1 60  ? 0.458   11.395  -4.109  1.000 66.114  0 57  SER A CB  1 ? 
ATOM   454  O OG  . SER A 1 60  ? -0.103  10.298  -3.400  1.000 64.846  0 57  SER A OG  1 ? 
ATOM   455  N N   . ARG A 1 61  ? 0.311   8.685   -6.018  1.000 59.257  0 58  ARG A N   1 ? 
ATOM   456  C CA  . ARG A 1 61  ? -0.429  7.529   -6.503  1.000 57.967  0 58  ARG A CA  1 ? 
ATOM   457  C C   . ARG A 1 61  ? -1.783  7.429   -5.806  1.000 58.658  0 58  ARG A C   1 ? 
ATOM   458  O O   . ARG A 1 61  ? -2.723  6.847   -6.350  1.000 55.872  0 58  ARG A O   1 ? 
ATOM   459  C CB  . ARG A 1 61  ? 0.378   6.237   -6.331  1.000 57.253  0 58  ARG A CB  1 ? 
ATOM   460  C CG  . ARG A 1 61  ? 1.677   6.186   -7.128  1.000 57.702  0 58  ARG A CG  1 ? 
ATOM   461  C CD  . ARG A 1 61  ? 1.502   6.583   -8.584  1.000 60.553  0 58  ARG A CD  1 ? 
ATOM   462  N NE  . ARG A 1 61  ? 1.245   5.479   -9.500  1.000 57.093  0 58  ARG A NE  1 ? 
ATOM   463  C CZ  . ARG A 1 61  ? 0.699   5.597   -10.706 1.000 55.125  0 58  ARG A CZ  1 ? 
ATOM   464  N NH1 . ARG A 1 61  ? 0.308   6.774   -11.160 1.000 48.359  0 58  ARG A NH1 1 ? 
ATOM   465  N NH2 . ARG A 1 61  ? 0.531   4.522   -11.451 1.000 60.531  0 58  ARG A NH2 1 ? 
ATOM   466  N N   . HIS A 1 62  ? -1.872  8.028   -4.613  1.000 56.755  0 59  HIS A N   1 ? 
ATOM   467  C CA  . HIS A 1 62  ? -3.012  7.841   -3.728  1.000 58.058  0 59  HIS A CA  1 ? 
ATOM   468  C C   . HIS A 1 62  ? -4.256  8.548   -4.258  1.000 59.652  0 59  HIS A C   1 ? 
ATOM   469  O O   . HIS A 1 62  ? -5.369  8.262   -3.795  1.000 53.481  0 59  HIS A O   1 ? 
ATOM   470  C CB  . HIS A 1 62  ? -2.662  8.304   -2.311  1.000 53.464  0 59  HIS A CB  1 ? 
ATOM   471  C CG  . HIS A 1 62  ? -1.834  7.317   -1.562  1.000 51.088  0 59  HIS A CG  1 ? 
ATOM   472  N ND1 . HIS A 1 62  ? -2.400  6.330   -0.769  1.000 47.517  0 59  HIS A ND1 1 ? 
ATOM   473  C CD2 . HIS A 1 62  ? -0.495  7.156   -1.488  1.000 47.008  0 59  HIS A CD2 1 ? 
ATOM   474  C CE1 . HIS A 1 62  ? -1.441  5.609   -0.233  1.000 48.762  0 59  HIS A CE1 1 ? 
ATOM   475  N NE2 . HIS A 1 62  ? -0.262  6.092   -0.663  1.000 47.703  0 59  HIS A NE2 1 ? 
ATOM   476  N N   . LEU A 1 63  ? -4.039  9.481   -5.202  1.000 58.324  0 60  LEU A N   1 ? 
ATOM   477  C CA  . LEU A 1 63  ? -5.118  10.309  -5.720  1.000 59.153  0 60  LEU A CA  1 ? 
ATOM   478  C C   . LEU A 1 63  ? -6.030  9.456   -6.595  1.000 63.182  0 60  LEU A C   1 ? 
ATOM   479  O O   . LEU A 1 63  ? -7.249  9.570   -6.499  1.000 67.676  0 60  LEU A O   1 ? 
ATOM   480  C CB  . LEU A 1 63  ? -4.547  11.498  -6.502  1.000 55.939  0 60  LEU A CB  1 ? 
ATOM   481  C CG  . LEU A 1 63  ? -3.778  12.541  -5.688  1.000 57.926  0 60  LEU A CG  1 ? 
ATOM   482  C CD1 . LEU A 1 63  ? -2.893  13.387  -6.593  1.000 54.578  0 60  LEU A CD1 1 ? 
ATOM   483  C CD2 . LEU A 1 63  ? -4.702  13.421  -4.860  1.000 49.622  0 60  LEU A CD2 1 ? 
ATOM   484  N N   . HIS A 1 64  ? -5.421  8.573   -7.399  1.000 65.368  0 61  HIS A N   1 ? 
ATOM   485  C CA  . HIS A 1 64  ? -6.120  7.839   -8.441  1.000 62.994  0 61  HIS A CA  1 ? 
ATOM   486  C C   . HIS A 1 64  ? -6.216  6.350   -8.102  1.000 65.051  0 61  HIS A C   1 ? 
ATOM   487  O O   . HIS A 1 64  ? -6.163  5.511   -9.001  1.000 73.639  0 61  HIS A O   1 ? 
ATOM   488  C CB  . HIS A 1 64  ? -5.414  8.049   -9.787  1.000 67.275  0 61  HIS A CB  1 ? 
ATOM   489  C CG  . HIS A 1 64  ? -4.563  9.274   -9.856  1.000 73.843  0 61  HIS A CG  1 ? 
ATOM   490  N ND1 . HIS A 1 64  ? -5.048  10.492  -10.308 1.000 73.272  0 61  HIS A ND1 1 ? 
ATOM   491  C CD2 . HIS A 1 64  ? -3.260  9.471   -9.548  1.000 73.589  0 61  HIS A CD2 1 ? 
ATOM   492  C CE1 . HIS A 1 64  ? -4.078  11.384  -10.274 1.000 74.424  0 61  HIS A CE1 1 ? 
ATOM   493  N NE2 . HIS A 1 64  ? -2.969  10.782  -9.811  1.000 75.315  0 61  HIS A NE2 1 ? 
ATOM   494  N N   . GLY A 1 65  ? -6.350  6.026   -6.807  1.000 61.402  0 62  GLY A N   1 ? 
ATOM   495  C CA  . GLY A 1 65  ? -6.553  4.661   -6.327  1.000 53.695  0 62  GLY A CA  1 ? 
ATOM   496  C C   . GLY A 1 65  ? -5.446  3.683   -6.727  1.000 47.050  0 62  GLY A C   1 ? 
ATOM   497  O O   . GLY A 1 65  ? -5.691  2.484   -6.813  1.000 46.884  0 62  GLY A O   1 ? 
ATOM   498  N N   . LEU A 1 66  ? -4.229  4.196   -6.947  1.000 43.519  0 63  LEU A N   1 ? 
ATOM   499  C CA  . LEU A 1 66  ? -3.105  3.384   -7.392  1.000 42.048  0 63  LEU A CA  1 ? 
ATOM   500  C C   . LEU A 1 66  ? -2.076  3.204   -6.267  1.000 44.044  0 63  LEU A C   1 ? 
ATOM   501  O O   . LEU A 1 66  ? -0.880  3.047   -6.527  1.000 43.812  0 63  LEU A O   1 ? 
ATOM   502  C CB  . LEU A 1 66  ? -2.482  4.068   -8.617  1.000 42.719  0 63  LEU A CB  1 ? 
ATOM   503  C CG  . LEU A 1 66  ? -3.414  4.272   -9.813  1.000 41.465  0 63  LEU A CG  1 ? 
ATOM   504  C CD1 . LEU A 1 66  ? -2.920  5.395   -10.707 1.000 39.332  0 63  LEU A CD1 1 ? 
ATOM   505  C CD2 . LEU A 1 66  ? -3.563  2.991   -10.615 1.000 40.943  0 63  LEU A CD2 1 ? 
ATOM   506  N N   . ALA A 1 67  ? -2.537  3.238   -5.006  1.000 44.490  0 64  ALA A N   1 ? 
ATOM   507  C CA  . ALA A 1 67  ? -1.658  3.015   -3.865  1.000 41.665  0 64  ALA A CA  1 ? 
ATOM   508  C C   . ALA A 1 67  ? -2.443  2.579   -2.626  1.000 42.949  0 64  ALA A C   1 ? 
ATOM   509  O O   . ALA A 1 67  ? -3.561  3.034   -2.382  1.000 39.551  0 64  ALA A O   1 ? 
ATOM   510  C CB  . ALA A 1 67  ? -0.821  4.238   -3.583  1.000 34.746  0 64  ALA A CB  1 ? 
ATOM   511  N N   . VAL A 1 68  ? -1.825  1.676   -1.850  1.000 44.590  0 65  VAL A N   1 ? 
ATOM   512  C CA  . VAL A 1 68  ? -2.255  1.403   -0.488  1.000 43.395  0 65  VAL A CA  1 ? 
ATOM   513  C C   . VAL A 1 68  ? -1.063  1.500   0.464   1.000 42.426  0 65  VAL A C   1 ? 
ATOM   514  O O   . VAL A 1 68  ? 0.079   1.267   0.074   1.000 41.640  0 65  VAL A O   1 ? 
ATOM   515  C CB  . VAL A 1 68  ? -2.985  0.055   -0.359  1.000 41.552  0 65  VAL A CB  1 ? 
ATOM   516  C CG1 . VAL A 1 68  ? -4.309  0.083   -1.106  1.000 39.896  0 65  VAL A CG1 1 ? 
ATOM   517  C CG2 . VAL A 1 68  ? -2.118  -1.115  -0.799  1.000 37.781  0 65  VAL A CG2 1 ? 
ATOM   518  N N   . ASP A 1 69  ? -1.363  1.892   1.707   1.000 41.117  0 66  ASP A N   1 ? 
ATOM   519  C CA  . ASP A 1 69  ? -0.434  1.822   2.819   1.000 39.965  0 66  ASP A CA  1 ? 
ATOM   520  C C   . ASP A 1 69  ? -1.015  0.835   3.820   1.000 38.490  0 66  ASP A C   1 ? 
ATOM   521  O O   . ASP A 1 69  ? -2.208  0.875   4.126   1.000 44.344  0 66  ASP A O   1 ? 
ATOM   522  C CB  . ASP A 1 69  ? -0.212  3.206   3.442   1.000 40.788  0 66  ASP A CB  1 ? 
ATOM   523  C CG  . ASP A 1 69  ? 0.693   4.127   2.633   1.000 41.478  0 66  ASP A CG  1 ? 
ATOM   524  O OD1 . ASP A 1 69  ? 1.118   3.730   1.521   1.000 37.527  0 66  ASP A OD1 1 ? 
ATOM   525  O OD2 . ASP A 1 69  ? 0.988   5.240   3.130   1.000 42.230  0 66  ASP A OD2 1 ? 
ATOM   526  N N   . VAL A 1 70  ? -0.175  -0.067  4.320   1.000 38.697  0 67  VAL A N   1 ? 
ATOM   527  C CA  . VAL A 1 70  ? -0.662  -1.077  5.249   1.000 41.440  0 67  VAL A CA  1 ? 
ATOM   528  C C   . VAL A 1 70  ? -0.063  -0.836  6.630   1.000 44.194  0 67  VAL A C   1 ? 
ATOM   529  O O   . VAL A 1 70  ? 0.948   -0.146  6.768   1.000 45.339  0 67  VAL A O   1 ? 
ATOM   530  C CB  . VAL A 1 70  ? -0.312  -2.494  4.769   1.000 37.682  0 67  VAL A CB  1 ? 
ATOM   531  C CG1 . VAL A 1 70  ? -0.894  -2.757  3.397   1.000 39.829  0 67  VAL A CG1 1 ? 
ATOM   532  C CG2 . VAL A 1 70  ? 1.193   -2.735  4.768   1.000 35.812  0 67  VAL A CG2 1 ? 
ATOM   533  N N   . VAL A 1 71  ? -0.688  -1.453  7.641   1.000 47.324  0 68  VAL A N   1 ? 
ATOM   534  C CA  . VAL A 1 71  ? -0.088  -1.548  8.963   1.000 47.420  0 68  VAL A CA  1 ? 
ATOM   535  C C   . VAL A 1 71  ? -0.135  -2.998  9.434   1.000 45.778  0 68  VAL A C   1 ? 
ATOM   536  O O   . VAL A 1 71  ? -1.195  -3.629  9.417   1.000 44.988  0 68  VAL A O   1 ? 
ATOM   537  C CB  . VAL A 1 71  ? -0.756  -0.597  9.975   1.000 44.110  0 68  VAL A CB  1 ? 
ATOM   538  C CG1 . VAL A 1 71  ? -2.242  -0.901  10.170  1.000 41.788  0 68  VAL A CG1 1 ? 
ATOM   539  C CG2 . VAL A 1 71  ? -0.010  -0.612  11.299  1.000 40.159  0 68  VAL A CG2 1 ? 
ATOM   540  N N   . ALA A 1 72  ? 1.030   -3.488  9.876   1.000 47.268  0 69  ALA A N   1 ? 
ATOM   541  C CA  . ALA A 1 72  ? 1.187   -4.824  10.433  1.000 51.515  0 69  ALA A CA  1 ? 
ATOM   542  C C   . ALA A 1 72  ? 0.495   -4.927  11.795  1.000 55.005  0 69  ALA A C   1 ? 
ATOM   543  O O   . ALA A 1 72  ? 0.477   -3.967  12.568  1.000 58.834  0 69  ALA A O   1 ? 
ATOM   544  C CB  . ALA A 1 72  ? 2.658   -5.149  10.533  1.000 45.537  0 69  ALA A CB  1 ? 
ATOM   545  N N   . TYR A 1 73  ? -0.077  -6.107  12.075  1.000 57.056  0 70  TYR A N   1 ? 
ATOM   546  C CA  . TYR A 1 73  ? -0.590  -6.445  13.395  1.000 61.030  0 70  TYR A CA  1 ? 
ATOM   547  C C   . TYR A 1 73  ? 0.165   -7.658  13.944  1.000 62.494  0 70  TYR A C   1 ? 
ATOM   548  O O   . TYR A 1 73  ? -0.431  -8.727  14.111  1.000 64.183  0 70  TYR A O   1 ? 
ATOM   549  C CB  . TYR A 1 73  ? -2.089  -6.760  13.335  1.000 65.767  0 70  TYR A CB  1 ? 
ATOM   550  C CG  . TYR A 1 73  ? -2.993  -5.705  12.743  1.000 75.123  0 70  TYR A CG  1 ? 
ATOM   551  C CD1 . TYR A 1 73  ? -2.617  -4.368  12.667  1.000 76.270  0 70  TYR A CD1 1 ? 
ATOM   552  C CD2 . TYR A 1 73  ? -4.264  -6.040  12.304  1.000 77.889  0 70  TYR A CD2 1 ? 
ATOM   553  C CE1 . TYR A 1 73  ? -3.456  -3.403  12.131  1.000 74.097  0 70  TYR A CE1 1 ? 
ATOM   554  C CE2 . TYR A 1 73  ? -5.118  -5.087  11.773  1.000 83.957  0 70  TYR A CE2 1 ? 
ATOM   555  C CZ  . TYR A 1 73  ? -4.714  -3.764  11.680  1.000 79.485  0 70  TYR A CZ  1 ? 
ATOM   556  O OH  . TYR A 1 73  ? -5.565  -2.833  11.149  1.000 69.475  0 70  TYR A OH  1 ? 
ATOM   557  N N   . PRO A 1 74  ? 1.483   -7.542  14.257  1.000 58.601  0 71  PRO A N   1 ? 
ATOM   558  C CA  . PRO A 1 74  ? 2.330   -8.712  14.500  1.000 60.590  0 71  PRO A CA  1 ? 
ATOM   559  C C   . PRO A 1 74  ? 2.406   -9.263  15.924  1.000 65.575  0 71  PRO A C   1 ? 
ATOM   560  O O   . PRO A 1 74  ? 3.505   -9.401  16.464  1.000 76.003  0 71  PRO A O   1 ? 
ATOM   561  C CB  . PRO A 1 74  ? 3.713   -8.176  14.100  1.000 55.015  0 71  PRO A CB  1 ? 
ATOM   562  C CG  . PRO A 1 74  ? 3.682   -6.735  14.550  1.000 56.614  0 71  PRO A CG  1 ? 
ATOM   563  C CD  . PRO A 1 74  ? 2.241   -6.288  14.378  1.000 58.832  0 71  PRO A CD  1 ? 
ATOM   564  N N   . LYS A 1 75  ? 1.247   -9.602  16.508  1.000 65.380  0 72  LYS A N   1 ? 
ATOM   565  C CA  . LYS A 1 75  ? 1.157   -10.492 17.664  1.000 73.824  0 72  LYS A CA  1 ? 
ATOM   566  C C   . LYS A 1 75  ? 1.919   -9.942  18.872  1.000 72.118  0 72  LYS A C   1 ? 
ATOM   567  O O   . LYS A 1 75  ? 1.297   -9.570  19.865  1.000 73.723  0 72  LYS A O   1 ? 
ATOM   568  C CB  . LYS A 1 75  ? 1.613   -11.915 17.312  1.000 76.127  0 72  LYS A CB  1 ? 
ATOM   569  C CG  . LYS A 1 75  ? 1.064   -13.022 18.205  1.000 84.007  0 72  LYS A CG  1 ? 
ATOM   570  C CD  . LYS A 1 75  ? -0.429  -13.276 18.027  1.000 87.674  0 72  LYS A CD  1 ? 
ATOM   571  C CE  . LYS A 1 75  ? -0.858  -14.685 18.392  1.000 91.139  0 72  LYS A CE  1 ? 
ATOM   572  N NZ  . LYS A 1 75  ? -0.491  -15.677 17.349  1.000 87.988  0 72  LYS A NZ  1 ? 
ATOM   573  N N   . ASP A 1 76  ? 3.259   -9.910  18.788  1.000 65.104  0 73  ASP A N   1 ? 
ATOM   574  C CA  . ASP A 1 76  ? 4.094   -9.333  19.833  1.000 64.289  0 73  ASP A CA  1 ? 
ATOM   575  C C   . ASP A 1 76  ? 3.864   -7.820  19.920  1.000 70.951  0 73  ASP A C   1 ? 
ATOM   576  O O   . ASP A 1 76  ? 4.552   -7.121  20.669  1.000 70.255  0 73  ASP A O   1 ? 
ATOM   577  C CB  . ASP A 1 76  ? 5.562   -9.747  19.672  1.000 62.616  0 73  ASP A CB  1 ? 
ATOM   578  C CG  . ASP A 1 76  ? 6.275   -9.208  18.439  1.000 59.589  0 73  ASP A CG  1 ? 
ATOM   579  O OD1 . ASP A 1 76  ? 5.709   -8.338  17.760  1.000 61.256  0 73  ASP A OD1 1 ? 
ATOM   580  O OD2 . ASP A 1 76  ? 7.403   -9.665  18.172  1.000 52.756  0 73  ASP A OD2 1 ? 
ATOM   581  N N   . LYS A 1 77  ? 2.890   -7.341  19.130  1.000 69.943  0 74  LYS A N   1 ? 
ATOM   582  C CA  . LYS A 1 77  ? 2.402   -5.968  19.092  1.000 65.825  0 74  LYS A CA  1 ? 
ATOM   583  C C   . LYS A 1 77  ? 3.459   -5.017  18.530  1.000 62.251  0 74  LYS A C   1 ? 
ATOM   584  O O   . LYS A 1 77  ? 3.176   -3.834  18.364  1.000 66.988  0 74  LYS A O   1 ? 
ATOM   585  C CB  . LYS A 1 77  ? 1.833   -5.523  20.447  1.000 72.808  0 74  LYS A CB  1 ? 
ATOM   586  C CG  . LYS A 1 77  ? 0.849   -6.485  21.106  1.000 72.016  0 74  LYS A CG  1 ? 
ATOM   587  C CD  . LYS A 1 77  ? -0.548  -6.434  20.519  1.000 77.723  0 74  LYS A CD  1 ? 
ATOM   588  C CE  . LYS A 1 77  ? -1.282  -7.762  20.557  1.000 82.583  0 74  LYS A CE  1 ? 
ATOM   589  N NZ  . LYS A 1 77  ? -1.854  -8.057  21.894  1.000 82.152  0 74  LYS A NZ  1 ? 
ATOM   590  N N   . ASP A 1 78  ? 4.639   -5.559  18.196  1.000 56.306  0 75  ASP A N   1 ? 
ATOM   591  C CA  . ASP A 1 78  ? 5.832   -4.835  17.770  1.000 55.404  0 75  ASP A CA  1 ? 
ATOM   592  C C   . ASP A 1 78  ? 5.651   -4.214  16.375  1.000 56.077  0 75  ASP A C   1 ? 
ATOM   593  O O   . ASP A 1 78  ? 6.372   -4.542  15.429  1.000 49.475  0 75  ASP A O   1 ? 
ATOM   594  C CB  . ASP A 1 78  ? 7.050   -5.756  17.902  1.000 54.696  0 75  ASP A CB  1 ? 
ATOM   595  C CG  . ASP A 1 78  ? 8.375   -5.164  17.453  1.000 58.141  0 75  ASP A CG  1 ? 
ATOM   596  O OD1 . ASP A 1 78  ? 8.471   -3.929  17.366  1.000 59.151  0 75  ASP A OD1 1 ? 
ATOM   597  O OD2 . ASP A 1 78  ? 9.312   -5.957  17.203  1.000 61.662  0 75  ASP A OD2 1 ? 
ATOM   598  N N   . THR A 1 79  ? 4.765   -3.209  16.308  1.000 54.753  0 76  THR A N   1 ? 
ATOM   599  C CA  . THR A 1 79  ? 4.121   -2.703  15.104  1.000 50.308  0 76  THR A CA  1 ? 
ATOM   600  C C   . THR A 1 79  ? 5.072   -2.135  14.057  1.000 48.403  0 76  THR A C   1 ? 
ATOM   601  O O   . THR A 1 79  ? 4.717   -2.098  12.887  1.000 52.224  0 76  THR A O   1 ? 
ATOM   602  C CB  . THR A 1 79  ? 3.166   -1.556  15.428  1.000 45.163  0 76  THR A CB  1 ? 
ATOM   603  O OG1 . THR A 1 79  ? 2.292   -2.075  16.424  1.000 46.176  0 76  THR A OG1 1 ? 
ATOM   604  C CG2 . THR A 1 79  ? 2.373   -1.091  14.223  1.000 47.528  0 76  THR A CG2 1 ? 
ATOM   605  N N   . TRP A 1 80  ? 6.241   -1.651  14.461  1.000 51.138  0 77  TRP A N   1 ? 
ATOM   606  C CA  . TRP A 1 80  ? 7.029   -0.857  13.536  1.000 54.961  0 77  TRP A CA  1 ? 
ATOM   607  C C   . TRP A 1 80  ? 8.284   -1.614  13.120  1.000 54.774  0 77  TRP A C   1 ? 
ATOM   608  O O   . TRP A 1 80  ? 9.177   -1.037  12.506  1.000 55.744  0 77  TRP A O   1 ? 
ATOM   609  C CB  . TRP A 1 80  ? 7.343   0.528   14.132  1.000 64.837  0 77  TRP A CB  1 ? 
ATOM   610  C CG  . TRP A 1 80  ? 6.109   1.334   14.415  1.000 68.866  0 77  TRP A CG  1 ? 
ATOM   611  C CD1 . TRP A 1 80  ? 5.409   2.106   13.534  1.000 70.439  0 77  TRP A CD1 1 ? 
ATOM   612  C CD2 . TRP A 1 80  ? 5.404   1.421   15.665  1.000 72.823  0 77  TRP A CD2 1 ? 
ATOM   613  N NE1 . TRP A 1 80  ? 4.321   2.667   14.145  1.000 71.307  0 77  TRP A NE1 1 ? 
ATOM   614  C CE2 . TRP A 1 80  ? 4.291   2.265   15.453  1.000 73.364  0 77  TRP A CE2 1 ? 
ATOM   615  C CE3 . TRP A 1 80  ? 5.603   0.867   16.937  1.000 77.263  0 77  TRP A CE3 1 ? 
ATOM   616  C CZ2 . TRP A 1 80  ? 3.382   2.570   16.467  1.000 75.086  0 77  TRP A CZ2 1 ? 
ATOM   617  C CZ3 . TRP A 1 80  ? 4.706   1.168   17.938  1.000 81.340  0 77  TRP A CZ3 1 ? 
ATOM   618  C CH2 . TRP A 1 80  ? 3.614   2.010   17.704  1.000 81.316  0 77  TRP A CH2 1 ? 
ATOM   619  N N   . ASN A 1 81  ? 8.330   -2.910  13.454  1.000 58.407  0 78  ASN A N   1 ? 
ATOM   620  C CA  . ASN A 1 81  ? 9.491   -3.737  13.165  1.000 57.774  0 78  ASN A CA  1 ? 
ATOM   621  C C   . ASN A 1 81  ? 9.667   -3.864  11.651  1.000 56.230  0 78  ASN A C   1 ? 
ATOM   622  O O   . ASN A 1 81  ? 8.766   -4.319  10.951  1.000 53.941  0 78  ASN A O   1 ? 
ATOM   623  C CB  . ASN A 1 81  ? 9.414   -5.084  13.886  1.000 61.936  0 78  ASN A CB  1 ? 
ATOM   624  C CG  . ASN A 1 81  ? 10.758  -5.772  14.017  1.000 66.791  0 78  ASN A CG  1 ? 
ATOM   625  O OD1 . ASN A 1 81  ? 11.503  -5.892  13.043  1.000 68.033  0 78  ASN A OD1 1 ? 
ATOM   626  N ND2 . ASN A 1 81  ? 11.072  -6.237  15.217  1.000 66.090  0 78  ASN A ND2 1 ? 
ATOM   627  N N   . MET A 1 82  ? 10.847  -3.453  11.174  1.000 53.585  0 79  MET A N   1 ? 
ATOM   628  C CA  . MET A 1 82  ? 11.199  -3.398  9.765   1.000 54.367  0 79  MET A CA  1 ? 
ATOM   629  C C   . MET A 1 82  ? 10.850  -4.712  9.068   1.000 61.423  0 79  MET A C   1 ? 
ATOM   630  O O   . MET A 1 82  ? 10.322  -4.712  7.958   1.000 69.726  0 79  MET A O   1 ? 
ATOM   631  C CB  . MET A 1 82  ? 12.705  -3.153  9.624   1.000 56.163  0 79  MET A CB  1 ? 
ATOM   632  C CG  . MET A 1 82  ? 13.089  -2.474  8.341   1.000 58.545  0 79  MET A CG  1 ? 
ATOM   633  S SD  . MET A 1 82  ? 14.808  -1.930  8.391   1.000 67.674  0 79  MET A SD  1 ? 
ATOM   634  C CE  . MET A 1 82  ? 15.636  -3.433  7.876   1.000 71.287  0 79  MET A CE  1 ? 
ATOM   635  N N   . LYS A 1 83  ? 11.150  -5.832  9.729   1.000 63.285  0 80  LYS A N   1 ? 
ATOM   636  C CA  . LYS A 1 83  ? 11.050  -7.141  9.108   1.000 58.048  0 80  LYS A CA  1 ? 
ATOM   637  C C   . LYS A 1 83  ? 9.599   -7.453  8.760   1.000 54.444  0 80  LYS A C   1 ? 
ATOM   638  O O   . LYS A 1 83  ? 9.354   -8.115  7.758   1.000 54.002  0 80  LYS A O   1 ? 
ATOM   639  C CB  . LYS A 1 83  ? 11.640  -8.235  10.006  1.000 59.558  0 80  LYS A CB  1 ? 
ATOM   640  C CG  . LYS A 1 83  ? 10.776  -8.655  11.192  1.000 60.006  0 80  LYS A CG  1 ? 
ATOM   641  C CD  . LYS A 1 83  ? 11.395  -9.742  12.042  1.000 62.345  0 80  LYS A CD  1 ? 
ATOM   642  C CE  . LYS A 1 83  ? 10.648  -9.952  13.343  1.000 64.886  0 80  LYS A CE  1 ? 
ATOM   643  N NZ  . LYS A 1 83  ? 10.941  -11.279 13.929  1.000 65.462  0 80  LYS A NZ  1 ? 
ATOM   644  N N   . TYR A 1 84  ? 8.651   -7.004  9.593   1.000 52.014  0 81  TYR A N   1 ? 
ATOM   645  C CA  . TYR A 1 84  ? 7.267   -7.426  9.432   1.000 57.324  0 81  TYR A CA  1 ? 
ATOM   646  C C   . TYR A 1 84  ? 6.715   -6.892  8.112   1.000 59.389  0 81  TYR A C   1 ? 
ATOM   647  O O   . TYR A 1 84  ? 5.804   -7.482  7.535   1.000 61.465  0 81  TYR A O   1 ? 
ATOM   648  C CB  . TYR A 1 84  ? 6.401   -7.006  10.623  1.000 63.572  0 81  TYR A CB  1 ? 
ATOM   649  C CG  . TYR A 1 84  ? 6.642   -7.771  11.903  1.000 76.487  0 81  TYR A CG  1 ? 
ATOM   650  C CD1 . TYR A 1 84  ? 6.516   -9.151  11.953  1.000 78.762  0 81  TYR A CD1 1 ? 
ATOM   651  C CD2 . TYR A 1 84  ? 6.981   -7.115  13.078  1.000 81.634  0 81  TYR A CD2 1 ? 
ATOM   652  C CE1 . TYR A 1 84  ? 6.730   -9.858  13.124  1.000 83.390  0 81  TYR A CE1 1 ? 
ATOM   653  C CE2 . TYR A 1 84  ? 7.195   -7.807  14.260  1.000 84.596  0 81  TYR A CE2 1 ? 
ATOM   654  C CZ  . TYR A 1 84  ? 7.069   -9.185  14.283  1.000 85.461  0 81  TYR A CZ  1 ? 
ATOM   655  O OH  . TYR A 1 84  ? 7.276   -9.883  15.437  1.000 89.127  0 81  TYR A OH  1 ? 
ATOM   656  N N   . TYR A 1 85  ? 7.301   -5.785  7.641   1.000 55.683  0 82  TYR A N   1 ? 
ATOM   657  C CA  . TYR A 1 85  ? 6.880   -5.133  6.412   1.000 50.858  0 82  TYR A CA  1 ? 
ATOM   658  C C   . TYR A 1 85  ? 7.436   -5.863  5.190   1.000 52.219  0 82  TYR A C   1 ? 
ATOM   659  O O   . TYR A 1 85  ? 6.793   -5.860  4.139   1.000 50.081  0 82  TYR A O   1 ? 
ATOM   660  C CB  . TYR A 1 85  ? 7.058   -3.611  6.520   1.000 46.418  0 82  TYR A CB  1 ? 
ATOM   661  C CG  . TYR A 1 85  ? 6.080   -3.072  7.531   1.000 46.656  0 82  TYR A CG  1 ? 
ATOM   662  C CD1 . TYR A 1 85  ? 4.720   -3.043  7.246   1.000 43.411  0 82  TYR A CD1 1 ? 
ATOM   663  C CD2 . TYR A 1 85  ? 6.487   -2.725  8.810   1.000 43.772  0 82  TYR A CD2 1 ? 
ATOM   664  C CE1 . TYR A 1 85  ? 3.787   -2.650  8.189   1.000 41.739  0 82  TYR A CE1 1 ? 
ATOM   665  C CE2 . TYR A 1 85  ? 5.567   -2.315  9.759   1.000 43.325  0 82  TYR A CE2 1 ? 
ATOM   666  C CZ  . TYR A 1 85  ? 4.217   -2.290  9.452   1.000 44.687  0 82  TYR A CZ  1 ? 
ATOM   667  O OH  . TYR A 1 85  ? 3.309   -1.883  10.386  1.000 50.645  0 82  TYR A OH  1 ? 
ATOM   668  N N   . ARG A 1 86  ? 8.604   -6.504  5.353   1.000 51.886  0 83  ARG A N   1 ? 
ATOM   669  C CA  . ARG A 1 86  ? 9.239   -7.273  4.292   1.000 56.340  0 83  ARG A CA  1 ? 
ATOM   670  C C   . ARG A 1 86  ? 8.487   -8.589  4.116   1.000 51.994  0 83  ARG A C   1 ? 
ATOM   671  O O   . ARG A 1 86  ? 8.340   -9.081  3.003   1.000 50.284  0 83  ARG A O   1 ? 
ATOM   672  C CB  . ARG A 1 86  ? 10.727  -7.516  4.570   1.000 60.011  0 83  ARG A CB  1 ? 
ATOM   673  C CG  . ARG A 1 86  ? 11.585  -7.714  3.324   1.000 68.474  0 83  ARG A CG  1 ? 
ATOM   674  C CD  . ARG A 1 86  ? 11.353  -8.991  2.523   1.000 76.070  0 83  ARG A CD  1 ? 
ATOM   675  N NE  . ARG A 1 86  ? 12.472  -9.387  1.666   1.000 82.492  0 83  ARG A NE  1 ? 
ATOM   676  C CZ  . ARG A 1 86  ? 13.271  -10.443 1.860   1.000 83.219  0 83  ARG A CZ  1 ? 
ATOM   677  N NH1 . ARG A 1 86  ? 13.090  -11.256 2.889   1.000 73.064  0 83  ARG A NH1 1 ? 
ATOM   678  N NH2 . ARG A 1 86  ? 14.257  -10.681 1.012   1.000 86.967  0 83  ARG A NH2 1 ? 
ATOM   679  N N   . MET A 1 87  ? 7.977   -9.130  5.222   1.000 53.542  0 84  MET A N   1 ? 
ATOM   680  C CA  . MET A 1 87  ? 7.186   -10.350 5.170   1.000 55.466  0 84  MET A CA  1 ? 
ATOM   681  C C   . MET A 1 87  ? 5.905   -10.083 4.381   1.000 54.451  0 84  MET A C   1 ? 
ATOM   682  O O   . MET A 1 87  ? 5.283   -11.015 3.869   1.000 57.741  0 84  MET A O   1 ? 
ATOM   683  C CB  . MET A 1 87  ? 6.851   -10.887 6.569   1.000 57.137  0 84  MET A CB  1 ? 
ATOM   684  C CG  . MET A 1 87  ? 8.050   -10.923 7.528   1.000 59.589  0 84  MET A CG  1 ? 
ATOM   685  S SD  . MET A 1 87  ? 8.073   -12.200 8.819   1.000 59.385  0 84  MET A SD  1 ? 
ATOM   686  C CE  . MET A 1 87  ? 6.415   -12.099 9.499   1.000 50.646  0 84  MET A CE  1 ? 
ATOM   687  N N   . ILE A 1 88  ? 5.534   -8.801  4.266   1.000 55.028  0 85  ILE A N   1 ? 
ATOM   688  C CA  . ILE A 1 88  ? 4.289   -8.413  3.617   1.000 49.249  0 85  ILE A CA  1 ? 
ATOM   689  C C   . ILE A 1 88  ? 4.577   -8.045  2.165   1.000 44.486  0 85  ILE A C   1 ? 
ATOM   690  O O   . ILE A 1 88  ? 3.828   -8.434  1.265   1.000 41.064  0 85  ILE A O   1 ? 
ATOM   691  C CB  . ILE A 1 88  ? 3.552   -7.315  4.407   1.000 50.480  0 85  ILE A CB  1 ? 
ATOM   692  C CG1 . ILE A 1 88  ? 3.030   -7.857  5.744   1.000 50.342  0 85  ILE A CG1 1 ? 
ATOM   693  C CG2 . ILE A 1 88  ? 2.432   -6.711  3.574   1.000 49.132  0 85  ILE A CG2 1 ? 
ATOM   694  C CD1 . ILE A 1 88  ? 2.362   -6.826  6.632   1.000 52.255  0 85  ILE A CD1 1 ? 
ATOM   695  N N   . ALA A 1 89  ? 5.710   -7.367  1.958   1.000 39.180  0 86  ALA A N   1 ? 
ATOM   696  C CA  . ALA A 1 89  ? 6.227   -7.107  0.625   1.000 41.703  0 86  ALA A CA  1 ? 
ATOM   697  C C   . ALA A 1 89  ? 6.327   -8.411  -0.162  1.000 47.502  0 86  ALA A C   1 ? 
ATOM   698  O O   . ALA A 1 89  ? 5.913   -8.474  -1.325  1.000 49.671  0 86  ALA A O   1 ? 
ATOM   699  C CB  . ALA A 1 89  ? 7.567   -6.419  0.714   1.000 41.323  0 86  ALA A CB  1 ? 
ATOM   700  N N   . ASP A 1 90  ? 6.875   -9.446  0.495   1.000 47.179  0 87  ASP A N   1 ? 
ATOM   701  C CA  . ASP A 1 90  ? 7.048   -10.756 -0.114  1.000 45.198  0 87  ASP A CA  1 ? 
ATOM   702  C C   . ASP A 1 90  ? 5.689   -11.307 -0.536  1.000 43.924  0 87  ASP A C   1 ? 
ATOM   703  O O   . ASP A 1 90  ? 5.556   -11.790 -1.655  1.000 47.331  0 87  ASP A O   1 ? 
ATOM   704  C CB  . ASP A 1 90  ? 7.913   -11.680 0.749   1.000 44.345  0 87  ASP A CB  1 ? 
ATOM   705  C CG  . ASP A 1 90  ? 9.402   -11.371 0.646   1.000 48.529  0 87  ASP A CG  1 ? 
ATOM   706  O OD1 . ASP A 1 90  ? 9.759   -10.405 -0.058  1.000 49.376  0 87  ASP A OD1 1 ? 
ATOM   707  O OD2 . ASP A 1 90  ? 10.202  -12.098 1.269   1.000 54.350  0 87  ASP A OD2 1 ? 
ATOM   708  N N   . ALA A 1 91  ? 4.685   -11.183 0.343   1.000 43.584  0 88  ALA A N   1 ? 
ATOM   709  C CA  . ALA A 1 91  ? 3.330   -11.642 0.066   1.000 44.075  0 88  ALA A CA  1 ? 
ATOM   710  C C   . ALA A 1 91  ? 2.657   -10.801 -1.022  1.000 47.681  0 88  ALA A C   1 ? 
ATOM   711  O O   . ALA A 1 91  ? 1.870   -11.343 -1.792  1.000 48.041  0 88  ALA A O   1 ? 
ATOM   712  C CB  . ALA A 1 91  ? 2.499   -11.689 1.329   1.000 41.424  0 88  ALA A CB  1 ? 
ATOM   713  N N   . PHE A 1 92  ? 2.946   -9.489  -1.077  1.000 46.082  0 89  PHE A N   1 ? 
ATOM   714  C CA  . PHE A 1 92  ? 2.405   -8.654  -2.147  1.000 45.092  0 89  PHE A CA  1 ? 
ATOM   715  C C   . PHE A 1 92  ? 3.053   -9.030  -3.477  1.000 46.409  0 89  PHE A C   1 ? 
ATOM   716  O O   . PHE A 1 92  ? 2.360   -9.160  -4.478  1.000 47.381  0 89  PHE A O   1 ? 
ATOM   717  C CB  . PHE A 1 92  ? 2.546   -7.147  -1.873  1.000 43.045  0 89  PHE A CB  1 ? 
ATOM   718  C CG  . PHE A 1 92  ? 1.381   -6.497  -1.158  1.000 39.682  0 89  PHE A CG  1 ? 
ATOM   719  C CD1 . PHE A 1 92  ? 1.231   -6.603  0.218   1.000 39.255  0 89  PHE A CD1 1 ? 
ATOM   720  C CD2 . PHE A 1 92  ? 0.421   -5.793  -1.862  1.000 37.584  0 89  PHE A CD2 1 ? 
ATOM   721  C CE1 . PHE A 1 92  ? 0.153   -6.027  0.875   1.000 40.090  0 89  PHE A CE1 1 ? 
ATOM   722  C CE2 . PHE A 1 92  ? -0.659  -5.215  -1.208  1.000 40.224  0 89  PHE A CE2 1 ? 
ATOM   723  C CZ  . PHE A 1 92  ? -0.786  -5.318  0.161   1.000 41.975  0 89  PHE A CZ  1 ? 
ATOM   724  N N   . LYS A 1 93  ? 4.380   -9.210  -3.483  1.000 47.913  0 90  LYS A N   1 ? 
ATOM   725  C CA  . LYS A 1 93  ? 5.083   -9.523  -4.717  1.000 51.432  0 90  LYS A CA  1 ? 
ATOM   726  C C   . LYS A 1 93  ? 4.529   -10.814 -5.313  1.000 53.629  0 90  LYS A C   1 ? 
ATOM   727  O O   . LYS A 1 93  ? 4.291   -10.882 -6.518  1.000 50.285  0 90  LYS A O   1 ? 
ATOM   728  C CB  . LYS A 1 93  ? 6.594   -9.635  -4.494  1.000 56.229  0 90  LYS A CB  1 ? 
ATOM   729  C CG  . LYS A 1 93  ? 7.313   -8.334  -4.162  1.000 61.342  0 90  LYS A CG  1 ? 
ATOM   730  C CD  . LYS A 1 93  ? 8.789   -8.537  -3.900  1.000 66.103  0 90  LYS A CD  1 ? 
ATOM   731  C CE  . LYS A 1 93  ? 9.356   -7.566  -2.887  1.000 64.663  0 90  LYS A CE  1 ? 
ATOM   732  N NZ  . LYS A 1 93  ? 9.410   -6.189  -3.429  1.000 65.814  0 90  LYS A NZ  1 ? 
ATOM   733  N N   . GLN A 1 94  ? 4.300   -11.820 -4.455  1.000 51.481  0 91  GLN A N   1 ? 
ATOM   734  C CA  . GLN A 1 94  ? 3.924   -13.146 -4.924  1.000 54.819  0 91  GLN A CA  1 ? 
ATOM   735  C C   . GLN A 1 94  ? 2.507   -13.110 -5.487  1.000 53.691  0 91  GLN A C   1 ? 
ATOM   736  O O   . GLN A 1 94  ? 2.240   -13.743 -6.511  1.000 56.602  0 91  GLN A O   1 ? 
ATOM   737  C CB  . GLN A 1 94  ? 4.076   -14.203 -3.826  1.000 57.810  0 91  GLN A CB  1 ? 
ATOM   738  C CG  . GLN A 1 94  ? 3.965   -15.641 -4.323  1.000 62.221  0 91  GLN A CG  1 ? 
ATOM   739  C CD  . GLN A 1 94  ? 3.902   -16.653 -3.200  1.000 66.100  0 91  GLN A CD  1 ? 
ATOM   740  O OE1 . GLN A 1 94  ? 4.324   -16.387 -2.072  1.000 70.515  0 91  GLN A OE1 1 ? 
ATOM   741  N NE2 . GLN A 1 94  ? 3.374   -17.831 -3.502  1.000 54.908  0 91  GLN A NE2 1 ? 
ATOM   742  N N   . ALA A 1 95  ? 1.612   -12.368 -4.818  1.000 47.263  0 92  ALA A N   1 ? 
ATOM   743  C CA  . ALA A 1 95  ? 0.262   -12.182 -5.334  1.000 46.278  0 92  ALA A CA  1 ? 
ATOM   744  C C   . ALA A 1 95  ? 0.328   -11.415 -6.654  1.000 43.244  0 92  ALA A C   1 ? 
ATOM   745  O O   . ALA A 1 95  ? -0.491  -11.629 -7.532  1.000 40.730  0 92  ALA A O   1 ? 
ATOM   746  C CB  . ALA A 1 95  ? -0.635  -11.496 -4.330  1.000 45.987  0 92  ALA A CB  1 ? 
ATOM   747  N N   . GLY A 1 96  ? 1.344   -10.562 -6.798  1.000 41.433  0 93  GLY A N   1 ? 
ATOM   748  C CA  . GLY A 1 96  ? 1.614   -9.900  -8.063  1.000 44.793  0 93  GLY A CA  1 ? 
ATOM   749  C C   . GLY A 1 96  ? 2.081   -10.872 -9.145  1.000 45.950  0 93  GLY A C   1 ? 
ATOM   750  O O   . GLY A 1 96  ? 1.810   -10.658 -10.322 1.000 46.185  0 93  GLY A O   1 ? 
ATOM   751  N N   . ARG A 1 97  ? 2.787   -11.935 -8.741  1.000 47.974  0 94  ARG A N   1 ? 
ATOM   752  C CA  . ARG A 1 97  ? 3.320   -12.904 -9.683  1.000 44.783  0 94  ARG A CA  1 ? 
ATOM   753  C C   . ARG A 1 97  ? 2.170   -13.759 -10.208 1.000 44.263  0 94  ARG A C   1 ? 
ATOM   754  O O   . ARG A 1 97  ? 1.917   -13.767 -11.413 1.000 43.352  0 94  ARG A O   1 ? 
ATOM   755  C CB  . ARG A 1 97  ? 4.544   -13.620 -9.101  1.000 49.645  0 94  ARG A CB  1 ? 
ATOM   756  C CG  . ARG A 1 97  ? 5.870   -13.020 -9.562  1.000 53.631  0 94  ARG A CG  1 ? 
ATOM   757  C CD  . ARG A 1 97  ? 7.110   -13.191 -8.690  1.000 60.039  0 94  ARG A CD  1 ? 
ATOM   758  N NE  . ARG A 1 97  ? 6.978   -14.109 -7.556  1.000 69.407  0 94  ARG A NE  1 ? 
ATOM   759  C CZ  . ARG A 1 97  ? 7.231   -13.800 -6.281  1.000 67.921  0 94  ARG A CZ  1 ? 
ATOM   760  N NH1 . ARG A 1 97  ? 7.646   -12.584 -5.962  1.000 69.230  0 94  ARG A NH1 1 ? 
ATOM   761  N NH2 . ARG A 1 97  ? 7.074   -14.708 -5.331  1.000 60.883  0 94  ARG A NH2 1 ? 
ATOM   762  N N   . GLU A 1 98  ? 1.428   -14.410 -9.304  1.000 44.591  0 95  GLU A N   1 ? 
ATOM   763  C CA  . GLU A 1 98  ? 0.056   -14.779 -9.624  1.000 49.845  0 95  GLU A CA  1 ? 
ATOM   764  C C   . GLU A 1 98  ? -0.652  -13.503 -10.078 1.000 54.121  0 95  GLU A C   1 ? 
ATOM   765  O O   . GLU A 1 98  ? -0.090  -12.415 -9.977  1.000 65.804  0 95  GLU A O   1 ? 
ATOM   766  C CB  . GLU A 1 98  ? -0.703  -15.317 -8.402  1.000 50.562  0 95  GLU A CB  1 ? 
ATOM   767  C CG  . GLU A 1 98  ? 0.022   -16.371 -7.576  1.000 52.758  0 95  GLU A CG  1 ? 
ATOM   768  C CD  . GLU A 1 98  ? -0.697  -16.824 -6.305  1.000 61.419  0 95  GLU A CD  1 ? 
ATOM   769  O OE1 . GLU A 1 98  ? -1.963  -16.716 -6.239  1.000 56.243  0 95  GLU A OE1 1 ? 
ATOM   770  O OE2 . GLU A 1 98  ? 0.010   -17.286 -5.366  1.000 59.606  0 95  GLU A OE2 1 ? 
ATOM   771  N N   . LEU A 1 99  ? -1.892  -13.618 -10.556 1.000 49.956  0 96  LEU A N   1 ? 
ATOM   772  C CA  . LEU A 1 99  ? -2.701  -12.451 -10.884 1.000 45.350  0 96  LEU A CA  1 ? 
ATOM   773  C C   . LEU A 1 99  ? -2.061  -11.573 -11.965 1.000 46.541  0 96  LEU A C   1 ? 
ATOM   774  O O   . LEU A 1 99  ? -2.754  -10.743 -12.548 1.000 49.568  0 96  LEU A O   1 ? 
ATOM   775  C CB  . LEU A 1 99  ? -2.997  -11.633 -9.623  1.000 41.817  0 96  LEU A CB  1 ? 
ATOM   776  C CG  . LEU A 1 99  ? -3.633  -12.379 -8.447  1.000 43.394  0 96  LEU A CG  1 ? 
ATOM   777  C CD1 . LEU A 1 99  ? -4.236  -11.404 -7.447  1.000 35.208  0 96  LEU A CD1 1 ? 
ATOM   778  C CD2 . LEU A 1 99  ? -4.688  -13.373 -8.906  1.000 45.799  0 96  LEU A CD2 1 ? 
ATOM   779  N N   . GLY A 1 100 ? -0.753  -11.743 -12.220 1.000 46.880  0 97  GLY A N   1 ? 
ATOM   780  C CA  . GLY A 1 100 ? -0.040  -11.053 -13.289 1.000 46.091  0 97  GLY A CA  1 ? 
ATOM   781  C C   . GLY A 1 100 ? -0.116  -9.527  -13.171 1.000 53.963  0 97  GLY A C   1 ? 
ATOM   782  O O   . GLY A 1 100 ? -0.294  -8.832  -14.172 1.000 52.837  0 97  GLY A O   1 ? 
ATOM   783  N N   . VAL A 1 101 ? 0.033   -9.011  -11.940 1.000 54.970  0 98  VAL A N   1 ? 
ATOM   784  C CA  . VAL A 1 101 ? 0.065   -7.580  -11.657 1.000 51.195  0 98  VAL A CA  1 ? 
ATOM   785  C C   . VAL A 1 101 ? 1.462   -7.210  -11.165 1.000 50.946  0 98  VAL A C   1 ? 
ATOM   786  O O   . VAL A 1 101 ? 2.002   -7.886  -10.291 1.000 55.766  0 98  VAL A O   1 ? 
ATOM   787  C CB  . VAL A 1 101 ? -0.994  -7.212  -10.602 1.000 47.454  0 98  VAL A CB  1 ? 
ATOM   788  C CG1 . VAL A 1 101 ? -1.009  -5.727  -10.299 1.000 47.861  0 98  VAL A CG1 1 ? 
ATOM   789  C CG2 . VAL A 1 101 ? -2.382  -7.694  -10.994 1.000 49.305  0 98  VAL A CG2 1 ? 
ATOM   790  N N   . SER A 1 102 ? 2.040   -6.139  -11.724 1.000 49.193  0 99  SER A N   1 ? 
ATOM   791  C CA  . SER A 1 102 ? 3.360   -5.684  -11.306 1.000 55.278  0 99  SER A CA  1 ? 
ATOM   792  C C   . SER A 1 102 ? 3.225   -4.694  -10.148 1.000 58.725  0 99  SER A C   1 ? 
ATOM   793  O O   . SER A 1 102 ? 2.869   -3.535  -10.360 1.000 60.514  0 99  SER A O   1 ? 
ATOM   794  C CB  . SER A 1 102 ? 4.134   -5.075  -12.450 1.000 53.773  0 99  SER A CB  1 ? 
ATOM   795  O OG  . SER A 1 102 ? 3.737   -5.638  -13.691 1.000 61.834  0 99  SER A OG  1 ? 
ATOM   796  N N   . VAL A 1 103 ? 3.497   -5.148  -8.916  1.000 54.277  0 100 VAL A N   1 ? 
ATOM   797  C CA  . VAL A 1 103 ? 3.263   -4.279  -7.776  1.000 51.784  0 100 VAL A CA  1 ? 
ATOM   798  C C   . VAL A 1 103 ? 4.598   -3.764  -7.256  1.000 52.564  0 100 VAL A C   1 ? 
ATOM   799  O O   . VAL A 1 103 ? 5.579   -4.504  -7.227  1.000 56.782  0 100 VAL A O   1 ? 
ATOM   800  C CB  . VAL A 1 103 ? 2.434   -4.946  -6.665  1.000 50.883  0 100 VAL A CB  1 ? 
ATOM   801  C CG1 . VAL A 1 103 ? 1.791   -3.893  -5.778  1.000 50.554  0 100 VAL A CG1 1 ? 
ATOM   802  C CG2 . VAL A 1 103 ? 1.361   -5.849  -7.241  1.000 54.330  0 100 VAL A CG2 1 ? 
ATOM   803  N N   . GLU A 1 104 ? 4.601   -2.489  -6.854  1.000 48.473  0 101 GLU A N   1 ? 
ATOM   804  C CA  . GLU A 1 104 ? 5.786   -1.827  -6.339  1.000 49.764  0 101 GLU A CA  1 ? 
ATOM   805  C C   . GLU A 1 104 ? 5.693   -1.693  -4.819  1.000 50.848  0 101 GLU A C   1 ? 
ATOM   806  O O   . GLU A 1 104 ? 4.643   -1.338  -4.279  1.000 51.705  0 101 GLU A O   1 ? 
ATOM   807  C CB  . GLU A 1 104 ? 5.938   -0.455  -6.994  1.000 51.120  0 101 GLU A CB  1 ? 
ATOM   808  C CG  . GLU A 1 104 ? 6.516   -0.503  -8.399  1.000 52.507  0 101 GLU A CG  1 ? 
ATOM   809  C CD  . GLU A 1 104 ? 6.460   0.820   -9.150  1.000 58.030  0 101 GLU A CD  1 ? 
ATOM   810  O OE1 . GLU A 1 104 ? 5.560   1.636   -8.854  1.000 54.200  0 101 GLU A OE1 1 ? 
ATOM   811  O OE2 . GLU A 1 104 ? 7.322   1.038   -10.031 1.000 64.854  0 101 GLU A OE2 1 ? 
ATOM   812  N N   . TRP A 1 105 ? 6.809   -1.983  -4.139  1.000 48.607  0 102 TRP A N   1 ? 
ATOM   813  C CA  . TRP A 1 105 ? 6.943   -1.760  -2.708  1.000 47.339  0 102 TRP A CA  1 ? 
ATOM   814  C C   . TRP A 1 105 ? 7.834   -0.542  -2.473  1.000 48.528  0 102 TRP A C   1 ? 
ATOM   815  O O   . TRP A 1 105 ? 8.736   -0.277  -3.265  1.000 50.514  0 102 TRP A O   1 ? 
ATOM   816  C CB  . TRP A 1 105 ? 7.497   -3.026  -2.048  1.000 50.880  0 102 TRP A CB  1 ? 
ATOM   817  C CG  . TRP A 1 105 ? 7.704   -2.985  -0.560  1.000 54.026  0 102 TRP A CG  1 ? 
ATOM   818  C CD1 . TRP A 1 105 ? 6.776   -2.705  0.402   1.000 51.323  0 102 TRP A CD1 1 ? 
ATOM   819  C CD2 . TRP A 1 105 ? 8.921   -3.302  0.142   1.000 55.109  0 102 TRP A CD2 1 ? 
ATOM   820  N NE1 . TRP A 1 105 ? 7.331   -2.807  1.648   1.000 52.115  0 102 TRP A NE1 1 ? 
ATOM   821  C CE2 . TRP A 1 105 ? 8.649   -3.165  1.522   1.000 56.166  0 102 TRP A CE2 1 ? 
ATOM   822  C CE3 . TRP A 1 105 ? 10.213  -3.674  -0.254  1.000 52.012  0 102 TRP A CE3 1 ? 
ATOM   823  C CZ2 . TRP A 1 105 ? 9.625   -3.387  2.497   1.000 56.286  0 102 TRP A CZ2 1 ? 
ATOM   824  C CZ3 . TRP A 1 105 ? 11.173  -3.883  0.711   1.000 52.661  0 102 TRP A CZ3 1 ? 
ATOM   825  C CH2 . TRP A 1 105 ? 10.885  -3.741  2.069   1.000 49.961  0 102 TRP A CH2 1 ? 
ATOM   826  N N   . GLY A 1 106 ? 7.536   0.215   -1.408  1.000 48.738  0 103 GLY A N   1 ? 
ATOM   827  C CA  . GLY A 1 106 ? 8.373   1.310   -0.935  1.000 46.906  0 103 GLY A CA  1 ? 
ATOM   828  C C   . GLY A 1 106 ? 9.872   1.005   -0.974  1.000 52.032  0 103 GLY A C   1 ? 
ATOM   829  O O   . GLY A 1 106 ? 10.650  1.815   -1.486  1.000 53.075  0 103 GLY A O   1 ? 
ATOM   830  N N   . GLY A 1 107 ? 10.267  -0.167  -0.436  1.000 50.846  0 104 GLY A N   1 ? 
ATOM   831  C CA  . GLY A 1 107 ? 11.628  -0.686  -0.544  1.000 47.491  0 104 GLY A CA  1 ? 
ATOM   832  C C   . GLY A 1 107 ? 12.208  -0.486  -1.942  1.000 48.472  0 104 GLY A C   1 ? 
ATOM   833  O O   . GLY A 1 107 ? 11.983  -1.366  -2.795  1.000 51.216  0 104 GLY A O   1 ? 
ATOM   834  N N   . TRP A 1 109 ? 17.360  -2.182  4.676   1.000 61.411  0 105 TRP A N   1 ? 
ATOM   835  C CA  . TRP A 1 109 ? 17.077  -1.076  5.635   1.000 62.771  0 105 TRP A CA  1 ? 
ATOM   836  C C   . TRP A 1 109 ? 16.021  -0.128  5.067   1.000 58.644  0 105 TRP A C   1 ? 
ATOM   837  O O   . TRP A 1 109 ? 16.307  0.675   4.177   1.000 51.289  0 105 TRP A O   1 ? 
ATOM   838  C CB  . TRP A 1 109 ? 18.361  -0.332  6.035   1.000 70.068  0 105 TRP A CB  1 ? 
ATOM   839  C CG  . TRP A 1 109 ? 18.360  -0.027  7.498   1.000 70.714  0 105 TRP A CG  1 ? 
ATOM   840  C CD1 . TRP A 1 109 ? 19.127  -0.615  8.462   1.000 70.342  0 105 TRP A CD1 1 ? 
ATOM   841  C CD2 . TRP A 1 109 ? 17.470  0.878   8.180   1.000 78.458  0 105 TRP A CD2 1 ? 
ATOM   842  N NE1 . TRP A 1 109 ? 18.797  -0.119  9.696   1.000 79.414  0 105 TRP A NE1 1 ? 
ATOM   843  C CE2 . TRP A 1 109 ? 17.785  0.800   9.556   1.000 83.170  0 105 TRP A CE2 1 ? 
ATOM   844  C CE3 . TRP A 1 109 ? 16.454  1.754   7.764   1.000 78.319  0 105 TRP A CE3 1 ? 
ATOM   845  C CZ2 . TRP A 1 109 ? 17.118  1.567   10.513  1.000 86.548  0 105 TRP A CZ2 1 ? 
ATOM   846  C CZ3 . TRP A 1 109 ? 15.792  2.509   8.710   1.000 84.553  0 105 TRP A CZ3 1 ? 
ATOM   847  C CH2 . TRP A 1 109 ? 16.121  2.411   10.068  1.000 87.963  0 105 TRP A CH2 1 ? 
ATOM   848  N N   . VAL A 1 110 ? 14.801  -0.220  5.615   1.000 53.849  0 106 VAL A N   1 ? 
ATOM   849  C CA  . VAL A 1 110 ? 13.635  0.388   4.994   1.000 50.251  0 106 VAL A CA  1 ? 
ATOM   850  C C   . VAL A 1 110 ? 12.858  1.176   6.042   1.000 50.633  0 106 VAL A C   1 ? 
ATOM   851  O O   . VAL A 1 110 ? 12.373  0.608   7.022   1.000 53.353  0 106 VAL A O   1 ? 
ATOM   852  C CB  . VAL A 1 110 ? 12.757  -0.664  4.283   1.000 46.850  0 106 VAL A CB  1 ? 
ATOM   853  C CG1 . VAL A 1 110 ? 11.387  -0.126  3.882   1.000 42.119  0 106 VAL A CG1 1 ? 
ATOM   854  C CG2 . VAL A 1 110 ? 13.469  -1.232  3.069   1.000 48.032  0 106 VAL A CG2 1 ? 
ATOM   855  N N   . SER A 1 111 ? 12.734  2.486   5.797   1.000 49.546  0 107 SER A N   1 ? 
ATOM   856  C CA  . SER A 1 111 ? 11.993  3.363   6.689   1.000 54.861  0 107 SER A CA  1 ? 
ATOM   857  C C   . SER A 1 111 ? 10.562  2.850   6.813   1.000 52.395  0 107 SER A C   1 ? 
ATOM   858  O O   . SER A 1 111 ? 10.059  2.198   5.902   1.000 57.893  0 107 SER A O   1 ? 
ATOM   859  C CB  . SER A 1 111 ? 12.014  4.788   6.197   1.000 54.504  0 107 SER A CB  1 ? 
ATOM   860  O OG  . SER A 1 111 ? 11.092  4.954   5.125   1.000 63.680  0 107 SER A OG  1 ? 
ATOM   861  N N   . PHE A 1 112 ? 9.914   3.159   7.936   1.000 47.526  0 108 PHE A N   1 ? 
ATOM   862  C CA  . PHE A 1 112 ? 8.522   2.792   8.121   1.000 49.815  0 108 PHE A CA  1 ? 
ATOM   863  C C   . PHE A 1 112 ? 7.686   3.298   6.946   1.000 56.434  0 108 PHE A C   1 ? 
ATOM   864  O O   . PHE A 1 112 ? 6.983   2.513   6.322   1.000 61.353  0 108 PHE A O   1 ? 
ATOM   865  C CB  . PHE A 1 112 ? 8.021   3.295   9.473   1.000 45.865  0 108 PHE A CB  1 ? 
ATOM   866  C CG  . PHE A 1 112 ? 6.549   3.102   9.715   1.000 44.974  0 108 PHE A CG  1 ? 
ATOM   867  C CD1 . PHE A 1 112 ? 6.060   1.903   10.198  1.000 46.450  0 108 PHE A CD1 1 ? 
ATOM   868  C CD2 . PHE A 1 112 ? 5.650   4.129   9.485   1.000 46.045  0 108 PHE A CD2 1 ? 
ATOM   869  C CE1 . PHE A 1 112 ? 4.703   1.728   10.431  1.000 46.554  0 108 PHE A CE1 1 ? 
ATOM   870  C CE2 . PHE A 1 112 ? 4.294   3.957   9.725   1.000 45.848  0 108 PHE A CE2 1 ? 
ATOM   871  C CZ  . PHE A 1 112 ? 3.821   2.756   10.195  1.000 44.732  0 108 PHE A CZ  1 ? 
ATOM   872  N N   . LYS A 1 113 ? 7.796   4.597   6.627   1.000 60.775  0 109 LYS A N   1 ? 
ATOM   873  C CA  . LYS A 1 113 ? 6.943   5.238   5.630   1.000 67.714  0 109 LYS A CA  1 ? 
ATOM   874  C C   . LYS A 1 113 ? 7.037   4.536   4.270   1.000 63.270  0 109 LYS A C   1 ? 
ATOM   875  O O   . LYS A 1 113 ? 6.019   4.398   3.593   1.000 63.544  0 109 LYS A O   1 ? 
ATOM   876  C CB  . LYS A 1 113 ? 7.190   6.752   5.531   1.000 70.448  0 109 LYS A CB  1 ? 
ATOM   877  C CG  . LYS A 1 113 ? 8.452   7.172   4.782   1.000 80.406  0 109 LYS A CG  1 ? 
ATOM   878  C CD  . LYS A 1 113 ? 8.664   8.676   4.678   1.000 90.381  0 109 LYS A CD  1 ? 
ATOM   879  C CE  . LYS A 1 113 ? 10.060  9.059   4.220   1.000 91.717  0 109 LYS A CE  1 ? 
ATOM   880  N NZ  . LYS A 1 113 ? 11.063  8.930   5.306   1.000 89.931  0 109 LYS A NZ  1 ? 
ATOM   881  N N   . ASP A 1 114 ? 8.248   4.117   3.873   1.000 55.304  0 110 ASP A N   1 ? 
ATOM   882  C CA  . ASP A 1 114 ? 8.456   3.383   2.632   1.000 51.126  0 110 ASP A CA  1 ? 
ATOM   883  C C   . ASP A 1 114 ? 7.918   1.952   2.744   1.000 52.205  0 110 ASP A C   1 ? 
ATOM   884  O O   . ASP A 1 114 ? 7.419   1.391   1.773   1.000 55.721  0 110 ASP A O   1 ? 
ATOM   885  C CB  . ASP A 1 114 ? 9.926   3.373   2.208   1.000 47.761  0 110 ASP A CB  1 ? 
ATOM   886  C CG  . ASP A 1 114 ? 10.411  4.717   1.700   1.000 54.053  0 110 ASP A CG  1 ? 
ATOM   887  O OD1 . ASP A 1 114 ? 9.551   5.611   1.516   1.000 57.379  0 110 ASP A OD1 1 ? 
ATOM   888  O OD2 . ASP A 1 114 ? 11.641  4.867   1.493   1.000 50.245  0 110 ASP A OD2 1 ? 
ATOM   889  N N   . GLY A 1 115 ? 8.014   1.355   3.931   1.000 49.395  0 111 GLY A N   1 ? 
ATOM   890  C CA  . GLY A 1 115 ? 7.716   -0.059  4.070   1.000 46.176  0 111 GLY A CA  1 ? 
ATOM   891  C C   . GLY A 1 115 ? 6.220   -0.358  4.083   1.000 44.019  0 111 GLY A C   1 ? 
ATOM   892  O O   . GLY A 1 115 ? 5.825   -1.492  3.832   1.000 45.404  0 111 GLY A O   1 ? 
ATOM   893  N N   . VAL A 1 116 ? 5.395   0.646   4.395   1.000 39.846  0 112 VAL A N   1 ? 
ATOM   894  C CA  . VAL A 1 116 ? 3.959   0.425   4.490   1.000 41.724  0 112 VAL A CA  1 ? 
ATOM   895  C C   . VAL A 1 116 ? 3.317   0.576   3.112   1.000 42.836  0 112 VAL A C   1 ? 
ATOM   896  O O   . VAL A 1 116 ? 2.114   0.337   2.981   1.000 39.339  0 112 VAL A O   1 ? 
ATOM   897  C CB  . VAL A 1 116 ? 3.291   1.402   5.475   1.000 41.533  0 112 VAL A CB  1 ? 
ATOM   898  C CG1 . VAL A 1 116 ? 3.641   1.094   6.919   1.000 44.158  0 112 VAL A CG1 1 ? 
ATOM   899  C CG2 . VAL A 1 116 ? 3.602   2.857   5.140   1.000 40.341  0 112 VAL A CG2 1 ? 
ATOM   900  N N   . HIS A 1 117 ? 4.125   1.005   2.121   1.000 43.124  0 113 HIS A N   1 ? 
ATOM   901  C CA  . HIS A 1 117 ? 3.625   1.669   0.923   1.000 44.664  0 113 HIS A CA  1 ? 
ATOM   902  C C   . HIS A 1 117 ? 3.698   0.762   -0.299  1.000 42.908  0 113 HIS A C   1 ? 
ATOM   903  O O   . HIS A 1 117 ? 4.784   0.350   -0.715  1.000 42.341  0 113 HIS A O   1 ? 
ATOM   904  C CB  . HIS A 1 117 ? 4.355   2.995   0.640   1.000 44.925  0 113 HIS A CB  1 ? 
ATOM   905  C CG  . HIS A 1 117 ? 4.079   3.550   -0.726  1.000 53.374  0 113 HIS A CG  1 ? 
ATOM   906  N ND1 . HIS A 1 117 ? 2.845   4.088   -1.083  1.000 51.547  0 113 HIS A ND1 1 ? 
ATOM   907  C CD2 . HIS A 1 117 ? 4.858   3.641   -1.833  1.000 54.960  0 113 HIS A CD2 1 ? 
ATOM   908  C CE1 . HIS A 1 117 ? 2.884   4.480   -2.345  1.000 52.019  0 113 HIS A CE1 1 ? 
ATOM   909  N NE2 . HIS A 1 117 ? 4.108   4.216   -2.832  1.000 50.687  0 113 HIS A NE2 1 ? 
ATOM   910  N N   . PHE A 1 118 ? 2.524   0.542   -0.898  1.000 42.112  0 114 PHE A N   1 ? 
ATOM   911  C CA  . PHE A 1 118 ? 2.407   -0.177  -2.158  1.000 48.319  0 114 PHE A CA  1 ? 
ATOM   912  C C   . PHE A 1 118 ? 1.647   0.640   -3.197  1.000 45.203  0 114 PHE A C   1 ? 
ATOM   913  O O   . PHE A 1 118 ? 0.687   1.342   -2.877  1.000 43.102  0 114 PHE A O   1 ? 
ATOM   914  C CB  . PHE A 1 118 ? 1.711   -1.522  -1.968  1.000 45.959  0 114 PHE A CB  1 ? 
ATOM   915  C CG  . PHE A 1 118 ? 2.521   -2.468  -1.130  1.000 49.173  0 114 PHE A CG  1 ? 
ATOM   916  C CD1 . PHE A 1 118 ? 3.576   -3.172  -1.687  1.000 46.065  0 114 PHE A CD1 1 ? 
ATOM   917  C CD2 . PHE A 1 118 ? 2.249   -2.618  0.222   1.000 52.169  0 114 PHE A CD2 1 ? 
ATOM   918  C CE1 . PHE A 1 118 ? 4.320   -4.040  -0.910  1.000 45.164  0 114 PHE A CE1 1 ? 
ATOM   919  C CE2 . PHE A 1 118 ? 3.003   -3.482  1.000   1.000 50.256  0 114 PHE A CE2 1 ? 
ATOM   920  C CZ  . PHE A 1 118 ? 4.032   -4.191  0.429   1.000 47.542  0 114 PHE A CZ  1 ? 
ATOM   921  N N   . GLN A 1 119 ? 2.095   0.484   -4.446  1.000 40.126  0 115 GLN A N   1 ? 
ATOM   922  C CA  . GLN A 1 119 ? 1.516   1.191   -5.569  1.000 41.988  0 115 GLN A CA  1 ? 
ATOM   923  C C   . GLN A 1 119 ? 1.561   0.296   -6.806  1.000 44.508  0 115 GLN A C   1 ? 
ATOM   924  O O   . GLN A 1 119 ? 2.339   -0.663  -6.851  1.000 47.044  0 115 GLN A O   1 ? 
ATOM   925  C CB  . GLN A 1 119 ? 2.288   2.487   -5.788  1.000 37.018  0 115 GLN A CB  1 ? 
ATOM   926  C CG  . GLN A 1 119 ? 3.725   2.264   -6.214  1.000 34.647  0 115 GLN A CG  1 ? 
ATOM   927  C CD  . GLN A 1 119 ? 4.392   3.602   -6.390  1.000 39.498  0 115 GLN A CD  1 ? 
ATOM   928  O OE1 . GLN A 1 119 ? 4.184   4.524   -5.600  1.000 42.971  0 115 GLN A OE1 1 ? 
ATOM   929  N NE2 . GLN A 1 119 ? 5.204   3.718   -7.430  1.000 40.129  0 115 GLN A NE2 1 ? 
ATOM   930  N N   . LEU A 1 120 ? 0.685   0.607   -7.775  1.000 39.828  0 116 LEU A N   1 ? 
ATOM   931  C CA  . LEU A 1 120 ? 0.747   0.060   -9.117  1.000 37.263  0 116 LEU A CA  1 ? 
ATOM   932  C C   . LEU A 1 120 ? 1.696   0.959   -9.897  1.000 38.891  0 116 LEU A C   1 ? 
ATOM   933  O O   . LEU A 1 120 ? 1.640   2.180   -9.756  1.000 38.720  0 116 LEU A O   1 ? 
ATOM   934  C CB  . LEU A 1 120 ? -0.650  0.100   -9.750  1.000 33.831  0 116 LEU A CB  1 ? 
ATOM   935  C CG  . LEU A 1 120 ? -1.763  -0.697  -9.069  1.000 31.531  0 116 LEU A CG  1 ? 
ATOM   936  C CD1 . LEU A 1 120 ? -3.051  -0.588  -9.859  1.000 29.028  0 116 LEU A CD1 1 ? 
ATOM   937  C CD2 . LEU A 1 120 ? -1.388  -2.157  -8.917  1.000 32.610  0 116 LEU A CD2 1 ? 
ATOM   938  N N   . PRO A 1 121 ? 2.560   0.406   -10.772 1.000 41.156  0 117 PRO A N   1 ? 
ATOM   939  C CA  . PRO A 1 121 ? 3.601   1.199   -11.427 1.000 45.132  0 117 PRO A CA  1 ? 
ATOM   940  C C   . PRO A 1 121 ? 3.017   2.252   -12.369 1.000 50.937  0 117 PRO A C   1 ? 
ATOM   941  O O   . PRO A 1 121 ? 1.849   2.174   -12.748 1.000 56.673  0 117 PRO A O   1 ? 
ATOM   942  C CB  . PRO A 1 121 ? 4.427   0.140   -12.165 1.000 41.328  0 117 PRO A CB  1 ? 
ATOM   943  C CG  . PRO A 1 121 ? 3.436   -0.966  -12.440 1.000 42.102  0 117 PRO A CG  1 ? 
ATOM   944  C CD  . PRO A 1 121 ? 2.536   -0.989  -11.226 1.000 42.250  0 117 PRO A CD  1 ? 
ATOM   945  N N   . HIS A 1 122 ? 3.843   3.246   -12.715 1.000 55.492  0 118 HIS A N   1 ? 
ATOM   946  C CA  . HIS A 1 122 ? 3.420   4.409   -13.480 1.000 59.984  0 118 HIS A CA  1 ? 
ATOM   947  C C   . HIS A 1 122 ? 3.182   4.019   -14.937 1.000 61.984  0 118 HIS A C   1 ? 
ATOM   948  O O   . HIS A 1 122 ? 2.201   4.449   -15.546 1.000 57.795  0 118 HIS A O   1 ? 
ATOM   949  C CB  . HIS A 1 122 ? 4.473   5.529   -13.388 1.000 65.283  0 118 HIS A CB  1 ? 
ATOM   950  C CG  . HIS A 1 122 ? 4.294   6.493   -12.258 1.000 67.864  0 118 HIS A CG  1 ? 
ATOM   951  N ND1 . HIS A 1 122 ? 3.386   7.541   -12.307 1.000 68.184  0 118 HIS A ND1 1 ? 
ATOM   952  C CD2 . HIS A 1 122 ? 4.933   6.606   -11.072 1.000 66.619  0 118 HIS A CD2 1 ? 
ATOM   953  C CE1 . HIS A 1 122 ? 3.457   8.238   -11.192 1.000 64.479  0 118 HIS A CE1 1 ? 
ATOM   954  N NE2 . HIS A 1 122 ? 4.399   7.686   -10.418 1.000 67.511  0 118 HIS A NE2 1 ? 
ATOM   955  N N   . SER A 1 123 ? 4.110   3.230   -15.494 1.000 61.886  0 119 SER A N   1 ? 
ATOM   956  C CA  . SER A 1 123 ? 4.062   2.879   -16.905 1.000 65.430  0 119 SER A CA  1 ? 
ATOM   957  C C   . SER A 1 123 ? 2.744   2.175   -17.215 1.000 63.758  0 119 SER A C   1 ? 
ATOM   958  O O   . SER A 1 123 ? 2.005   2.595   -18.102 1.000 65.670  0 119 SER A O   1 ? 
ATOM   959  C CB  . SER A 1 123 ? 5.247   2.037   -17.309 1.000 64.515  0 119 SER A CB  1 ? 
ATOM   960  O OG  . SER A 1 123 ? 5.263   0.819   -16.582 1.000 66.860  0 119 SER A OG  1 ? 
ATOM   961  N N   . LYS A 1 124 ? 2.454   1.119   -16.448 1.000 58.280  0 120 LYS A N   1 ? 
ATOM   962  C CA  . LYS A 1 124 ? 1.297   0.290   -16.723 1.000 57.137  0 120 LYS A CA  1 ? 
ATOM   963  C C   . LYS A 1 124 ? 0.041   1.048   -16.320 1.000 53.699  0 120 LYS A C   1 ? 
ATOM   964  O O   . LYS A 1 124 ? -0.962  0.985   -17.022 1.000 55.538  0 120 LYS A O   1 ? 
ATOM   965  C CB  . LYS A 1 124 ? 1.426   -1.090  -16.064 1.000 64.089  0 120 LYS A CB  1 ? 
ATOM   966  C CG  . LYS A 1 124 ? 2.735   -1.825  -16.336 1.000 68.481  0 120 LYS A CG  1 ? 
ATOM   967  C CD  . LYS A 1 124 ? 2.642   -3.327  -16.175 1.000 73.776  0 120 LYS A CD  1 ? 
ATOM   968  C CE  . LYS A 1 124 ? 3.858   -4.062  -16.706 1.000 79.531  0 120 LYS A CE  1 ? 
ATOM   969  N NZ  . LYS A 1 124 ? 4.941   -4.157  -15.696 1.000 77.845  0 120 LYS A NZ  1 ? 
ATOM   970  N N   . TYR A 1 125 ? 0.118   1.788   -15.207 1.000 54.904  0 121 TYR A N   1 ? 
ATOM   971  C CA  . TYR A 1 125 ? -1.036  2.529   -14.711 1.000 56.013  0 121 TYR A CA  1 ? 
ATOM   972  C C   . TYR A 1 125 ? -0.718  4.020   -14.648 1.000 59.866  0 121 TYR A C   1 ? 
ATOM   973  O O   . TYR A 1 125 ? -0.386  4.536   -13.585 1.000 68.378  0 121 TYR A O   1 ? 
ATOM   974  C CB  . TYR A 1 125 ? -1.500  1.990   -13.357 1.000 46.471  0 121 TYR A CB  1 ? 
ATOM   975  C CG  . TYR A 1 125 ? -1.725  0.502   -13.339 1.000 46.379  0 121 TYR A CG  1 ? 
ATOM   976  C CD1 . TYR A 1 125 ? -0.654  -0.370  -13.214 1.000 45.461  0 121 TYR A CD1 1 ? 
ATOM   977  C CD2 . TYR A 1 125 ? -2.995  -0.037  -13.466 1.000 43.966  0 121 TYR A CD2 1 ? 
ATOM   978  C CE1 . TYR A 1 125 ? -0.836  -1.742  -13.217 1.000 44.283  0 121 TYR A CE1 1 ? 
ATOM   979  C CE2 . TYR A 1 125 ? -3.195  -1.407  -13.449 1.000 43.644  0 121 TYR A CE2 1 ? 
ATOM   980  C CZ  . TYR A 1 125 ? -2.111  -2.263  -13.328 1.000 44.167  0 121 TYR A CZ  1 ? 
ATOM   981  O OH  . TYR A 1 125 ? -2.277  -3.617  -13.308 1.000 42.809  0 121 TYR A OH  1 ? 
ATOM   982  N N   . PRO A 1 126 ? -0.839  4.759   -15.776 1.000 60.560  0 122 PRO A N   1 ? 
ATOM   983  C CA  . PRO A 1 126 ? -0.380  6.150   -15.839 1.000 60.644  0 122 PRO A CA  1 ? 
ATOM   984  C C   . PRO A 1 126 ? -1.362  7.158   -15.248 1.000 56.849  0 122 PRO A C   1 ? 
ATOM   985  O O   . PRO A 1 126 ? -2.552  6.885   -15.137 1.000 55.635  0 122 PRO A O   1 ? 
ATOM   986  C CB  . PRO A 1 126 ? -0.198  6.374   -17.347 1.000 62.093  0 122 PRO A CB  1 ? 
ATOM   987  C CG  . PRO A 1 126 ? -1.234  5.467   -17.989 1.000 61.633  0 122 PRO A CG  1 ? 
ATOM   988  C CD  . PRO A 1 126 ? -1.405  4.288   -17.052 1.000 59.130  0 122 PRO A CD  1 ? 
ATOM   989  N N   . ASP A 1 127 ? -0.838  8.325   -14.863 1.000 59.596  0 123 ASP A N   1 ? 
ATOM   990  C CA  . ASP A 1 127 ? -1.652  9.414   -14.348 1.000 64.310  0 123 ASP A CA  1 ? 
ATOM   991  C C   . ASP A 1 127 ? -2.470  10.020  -15.484 1.000 62.783  0 123 ASP A C   1 ? 
ATOM   992  O O   . ASP A 1 127 ? -1.992  10.084  -16.615 1.000 65.785  0 123 ASP A O   1 ? 
ATOM   993  C CB  . ASP A 1 127 ? -0.775  10.486  -13.700 1.000 65.731  0 123 ASP A CB  1 ? 
ATOM   994  C CG  . ASP A 1 127 ? -0.114  10.013  -12.422 1.000 70.733  0 123 ASP A CG  1 ? 
ATOM   995  O OD1 . ASP A 1 127 ? -0.806  9.991   -11.378 1.000 71.833  0 123 ASP A OD1 1 ? 
ATOM   996  O OD2 . ASP A 1 127 ? 1.077   9.647   -12.488 1.000 73.987  0 123 ASP A OD2 1 ? 
ATOM   997  N N   . PRO A 1 128 ? -3.727  10.460  -15.238 1.000 64.521  0 124 PRO A N   1 ? 
ATOM   998  C CA  . PRO A 1 128 ? -4.467  11.243  -16.233 1.000 73.190  0 124 PRO A CA  1 ? 
ATOM   999  C C   . PRO A 1 128 ? -3.697  12.491  -16.664 1.000 80.863  0 124 PRO A C   1 ? 
ATOM   1000 O O   . PRO A 1 128 ? -2.985  13.092  -15.856 1.000 85.321  0 124 PRO A O   1 ? 
ATOM   1001 C CB  . PRO A 1 128 ? -5.776  11.601  -15.510 1.000 70.821  0 124 PRO A CB  1 ? 
ATOM   1002 C CG  . PRO A 1 128 ? -5.944  10.499  -14.476 1.000 68.088  0 124 PRO A CG  1 ? 
ATOM   1003 C CD  . PRO A 1 128 ? -4.530  10.163  -14.039 1.000 65.312  0 124 PRO A CD  1 ? 
ATOM   1004 N N   . LYS A 1 129 ? -3.833  12.856  -17.949 1.000 87.607  0 125 LYS A N   1 ? 
ATOM   1005 C CA  . LYS A 1 129 ? -3.169  14.030  -18.503 1.000 94.232  0 125 LYS A CA  1 ? 
ATOM   1006 C C   . LYS A 1 129 ? -4.075  15.259  -18.324 1.000 91.313  0 125 LYS A C   1 ? 
ATOM   1007 O O   . LYS A 1 129 ? -3.696  16.272  -17.719 1.000 85.225  0 125 LYS A O   1 ? 
ATOM   1008 C CB  . LYS A 1 129 ? -2.809  13.833  -19.981 1.000 97.677  0 125 LYS A CB  1 ? 
ATOM   1009 C CG  . LYS A 1 129 ? -1.967  12.609  -20.324 1.000 94.978  0 125 LYS A CG  1 ? 
ATOM   1010 C CD  . LYS A 1 129 ? -2.803  11.422  -20.764 1.000 90.526  0 125 LYS A CD  1 ? 
ATOM   1011 C CE  . LYS A 1 129 ? -1.983  10.232  -21.219 1.000 90.056  0 125 LYS A CE  1 ? 
ATOM   1012 N NZ  . LYS A 1 129 ? -1.523  9.400   -20.080 1.000 80.794  0 125 LYS A NZ  1 ? 
HETATM 1013 O O   . HOH B 2 .   ? 1.926   5.734   0.484   1.000 38.369  0 201 HOH A O   1 ? 
HETATM 1014 O O   . HOH B 2 .   ? 4.765   -9.571  -8.540  1.000 51.791  0 202 HOH A O   1 ? 
HETATM 1015 O O   . HOH B 2 .   ? 11.348  -3.786  -3.345  1.000 55.721  0 203 HOH A O   1 ? 
HETATM 1016 O O   . HOH B 2 .   ? 11.024  -4.029  16.842  1.000 46.074  0 204 HOH A O   1 ? 
HETATM 1017 O O   . HOH B 2 .   ? -9.739  14.940  2.922   1.000 43.637  0 205 HOH A O   1 ? 
HETATM 1018 O O   . HOH B 2 .   ? 8.874   -2.343  -5.751  1.000 46.001  0 206 HOH A O   1 ? 
HETATM 1019 O O   . HOH B 2 .   ? -9.084  2.744   4.415   1.000 45.768  0 207 HOH A O   1 ? 
HETATM 1020 O O   . HOH B 2 .   ? -13.067 -3.469  4.147   1.000 54.426  0 208 HOH A O   1 ? 
HETATM 1021 O O   . HOH B 2 .   ? -3.655  0.768   -16.802 1.000 30.800  0 209 HOH A O   1 ? 
HETATM 1022 O O   . HOH B 2 .   ? -5.644  -12.223 -12.383 1.000 59.554  0 210 HOH A O   1 ? 
HETATM 1023 O O   . HOH B 2 .   ? -0.187  -1.256  15.359  1.000 51.618  0 211 HOH A O   1 ? 
HETATM 1024 O O   . HOH B 2 .   ? 8.167   -12.350 -3.177  1.000 55.220  0 212 HOH A O   1 ? 
HETATM 1025 O O   . HOH B 2 .   ? 10.985  0.068   9.451   1.000 63.087  0 213 HOH A O   1 ? 
HETATM 1026 O O   . HOH B 2 .   ? -8.346  12.183  1.896   1.000 48.437  0 214 HOH A O   1 ? 
HETATM 1027 O O   . HOH B 2 .   ? -5.982  0.551   -15.620 1.000 29.948  0 215 HOH A O   1 ? 
HETATM 1028 O O   . HOH B 2 .   ? -11.680 -2.250  -7.204  1.000 55.136  0 216 HOH A O   1 ? 
HETATM 1029 O O   . HOH B 2 .   ? -10.323 17.328  -1.859  1.000 60.980  0 217 HOH A O   1 ? 
HETATM 1030 O O   . HOH B 2 .   ? 7.298   -10.306 -7.968  1.000 55.826  0 218 HOH A O   1 ? 
HETATM 1031 O O   . HOH B 2 .   ? 0.483   -4.974  -14.107 1.000 50.227  0 219 HOH A O   1 ? 
HETATM 1032 O O   . HOH B 2 .   ? 6.821   2.824   -14.023 1.000 46.323  0 220 HOH A O   1 ? 
HETATM 1033 O O   . HOH B 2 .   ? 2.314   9.293   -15.320 1.000 37.686  0 221 HOH A O   1 ? 
HETATM 1034 O O   . HOH B 2 .   ? 2.833   10.698  -1.430  1.000 32.525  0 222 HOH A O   1 ? 
HETATM 1035 O O   . HOH B 2 .   ? 4.786   12.855  -3.156  1.000 53.253  0 223 HOH A O   1 ? 
HETATM 1036 O O   . HOH B 2 .   ? -9.295  -9.370  -11.202 1.000 55.730  0 224 HOH A O   1 ? 
HETATM 1037 O O   . HOH B 2 .   ? -11.227 -5.704  -7.370  1.000 47.408  0 225 HOH A O   1 ? 
HETATM 1038 O O   . HOH B 2 .   ? 6.443   -6.117  -10.354 1.000 62.431  0 226 HOH A O   1 ? 
HETATM 1039 O O   . HOH B 2 .   ? -9.902  16.045  6.035   1.000 53.901  0 227 HOH A O   1 ? 
HETATM 1040 O O   . HOH B 2 .   ? -10.129 -1.449  12.933  1.000 40.309  0 228 HOH A O   1 ? 
HETATM 1041 O O   . HOH B 2 .   ? -0.805  -3.971  -16.706 1.000 79.414  0 229 HOH A O   1 ? 
HETATM 1042 O O   . HOH B 2 .   ? -10.155 -5.274  -13.622 0.500 46.061  0 230 HOH A O   1 ? 
HETATM 1043 O O   . HOH B 2 .   ? 14.350  -8.172  14.501  1.000 47.175  0 231 HOH A O   1 ? 
HETATM 1044 O O   . HOH B 2 .   ? 14.533  -6.739  16.920  1.000 40.327  0 232 HOH A O   1 ? 
HETATM 1045 O O   . HOH B 2 .   ? 13.840  12.746  0.948   1.000 44.978  0 233 HOH A O   1 ? 
HETATM 1046 O O   . HOH B 2 .   ? 6.730   4.045   -19.295 1.000 61.468  0 234 HOH A O   1 ? 
HETATM 1047 O O   . HOH B 2 .   ? -14.170 -4.815  12.342  1.000 54.097  0 235 HOH A O   1 ? 
HETATM 1048 O O   . HOH B 2 .   ? 11.094  -14.974 16.562  1.000 52.477  0 236 HOH A O   1 ? 
HETATM 1049 O O   . HOH B 2 .   ? 0.804   -5.371  -18.330 1.000 51.362  0 237 HOH A O   1 ? 
HETATM 1050 O O   . HOH B 2 .   ? 12.218  -3.554  23.315  1.000 77.279  0 238 HOH A O   1 ? 
HETATM 1051 O O   . HOH B 2 .   ? -11.225 16.863  10.503  1.000 55.041  0 239 HOH A O   1 ? 
HETATM 1052 O O   . HOH B 2 .   ? 0.142   27.797  -6.560  1.000 56.750  0 240 HOH A O   1 ? 
HETATM 1053 O O   . HOH B 2 .   ? -1.699  32.014  -3.726  1.000 61.081  0 241 HOH A O   1 ? 
HETATM 1054 O O   . HOH B 2 .   ? 5.384   6.417   -23.906 1.000 60.836  0 242 HOH A O   1 ? 
HETATM 1055 O O   . HOH B 2 .   ? 8.527   2.358   -23.675 1.000 54.186  0 243 HOH A O   1 ? 
HETATM 1056 O O   . HOH B 2 .   ? 14.958  -16.435 -4.703  0.250 94.250  0 244 HOH A O   1 ? 
HETATM 1057 O O   . HOH B 2 .   ? -6.286  23.080  -24.273 1.000 58.630  0 245 HOH A O   1 ? 
HETATM 1058 O O   . HOH B 2 .   ? 4.176   23.172  -21.179 0.500 64.371  0 246 HOH A O   1 ? 
# 
